data_3B33
# 
_entry.id   3B33 
# 
_audit_conform.dict_name       mmcif_pdbx.dic 
_audit_conform.dict_version    5.398 
_audit_conform.dict_location   http://mmcif.pdb.org/dictionaries/ascii/mmcif_pdbx.dic 
# 
loop_
_database_2.database_id 
_database_2.database_code 
_database_2.pdbx_database_accession 
_database_2.pdbx_DOI 
PDB   3B33         pdb_00003b33 10.2210/pdb3b33/pdb 
RCSB  RCSB045017   ?            ?                   
WWPDB D_1000045017 ?            ?                   
# 
loop_
_pdbx_audit_revision_history.ordinal 
_pdbx_audit_revision_history.data_content_type 
_pdbx_audit_revision_history.major_revision 
_pdbx_audit_revision_history.minor_revision 
_pdbx_audit_revision_history.revision_date 
1 'Structure model' 1 0 2007-10-30 
2 'Structure model' 1 1 2011-07-13 
3 'Structure model' 1 2 2017-10-25 
4 'Structure model' 1 3 2024-10-30 
# 
_pdbx_audit_revision_details.ordinal             1 
_pdbx_audit_revision_details.revision_ordinal    1 
_pdbx_audit_revision_details.data_content_type   'Structure model' 
_pdbx_audit_revision_details.provider            repository 
_pdbx_audit_revision_details.type                'Initial release' 
_pdbx_audit_revision_details.description         ? 
_pdbx_audit_revision_details.details             ? 
# 
loop_
_pdbx_audit_revision_group.ordinal 
_pdbx_audit_revision_group.revision_ordinal 
_pdbx_audit_revision_group.data_content_type 
_pdbx_audit_revision_group.group 
1 2 'Structure model' Advisory                    
2 2 'Structure model' 'Version format compliance' 
3 3 'Structure model' 'Refinement description'    
4 4 'Structure model' 'Data collection'           
5 4 'Structure model' 'Database references'       
6 4 'Structure model' 'Derived calculations'      
7 4 'Structure model' 'Structure summary'         
# 
loop_
_pdbx_audit_revision_category.ordinal 
_pdbx_audit_revision_category.revision_ordinal 
_pdbx_audit_revision_category.data_content_type 
_pdbx_audit_revision_category.category 
1 3 'Structure model' software                  
2 4 'Structure model' chem_comp_atom            
3 4 'Structure model' chem_comp_bond            
4 4 'Structure model' database_2                
5 4 'Structure model' pdbx_entry_details        
6 4 'Structure model' pdbx_modification_feature 
7 4 'Structure model' struct_conn               
8 4 'Structure model' struct_ref_seq_dif        
# 
loop_
_pdbx_audit_revision_item.ordinal 
_pdbx_audit_revision_item.revision_ordinal 
_pdbx_audit_revision_item.data_content_type 
_pdbx_audit_revision_item.item 
1  3 'Structure model' '_software.classification'            
2  3 'Structure model' '_software.contact_author'            
3  3 'Structure model' '_software.contact_author_email'      
4  3 'Structure model' '_software.date'                      
5  3 'Structure model' '_software.language'                  
6  3 'Structure model' '_software.location'                  
7  3 'Structure model' '_software.name'                      
8  3 'Structure model' '_software.type'                      
9  3 'Structure model' '_software.version'                   
10 4 'Structure model' '_database_2.pdbx_DOI'                
11 4 'Structure model' '_database_2.pdbx_database_accession' 
12 4 'Structure model' '_struct_conn.pdbx_leaving_atom_flag' 
13 4 'Structure model' '_struct_ref_seq_dif.details'         
# 
_pdbx_database_status.entry_id                        3B33 
_pdbx_database_status.deposit_site                    RCSB 
_pdbx_database_status.process_site                    RCSB 
_pdbx_database_status.recvd_initial_deposition_date   2007-10-19 
_pdbx_database_status.status_code                     REL 
_pdbx_database_status.status_code_sf                  REL 
_pdbx_database_status.status_code_mr                  ? 
_pdbx_database_status.SG_entry                        Y 
_pdbx_database_status.pdb_format_compatible           Y 
_pdbx_database_status.status_code_cs                  ? 
_pdbx_database_status.methods_development_category    ? 
_pdbx_database_status.status_code_nmr_data            ? 
# 
_pdbx_database_related.db_name        TargetDB 
_pdbx_database_related.db_id          APC91440.4 
_pdbx_database_related.details        . 
_pdbx_database_related.content_type   unspecified 
# 
loop_
_audit_author.name 
_audit_author.pdbx_ordinal 
'Osipiuk, J.'                                   1 
'Sather, A.'                                    2 
'Abdullah, J.'                                  3 
'Joachimiak, A.'                                4 
'Midwest Center for Structural Genomics (MCSG)' 5 
# 
_citation.id                        primary 
_citation.title                     
'X-ray structure of PAS domain of nitrogen regulation protein NR(II) from Vibrio parahaemolyticus.' 
_citation.journal_abbrev            'To be Published' 
_citation.journal_volume            ? 
_citation.page_first                ? 
_citation.page_last                 ? 
_citation.year                      ? 
_citation.journal_id_ASTM           ? 
_citation.country                   ? 
_citation.journal_id_ISSN           ? 
_citation.journal_id_CSD            0353 
_citation.book_publisher            ? 
_citation.pdbx_database_id_PubMed   ? 
_citation.pdbx_database_id_DOI      ? 
# 
loop_
_citation_author.citation_id 
_citation_author.name 
_citation_author.ordinal 
_citation_author.identifier_ORCID 
primary 'Osipiuk, J.'    1 ? 
primary 'Sather, A.'     2 ? 
primary 'Abdullah, J.'   3 ? 
primary 'Joachimiak, A.' 4 ? 
# 
loop_
_entity.id 
_entity.type 
_entity.src_method 
_entity.pdbx_description 
_entity.formula_weight 
_entity.pdbx_number_of_molecules 
_entity.pdbx_ec 
_entity.pdbx_mutation 
_entity.pdbx_fragment 
_entity.details 
1 polymer man 'Sensor protein' 12850.979 1  2.7.13.3 ? 'PAS domain: Residues 1-112' ? 
2 water   nat water            18.015    69 ?        ? ?                            ? 
# 
_entity_poly.entity_id                      1 
_entity_poly.type                           'polypeptide(L)' 
_entity_poly.nstd_linkage                   no 
_entity_poly.nstd_monomer                   yes 
_entity_poly.pdbx_seq_one_letter_code       
;SNA(MSE)DTSLPSAILNN(MSE)VTATLILDDGLAIRYANPAAELLFSQSAKRIVEQSLSQLIQHASLDLALLTQPLQS
GQSITDSDVTFVVDGRPL(MSE)LEVTVSPITWQRQL(MSE)LLVE(MSE)RKID
;
_entity_poly.pdbx_seq_one_letter_code_can   
;SNAMDTSLPSAILNNMVTATLILDDGLAIRYANPAAELLFSQSAKRIVEQSLSQLIQHASLDLALLTQPLQSGQSITDSD
VTFVVDGRPLMLEVTVSPITWQRQLMLLVEMRKID
;
_entity_poly.pdbx_strand_id                 A 
_entity_poly.pdbx_target_identifier         APC91440.4 
# 
_pdbx_entity_nonpoly.entity_id   2 
_pdbx_entity_nonpoly.name        water 
_pdbx_entity_nonpoly.comp_id     HOH 
# 
loop_
_entity_poly_seq.entity_id 
_entity_poly_seq.num 
_entity_poly_seq.mon_id 
_entity_poly_seq.hetero 
1 1   SER n 
1 2   ASN n 
1 3   ALA n 
1 4   MSE n 
1 5   ASP n 
1 6   THR n 
1 7   SER n 
1 8   LEU n 
1 9   PRO n 
1 10  SER n 
1 11  ALA n 
1 12  ILE n 
1 13  LEU n 
1 14  ASN n 
1 15  ASN n 
1 16  MSE n 
1 17  VAL n 
1 18  THR n 
1 19  ALA n 
1 20  THR n 
1 21  LEU n 
1 22  ILE n 
1 23  LEU n 
1 24  ASP n 
1 25  ASP n 
1 26  GLY n 
1 27  LEU n 
1 28  ALA n 
1 29  ILE n 
1 30  ARG n 
1 31  TYR n 
1 32  ALA n 
1 33  ASN n 
1 34  PRO n 
1 35  ALA n 
1 36  ALA n 
1 37  GLU n 
1 38  LEU n 
1 39  LEU n 
1 40  PHE n 
1 41  SER n 
1 42  GLN n 
1 43  SER n 
1 44  ALA n 
1 45  LYS n 
1 46  ARG n 
1 47  ILE n 
1 48  VAL n 
1 49  GLU n 
1 50  GLN n 
1 51  SER n 
1 52  LEU n 
1 53  SER n 
1 54  GLN n 
1 55  LEU n 
1 56  ILE n 
1 57  GLN n 
1 58  HIS n 
1 59  ALA n 
1 60  SER n 
1 61  LEU n 
1 62  ASP n 
1 63  LEU n 
1 64  ALA n 
1 65  LEU n 
1 66  LEU n 
1 67  THR n 
1 68  GLN n 
1 69  PRO n 
1 70  LEU n 
1 71  GLN n 
1 72  SER n 
1 73  GLY n 
1 74  GLN n 
1 75  SER n 
1 76  ILE n 
1 77  THR n 
1 78  ASP n 
1 79  SER n 
1 80  ASP n 
1 81  VAL n 
1 82  THR n 
1 83  PHE n 
1 84  VAL n 
1 85  VAL n 
1 86  ASP n 
1 87  GLY n 
1 88  ARG n 
1 89  PRO n 
1 90  LEU n 
1 91  MSE n 
1 92  LEU n 
1 93  GLU n 
1 94  VAL n 
1 95  THR n 
1 96  VAL n 
1 97  SER n 
1 98  PRO n 
1 99  ILE n 
1 100 THR n 
1 101 TRP n 
1 102 GLN n 
1 103 ARG n 
1 104 GLN n 
1 105 LEU n 
1 106 MSE n 
1 107 LEU n 
1 108 LEU n 
1 109 VAL n 
1 110 GLU n 
1 111 MSE n 
1 112 ARG n 
1 113 LYS n 
1 114 ILE n 
1 115 ASP n 
# 
_entity_src_gen.entity_id                          1 
_entity_src_gen.pdbx_src_id                        1 
_entity_src_gen.pdbx_alt_source_flag               sample 
_entity_src_gen.pdbx_seq_type                      ? 
_entity_src_gen.pdbx_beg_seq_num                   ? 
_entity_src_gen.pdbx_end_seq_num                   ? 
_entity_src_gen.gene_src_common_name               ? 
_entity_src_gen.gene_src_genus                     Vibrio 
_entity_src_gen.pdbx_gene_src_gene                 VP0119 
_entity_src_gen.gene_src_species                   'Vibrio parahaemolyticus' 
_entity_src_gen.gene_src_strain                    'RIMD 2210633 / Serotype O3:K6' 
_entity_src_gen.gene_src_tissue                    ? 
_entity_src_gen.gene_src_tissue_fraction           ? 
_entity_src_gen.gene_src_details                   ? 
_entity_src_gen.pdbx_gene_src_fragment             ? 
_entity_src_gen.pdbx_gene_src_scientific_name      'Vibrio parahaemolyticus RIMD 2210633' 
_entity_src_gen.pdbx_gene_src_ncbi_taxonomy_id     223926 
_entity_src_gen.pdbx_gene_src_variant              ? 
_entity_src_gen.pdbx_gene_src_cell_line            ? 
_entity_src_gen.pdbx_gene_src_atcc                 ? 
_entity_src_gen.pdbx_gene_src_organ                ? 
_entity_src_gen.pdbx_gene_src_organelle            ? 
_entity_src_gen.pdbx_gene_src_cell                 ? 
_entity_src_gen.pdbx_gene_src_cellular_location    ? 
_entity_src_gen.host_org_common_name               ? 
_entity_src_gen.pdbx_host_org_scientific_name      'Escherichia coli BL21(DE3)' 
_entity_src_gen.pdbx_host_org_ncbi_taxonomy_id     469008 
_entity_src_gen.host_org_genus                     Escherichia 
_entity_src_gen.pdbx_host_org_gene                 ? 
_entity_src_gen.pdbx_host_org_organ                ? 
_entity_src_gen.host_org_species                   'Escherichia coli' 
_entity_src_gen.pdbx_host_org_tissue               ? 
_entity_src_gen.pdbx_host_org_tissue_fraction      ? 
_entity_src_gen.pdbx_host_org_strain               'BL21(DE3)' 
_entity_src_gen.pdbx_host_org_variant              ? 
_entity_src_gen.pdbx_host_org_cell_line            ? 
_entity_src_gen.pdbx_host_org_atcc                 ? 
_entity_src_gen.pdbx_host_org_culture_collection   ? 
_entity_src_gen.pdbx_host_org_cell                 ? 
_entity_src_gen.pdbx_host_org_organelle            ? 
_entity_src_gen.pdbx_host_org_cellular_location    ? 
_entity_src_gen.pdbx_host_org_vector_type          Plasmid 
_entity_src_gen.pdbx_host_org_vector               ? 
_entity_src_gen.host_org_details                   ? 
_entity_src_gen.expression_system_id               ? 
_entity_src_gen.plasmid_name                       pMCSG7 
_entity_src_gen.plasmid_details                    ? 
_entity_src_gen.pdbx_description                   ? 
# 
loop_
_chem_comp.id 
_chem_comp.type 
_chem_comp.mon_nstd_flag 
_chem_comp.name 
_chem_comp.pdbx_synonyms 
_chem_comp.formula 
_chem_comp.formula_weight 
ALA 'L-peptide linking' y ALANINE          ? 'C3 H7 N O2'     89.093  
ARG 'L-peptide linking' y ARGININE         ? 'C6 H15 N4 O2 1' 175.209 
ASN 'L-peptide linking' y ASPARAGINE       ? 'C4 H8 N2 O3'    132.118 
ASP 'L-peptide linking' y 'ASPARTIC ACID'  ? 'C4 H7 N O4'     133.103 
GLN 'L-peptide linking' y GLUTAMINE        ? 'C5 H10 N2 O3'   146.144 
GLU 'L-peptide linking' y 'GLUTAMIC ACID'  ? 'C5 H9 N O4'     147.129 
GLY 'peptide linking'   y GLYCINE          ? 'C2 H5 N O2'     75.067  
HIS 'L-peptide linking' y HISTIDINE        ? 'C6 H10 N3 O2 1' 156.162 
HOH non-polymer         . WATER            ? 'H2 O'           18.015  
ILE 'L-peptide linking' y ISOLEUCINE       ? 'C6 H13 N O2'    131.173 
LEU 'L-peptide linking' y LEUCINE          ? 'C6 H13 N O2'    131.173 
LYS 'L-peptide linking' y LYSINE           ? 'C6 H15 N2 O2 1' 147.195 
MSE 'L-peptide linking' n SELENOMETHIONINE ? 'C5 H11 N O2 Se' 196.106 
PHE 'L-peptide linking' y PHENYLALANINE    ? 'C9 H11 N O2'    165.189 
PRO 'L-peptide linking' y PROLINE          ? 'C5 H9 N O2'     115.130 
SER 'L-peptide linking' y SERINE           ? 'C3 H7 N O3'     105.093 
THR 'L-peptide linking' y THREONINE        ? 'C4 H9 N O3'     119.119 
TRP 'L-peptide linking' y TRYPTOPHAN       ? 'C11 H12 N2 O2'  204.225 
TYR 'L-peptide linking' y TYROSINE         ? 'C9 H11 N O3'    181.189 
VAL 'L-peptide linking' y VALINE           ? 'C5 H11 N O2'    117.146 
# 
loop_
_pdbx_poly_seq_scheme.asym_id 
_pdbx_poly_seq_scheme.entity_id 
_pdbx_poly_seq_scheme.seq_id 
_pdbx_poly_seq_scheme.mon_id 
_pdbx_poly_seq_scheme.ndb_seq_num 
_pdbx_poly_seq_scheme.pdb_seq_num 
_pdbx_poly_seq_scheme.auth_seq_num 
_pdbx_poly_seq_scheme.pdb_mon_id 
_pdbx_poly_seq_scheme.auth_mon_id 
_pdbx_poly_seq_scheme.pdb_strand_id 
_pdbx_poly_seq_scheme.pdb_ins_code 
_pdbx_poly_seq_scheme.hetero 
A 1 1   SER 1   -2  ?   ?   ?   A . n 
A 1 2   ASN 2   -1  ?   ?   ?   A . n 
A 1 3   ALA 3   0   ?   ?   ?   A . n 
A 1 4   MSE 4   1   ?   ?   ?   A . n 
A 1 5   ASP 5   2   ?   ?   ?   A . n 
A 1 6   THR 6   3   3   THR THR A . n 
A 1 7   SER 7   4   4   SER SER A . n 
A 1 8   LEU 8   5   5   LEU LEU A . n 
A 1 9   PRO 9   6   6   PRO PRO A . n 
A 1 10  SER 10  7   7   SER SER A . n 
A 1 11  ALA 11  8   8   ALA ALA A . n 
A 1 12  ILE 12  9   9   ILE ILE A . n 
A 1 13  LEU 13  10  10  LEU LEU A . n 
A 1 14  ASN 14  11  11  ASN ASN A . n 
A 1 15  ASN 15  12  12  ASN ASN A . n 
A 1 16  MSE 16  13  13  MSE MSE A . n 
A 1 17  VAL 17  14  14  VAL VAL A . n 
A 1 18  THR 18  15  15  THR THR A . n 
A 1 19  ALA 19  16  16  ALA ALA A . n 
A 1 20  THR 20  17  17  THR THR A . n 
A 1 21  LEU 21  18  18  LEU LEU A . n 
A 1 22  ILE 22  19  19  ILE ILE A . n 
A 1 23  LEU 23  20  20  LEU LEU A . n 
A 1 24  ASP 24  21  21  ASP ASP A . n 
A 1 25  ASP 25  22  22  ASP ASP A . n 
A 1 26  GLY 26  23  23  GLY GLY A . n 
A 1 27  LEU 27  24  24  LEU LEU A . n 
A 1 28  ALA 28  25  25  ALA ALA A . n 
A 1 29  ILE 29  26  26  ILE ILE A . n 
A 1 30  ARG 30  27  27  ARG ARG A . n 
A 1 31  TYR 31  28  28  TYR TYR A . n 
A 1 32  ALA 32  29  29  ALA ALA A . n 
A 1 33  ASN 33  30  30  ASN ASN A . n 
A 1 34  PRO 34  31  31  PRO PRO A . n 
A 1 35  ALA 35  32  32  ALA ALA A . n 
A 1 36  ALA 36  33  33  ALA ALA A . n 
A 1 37  GLU 37  34  34  GLU GLU A . n 
A 1 38  LEU 38  35  35  LEU LEU A . n 
A 1 39  LEU 39  36  36  LEU LEU A . n 
A 1 40  PHE 40  37  37  PHE PHE A . n 
A 1 41  SER 41  38  38  SER SER A . n 
A 1 42  GLN 42  39  39  GLN GLN A . n 
A 1 43  SER 43  40  40  SER SER A . n 
A 1 44  ALA 44  41  41  ALA ALA A . n 
A 1 45  LYS 45  42  42  LYS LYS A . n 
A 1 46  ARG 46  43  43  ARG ARG A . n 
A 1 47  ILE 47  44  44  ILE ILE A . n 
A 1 48  VAL 48  45  45  VAL VAL A . n 
A 1 49  GLU 49  46  46  GLU GLU A . n 
A 1 50  GLN 50  47  47  GLN GLN A . n 
A 1 51  SER 51  48  48  SER SER A . n 
A 1 52  LEU 52  49  49  LEU LEU A . n 
A 1 53  SER 53  50  50  SER SER A . n 
A 1 54  GLN 54  51  51  GLN GLN A . n 
A 1 55  LEU 55  52  52  LEU LEU A . n 
A 1 56  ILE 56  53  53  ILE ILE A . n 
A 1 57  GLN 57  54  54  GLN GLN A . n 
A 1 58  HIS 58  55  55  HIS HIS A . n 
A 1 59  ALA 59  56  56  ALA ALA A . n 
A 1 60  SER 60  57  57  SER SER A . n 
A 1 61  LEU 61  58  58  LEU LEU A . n 
A 1 62  ASP 62  59  59  ASP ASP A . n 
A 1 63  LEU 63  60  60  LEU LEU A . n 
A 1 64  ALA 64  61  61  ALA ALA A . n 
A 1 65  LEU 65  62  62  LEU LEU A . n 
A 1 66  LEU 66  63  63  LEU LEU A . n 
A 1 67  THR 67  64  64  THR THR A . n 
A 1 68  GLN 68  65  65  GLN GLN A . n 
A 1 69  PRO 69  66  66  PRO PRO A . n 
A 1 70  LEU 70  67  67  LEU LEU A . n 
A 1 71  GLN 71  68  68  GLN GLN A . n 
A 1 72  SER 72  69  69  SER SER A . n 
A 1 73  GLY 73  70  70  GLY GLY A . n 
A 1 74  GLN 74  71  71  GLN GLN A . n 
A 1 75  SER 75  72  72  SER SER A . n 
A 1 76  ILE 76  73  73  ILE ILE A . n 
A 1 77  THR 77  74  74  THR THR A . n 
A 1 78  ASP 78  75  75  ASP ASP A . n 
A 1 79  SER 79  76  76  SER SER A . n 
A 1 80  ASP 80  77  77  ASP ASP A . n 
A 1 81  VAL 81  78  78  VAL VAL A . n 
A 1 82  THR 82  79  79  THR THR A . n 
A 1 83  PHE 83  80  80  PHE PHE A . n 
A 1 84  VAL 84  81  81  VAL VAL A . n 
A 1 85  VAL 85  82  82  VAL VAL A . n 
A 1 86  ASP 86  83  83  ASP ASP A . n 
A 1 87  GLY 87  84  84  GLY GLY A . n 
A 1 88  ARG 88  85  85  ARG ARG A . n 
A 1 89  PRO 89  86  86  PRO PRO A . n 
A 1 90  LEU 90  87  87  LEU LEU A . n 
A 1 91  MSE 91  88  88  MSE MSE A . n 
A 1 92  LEU 92  89  89  LEU LEU A . n 
A 1 93  GLU 93  90  90  GLU GLU A . n 
A 1 94  VAL 94  91  91  VAL VAL A . n 
A 1 95  THR 95  92  92  THR THR A . n 
A 1 96  VAL 96  93  93  VAL VAL A . n 
A 1 97  SER 97  94  94  SER SER A . n 
A 1 98  PRO 98  95  95  PRO PRO A . n 
A 1 99  ILE 99  96  96  ILE ILE A . n 
A 1 100 THR 100 97  97  THR THR A . n 
A 1 101 TRP 101 98  98  TRP TRP A . n 
A 1 102 GLN 102 99  99  GLN GLN A . n 
A 1 103 ARG 103 100 100 ARG ARG A . n 
A 1 104 GLN 104 101 101 GLN GLN A . n 
A 1 105 LEU 105 102 102 LEU LEU A . n 
A 1 106 MSE 106 103 103 MSE MSE A . n 
A 1 107 LEU 107 104 104 LEU LEU A . n 
A 1 108 LEU 108 105 105 LEU LEU A . n 
A 1 109 VAL 109 106 106 VAL VAL A . n 
A 1 110 GLU 110 107 107 GLU GLU A . n 
A 1 111 MSE 111 108 108 MSE MSE A . n 
A 1 112 ARG 112 109 109 ARG ARG A . n 
A 1 113 LYS 113 110 110 LYS LYS A . n 
A 1 114 ILE 114 111 111 ILE ILE A . n 
A 1 115 ASP 115 112 ?   ?   ?   A . n 
# 
loop_
_pdbx_nonpoly_scheme.asym_id 
_pdbx_nonpoly_scheme.entity_id 
_pdbx_nonpoly_scheme.mon_id 
_pdbx_nonpoly_scheme.ndb_seq_num 
_pdbx_nonpoly_scheme.pdb_seq_num 
_pdbx_nonpoly_scheme.auth_seq_num 
_pdbx_nonpoly_scheme.pdb_mon_id 
_pdbx_nonpoly_scheme.auth_mon_id 
_pdbx_nonpoly_scheme.pdb_strand_id 
_pdbx_nonpoly_scheme.pdb_ins_code 
B 2 HOH 1  113 1  HOH HOH A . 
B 2 HOH 2  114 2  HOH HOH A . 
B 2 HOH 3  115 3  HOH HOH A . 
B 2 HOH 4  116 4  HOH HOH A . 
B 2 HOH 5  117 5  HOH HOH A . 
B 2 HOH 6  118 6  HOH HOH A . 
B 2 HOH 7  119 7  HOH HOH A . 
B 2 HOH 8  120 8  HOH HOH A . 
B 2 HOH 9  121 9  HOH HOH A . 
B 2 HOH 10 122 10 HOH HOH A . 
B 2 HOH 11 123 11 HOH HOH A . 
B 2 HOH 12 124 12 HOH HOH A . 
B 2 HOH 13 125 13 HOH HOH A . 
B 2 HOH 14 126 14 HOH HOH A . 
B 2 HOH 15 127 15 HOH HOH A . 
B 2 HOH 16 128 16 HOH HOH A . 
B 2 HOH 17 129 17 HOH HOH A . 
B 2 HOH 18 130 18 HOH HOH A . 
B 2 HOH 19 131 19 HOH HOH A . 
B 2 HOH 20 132 20 HOH HOH A . 
B 2 HOH 21 133 21 HOH HOH A . 
B 2 HOH 22 134 22 HOH HOH A . 
B 2 HOH 23 135 23 HOH HOH A . 
B 2 HOH 24 136 24 HOH HOH A . 
B 2 HOH 25 137 25 HOH HOH A . 
B 2 HOH 26 138 26 HOH HOH A . 
B 2 HOH 27 139 27 HOH HOH A . 
B 2 HOH 28 140 28 HOH HOH A . 
B 2 HOH 29 141 29 HOH HOH A . 
B 2 HOH 30 142 30 HOH HOH A . 
B 2 HOH 31 143 31 HOH HOH A . 
B 2 HOH 32 144 32 HOH HOH A . 
B 2 HOH 33 145 33 HOH HOH A . 
B 2 HOH 34 146 34 HOH HOH A . 
B 2 HOH 35 147 35 HOH HOH A . 
B 2 HOH 36 148 36 HOH HOH A . 
B 2 HOH 37 149 37 HOH HOH A . 
B 2 HOH 38 150 38 HOH HOH A . 
B 2 HOH 39 151 39 HOH HOH A . 
B 2 HOH 40 152 40 HOH HOH A . 
B 2 HOH 41 153 41 HOH HOH A . 
B 2 HOH 42 154 42 HOH HOH A . 
B 2 HOH 43 155 43 HOH HOH A . 
B 2 HOH 44 156 44 HOH HOH A . 
B 2 HOH 45 157 45 HOH HOH A . 
B 2 HOH 46 158 46 HOH HOH A . 
B 2 HOH 47 159 47 HOH HOH A . 
B 2 HOH 48 160 48 HOH HOH A . 
B 2 HOH 49 161 49 HOH HOH A . 
B 2 HOH 50 162 50 HOH HOH A . 
B 2 HOH 51 163 51 HOH HOH A . 
B 2 HOH 52 164 52 HOH HOH A . 
B 2 HOH 53 165 53 HOH HOH A . 
B 2 HOH 54 166 54 HOH HOH A . 
B 2 HOH 55 167 55 HOH HOH A . 
B 2 HOH 56 168 56 HOH HOH A . 
B 2 HOH 57 169 57 HOH HOH A . 
B 2 HOH 58 170 58 HOH HOH A . 
B 2 HOH 59 171 59 HOH HOH A . 
B 2 HOH 60 172 60 HOH HOH A . 
B 2 HOH 61 173 61 HOH HOH A . 
B 2 HOH 62 174 62 HOH HOH A . 
B 2 HOH 63 175 63 HOH HOH A . 
B 2 HOH 64 176 64 HOH HOH A . 
B 2 HOH 65 177 65 HOH HOH A . 
B 2 HOH 66 178 66 HOH HOH A . 
B 2 HOH 67 179 67 HOH HOH A . 
B 2 HOH 68 180 68 HOH HOH A . 
B 2 HOH 69 181 69 HOH HOH A . 
# 
loop_
_software.name 
_software.version 
_software.date 
_software.type 
_software.contact_author 
_software.contact_author_email 
_software.classification 
_software.location 
_software.language 
_software.citation_id 
_software.pdbx_ordinal 
DENZO       .     ?              package 'Zbyszek Otwinowski' zbyszek@mix.swmed.edu    'data reduction'  
http://www.lnls.br/infra/linhasluz/denzo-hkl.htm ?          ? 1  
SCALEPACK   .     ?              package 'Zbyszek Otwinowski' zbyszek@mix.swmed.edu    'data scaling'    
http://www.lnls.br/infra/linhasluz/denzo-hkl.htm ?          ? 2  
REFMAC      .     ?              program 'Murshudov, G.N.'    ccp4@dl.ac.uk            refinement        
http://www.ccp4.ac.uk/main.html                  Fortran_77 ? 3  
PDB_EXTRACT 3.000 'July 2, 2007' package PDB                  sw-help@rcsb.rutgers.edu 'data extraction' 
http://pdb.rutgers.edu/software/                 C++        ? 4  
SBC-Collect .     ?              ?       ?                    ?                        'data collection' ? ?          ? 5  
HKL-3000    .     ?              ?       ?                    ?                        'data reduction'  ? ?          ? 6  
SHELXD      .     ?              ?       ?                    ?                        phasing           ? ?          ? 7  
MLPHARE     .     ?              ?       ?                    ?                        phasing           ? ?          ? 8  
DM          .     ?              ?       ?                    ?                        phasing           ? ?          ? 9  
SOLVE       .     ?              ?       ?                    ?                        phasing           ? ?          ? 10 
RESOLVE     .     ?              ?       ?                    ?                        phasing           ? ?          ? 11 
HKL-3000    .     ?              ?       ?                    ?                        phasing           ? ?          ? 12 
# 
_cell.length_a           81.115 
_cell.length_b           81.115 
_cell.length_c           67.467 
_cell.angle_alpha        90.000 
_cell.angle_beta         90.000 
_cell.angle_gamma        120.000 
_cell.entry_id           3B33 
_cell.pdbx_unique_axis   ? 
_cell.Z_PDB              12 
_cell.length_a_esd       ? 
_cell.length_b_esd       ? 
_cell.length_c_esd       ? 
_cell.angle_alpha_esd    ? 
_cell.angle_beta_esd     ? 
_cell.angle_gamma_esd    ? 
# 
_symmetry.space_group_name_H-M             'P 63 2 2' 
_symmetry.entry_id                         3B33 
_symmetry.Int_Tables_number                182 
_symmetry.pdbx_full_space_group_name_H-M   ? 
_symmetry.cell_setting                     ? 
_symmetry.space_group_name_Hall            ? 
# 
_exptl.crystals_number   1 
_exptl.entry_id          3B33 
_exptl.method            'X-RAY DIFFRACTION' 
# 
_exptl_crystal.id                    1 
_exptl_crystal.density_Matthews      2.49 
_exptl_crystal.density_meas          ? 
_exptl_crystal.density_percent_sol   50.66 
_exptl_crystal.description           ? 
_exptl_crystal.F_000                 ? 
_exptl_crystal.preparation           ? 
# 
_exptl_crystal_grow.crystal_id      1 
_exptl_crystal_grow.method          'VAPOR DIFFUSION, SITTING DROP' 
_exptl_crystal_grow.pH              4.5 
_exptl_crystal_grow.temp            289 
_exptl_crystal_grow.pdbx_details    
'0.1 M Sodium acetate, 3 M Sodium chloride, pH 4.5, VAPOR DIFFUSION, SITTING DROP, temperature 289K' 
_exptl_crystal_grow.temp_details    ? 
_exptl_crystal_grow.pdbx_pH_range   . 
# 
_diffrn.id                     1 
_diffrn.ambient_temp           100 
_diffrn.ambient_temp_details   ? 
_diffrn.crystal_id             1 
# 
_diffrn_detector.diffrn_id              1 
_diffrn_detector.detector               CCD 
_diffrn_detector.type                   'ADSC QUANTUM 315' 
_diffrn_detector.pdbx_collection_date   2007-10-05 
_diffrn_detector.details                ? 
# 
_diffrn_radiation.diffrn_id                        1 
_diffrn_radiation.pdbx_diffrn_protocol             'SINGLE WAVELENGTH' 
_diffrn_radiation.monochromator                    'Double crystal' 
_diffrn_radiation.wavelength_id                    1 
_diffrn_radiation.pdbx_monochromatic_or_laue_m_l   M 
_diffrn_radiation.pdbx_scattering_type             x-ray 
# 
_diffrn_radiation_wavelength.id           1 
_diffrn_radiation_wavelength.wavelength   0.97920 
_diffrn_radiation_wavelength.wt           1.0 
# 
_diffrn_source.diffrn_id                   1 
_diffrn_source.source                      SYNCHROTRON 
_diffrn_source.type                        'APS BEAMLINE 19-ID' 
_diffrn_source.pdbx_wavelength_list        0.97920 
_diffrn_source.pdbx_wavelength             ? 
_diffrn_source.pdbx_synchrotron_site       APS 
_diffrn_source.pdbx_synchrotron_beamline   19-ID 
# 
_reflns.entry_id                     3B33 
_reflns.d_resolution_high            1.830 
_reflns.d_resolution_low             35.12 
_reflns.number_obs                   11960 
_reflns.pdbx_Rmerge_I_obs            0.072 
_reflns.pdbx_netI_over_sigmaI        11.300 
_reflns.pdbx_chi_squared             1.558 
_reflns.pdbx_redundancy              18.300 
_reflns.percent_possible_obs         98.800 
_reflns.observed_criterion_sigma_F   0 
_reflns.observed_criterion_sigma_I   0 
_reflns.number_all                   11960 
_reflns.pdbx_Rsym_value              ? 
_reflns.B_iso_Wilson_estimate        40.5 
_reflns.R_free_details               ? 
_reflns.limit_h_max                  ? 
_reflns.limit_h_min                  ? 
_reflns.limit_k_max                  ? 
_reflns.limit_k_min                  ? 
_reflns.limit_l_max                  ? 
_reflns.limit_l_min                  ? 
_reflns.observed_criterion_F_max     ? 
_reflns.observed_criterion_F_min     ? 
_reflns.pdbx_scaling_rejects         ? 
_reflns.pdbx_ordinal                 1 
_reflns.pdbx_diffrn_id               1 
# 
_reflns_shell.d_res_high             1.83 
_reflns_shell.d_res_low              1.88 
_reflns_shell.number_measured_obs    ? 
_reflns_shell.number_measured_all    ? 
_reflns_shell.number_unique_obs      ? 
_reflns_shell.Rmerge_I_obs           0.610 
_reflns_shell.meanI_over_sigI_obs    2.18 
_reflns_shell.pdbx_Rsym_value        ? 
_reflns_shell.pdbx_chi_squared       0.787 
_reflns_shell.pdbx_redundancy        6.10 
_reflns_shell.percent_possible_obs   ? 
_reflns_shell.number_unique_all      872 
_reflns_shell.percent_possible_all   88.80 
_reflns_shell.pdbx_ordinal           1 
_reflns_shell.pdbx_diffrn_id         1 
# 
_refine.entry_id                                 3B33 
_refine.ls_d_res_high                            1.830 
_refine.ls_d_res_low                             35.12 
_refine.pdbx_ls_sigma_F                          0.00 
_refine.ls_percent_reflns_obs                    98.770 
_refine.ls_number_reflns_obs                     11938 
_refine.pdbx_ls_cross_valid_method               THROUGHOUT 
_refine.pdbx_R_Free_selection_details            RANDOM 
_refine.details                                  'HYDROGENS HAVE BEEN ADDED IN THE RIDING POSITIONS' 
_refine.ls_R_factor_obs                          0.1843 
_refine.ls_R_factor_R_work                       0.1837 
_refine.ls_R_factor_R_free                       0.1958 
_refine.ls_percent_reflns_R_free                 4.700 
_refine.ls_number_reflns_R_free                  566 
_refine.B_iso_mean                               33.354 
_refine.aniso_B[1][1]                            0.070 
_refine.aniso_B[2][2]                            0.070 
_refine.aniso_B[3][3]                            -0.100 
_refine.aniso_B[1][2]                            0.030 
_refine.aniso_B[1][3]                            0.000 
_refine.aniso_B[2][3]                            0.000 
_refine.correlation_coeff_Fo_to_Fc               0.965 
_refine.correlation_coeff_Fo_to_Fc_free          0.969 
_refine.pdbx_overall_ESU_R                       0.124 
_refine.pdbx_overall_ESU_R_Free                  0.107 
_refine.overall_SU_ML                            0.086 
_refine.overall_SU_B                             5.830 
_refine.solvent_model_details                    MASK 
_refine.pdbx_solvent_vdw_probe_radii             1.200 
_refine.pdbx_solvent_ion_probe_radii             0.800 
_refine.pdbx_solvent_shrinkage_radii             0.800 
_refine.pdbx_method_to_determine_struct          ? 
_refine.pdbx_stereochemistry_target_values       'MAXIMUM LIKELIHOOD' 
_refine.pdbx_ls_sigma_I                          0 
_refine.ls_number_reflns_all                     11938 
_refine.ls_R_factor_all                          0.1843 
_refine.ls_redundancy_reflns_obs                 ? 
_refine.pdbx_data_cutoff_high_absF               ? 
_refine.pdbx_data_cutoff_low_absF                ? 
_refine.ls_number_parameters                     ? 
_refine.ls_number_restraints                     ? 
_refine.ls_R_factor_R_free_error                 ? 
_refine.ls_R_factor_R_free_error_details         ? 
_refine.pdbx_starting_model                      ? 
_refine.pdbx_stereochem_target_val_spec_case     ? 
_refine.solvent_model_param_bsol                 ? 
_refine.solvent_model_param_ksol                 ? 
_refine.occupancy_max                            ? 
_refine.occupancy_min                            ? 
_refine.pdbx_isotropic_thermal_model             ? 
_refine.B_iso_min                                ? 
_refine.B_iso_max                                ? 
_refine.overall_SU_R_Cruickshank_DPI             ? 
_refine.overall_SU_R_free                        ? 
_refine.pdbx_data_cutoff_high_rms_absF           ? 
_refine.ls_wR_factor_R_free                      ? 
_refine.ls_wR_factor_R_work                      ? 
_refine.overall_FOM_free_R_set                   ? 
_refine.overall_FOM_work_R_set                   ? 
_refine.pdbx_refine_id                           'X-RAY DIFFRACTION' 
_refine.pdbx_TLS_residual_ADP_flag               'LIKELY RESIDUAL' 
_refine.pdbx_diffrn_id                           1 
_refine.pdbx_overall_phase_error                 ? 
_refine.pdbx_overall_SU_R_free_Cruickshank_DPI   ? 
_refine.pdbx_overall_SU_R_Blow_DPI               ? 
_refine.pdbx_overall_SU_R_free_Blow_DPI          ? 
# 
_refine_hist.pdbx_refine_id                   'X-RAY DIFFRACTION' 
_refine_hist.cycle_id                         LAST 
_refine_hist.pdbx_number_atoms_protein        838 
_refine_hist.pdbx_number_atoms_nucleic_acid   0 
_refine_hist.pdbx_number_atoms_ligand         0 
_refine_hist.number_atoms_solvent             69 
_refine_hist.number_atoms_total               907 
_refine_hist.d_res_high                       1.830 
_refine_hist.d_res_low                        35.12 
# 
loop_
_refine_ls_restr.type 
_refine_ls_restr.number 
_refine_ls_restr.dev_ideal 
_refine_ls_restr.dev_ideal_target 
_refine_ls_restr.weight 
_refine_ls_restr.pdbx_refine_id 
_refine_ls_restr.pdbx_restraint_function 
r_bond_refined_d         936  0.016  0.022  ? 'X-RAY DIFFRACTION' ? 
r_angle_refined_deg      1300 1.780  2.003  ? 'X-RAY DIFFRACTION' ? 
r_dihedral_angle_1_deg   135  6.496  5.000  ? 'X-RAY DIFFRACTION' ? 
r_dihedral_angle_2_deg   36   44.231 25.278 ? 'X-RAY DIFFRACTION' ? 
r_dihedral_angle_3_deg   182  17.216 15.000 ? 'X-RAY DIFFRACTION' ? 
r_dihedral_angle_4_deg   6    19.435 15.000 ? 'X-RAY DIFFRACTION' ? 
r_chiral_restr           172  0.136  0.200  ? 'X-RAY DIFFRACTION' ? 
r_gen_planes_refined     680  0.007  0.020  ? 'X-RAY DIFFRACTION' ? 
r_nbd_refined            421  0.224  0.200  ? 'X-RAY DIFFRACTION' ? 
r_nbtor_refined          663  0.306  0.200  ? 'X-RAY DIFFRACTION' ? 
r_xyhbond_nbd_refined    65   0.193  0.200  ? 'X-RAY DIFFRACTION' ? 
r_symmetry_vdw_refined   62   0.290  0.200  ? 'X-RAY DIFFRACTION' ? 
r_symmetry_hbond_refined 8    0.101  0.200  ? 'X-RAY DIFFRACTION' ? 
r_mcbond_it              608  1.194  1.500  ? 'X-RAY DIFFRACTION' ? 
r_mcangle_it             985  1.974  2.000  ? 'X-RAY DIFFRACTION' ? 
r_scbond_it              357  2.279  3.000  ? 'X-RAY DIFFRACTION' ? 
r_scangle_it             300  3.449  4.500  ? 'X-RAY DIFFRACTION' ? 
# 
_refine_ls_shell.d_res_high                       1.83 
_refine_ls_shell.d_res_low                        1.88 
_refine_ls_shell.pdbx_total_number_of_bins_used   20 
_refine_ls_shell.percent_reflns_obs               87.660 
_refine_ls_shell.number_reflns_R_work             727 
_refine_ls_shell.R_factor_all                     ? 
_refine_ls_shell.R_factor_R_work                  0.269 
_refine_ls_shell.R_factor_R_free                  0.333 
_refine_ls_shell.percent_reflns_R_free            ? 
_refine_ls_shell.number_reflns_R_free             40 
_refine_ls_shell.R_factor_R_free_error            ? 
_refine_ls_shell.number_reflns_all                767 
_refine_ls_shell.number_reflns_obs                767 
_refine_ls_shell.redundancy_reflns_obs            ? 
_refine_ls_shell.pdbx_refine_id                   'X-RAY DIFFRACTION' 
# 
_struct.entry_id                  3B33 
_struct.title                     
'Crystal structure of the PAS domain of nitrogen regulation protein NR(II) from Vibrio parahaemolyticus' 
_struct.pdbx_model_details        ? 
_struct.pdbx_CASP_flag            ? 
_struct.pdbx_model_type_details   ? 
# 
_struct_keywords.entry_id        3B33 
_struct_keywords.text            
;structural genomics, PAS domain, nitrogen regulation protein, APC91440.4, PSI-2, Protein Structure Initiative, Midwest Center for Structural Genomics, MCSG, Kinase, Phosphorylation, Transferase
;
_struct_keywords.pdbx_keywords   TRANSFERASE 
# 
loop_
_struct_asym.id 
_struct_asym.pdbx_blank_PDB_chainid_flag 
_struct_asym.pdbx_modified 
_struct_asym.entity_id 
_struct_asym.details 
A N N 1 ? 
B N N 2 ? 
# 
_struct_ref.id                         1 
_struct_ref.db_name                    UNP 
_struct_ref.db_code                    Q87TF0_VIBPA 
_struct_ref.pdbx_db_accession          Q87TF0 
_struct_ref.entity_id                  1 
_struct_ref.pdbx_seq_one_letter_code   
;MDTSLPSAILNNMVTATLILDDGLAIRYANPAAELLFSQSAKRIVEQSLSQLIQHASLDLALLTQPLQSGQSITDSDVTF
VVDGRPLMLEVTVSPITWQRQLMLLVEMRKID
;
_struct_ref.pdbx_align_begin           1 
_struct_ref.pdbx_db_isoform            ? 
# 
_struct_ref_seq.align_id                      1 
_struct_ref_seq.ref_id                        1 
_struct_ref_seq.pdbx_PDB_id_code              3B33 
_struct_ref_seq.pdbx_strand_id                A 
_struct_ref_seq.seq_align_beg                 4 
_struct_ref_seq.pdbx_seq_align_beg_ins_code   ? 
_struct_ref_seq.seq_align_end                 115 
_struct_ref_seq.pdbx_seq_align_end_ins_code   ? 
_struct_ref_seq.pdbx_db_accession             Q87TF0 
_struct_ref_seq.db_align_beg                  1 
_struct_ref_seq.pdbx_db_align_beg_ins_code    ? 
_struct_ref_seq.db_align_end                  112 
_struct_ref_seq.pdbx_db_align_end_ins_code    ? 
_struct_ref_seq.pdbx_auth_seq_align_beg       1 
_struct_ref_seq.pdbx_auth_seq_align_end       112 
# 
loop_
_struct_ref_seq_dif.align_id 
_struct_ref_seq_dif.pdbx_pdb_id_code 
_struct_ref_seq_dif.mon_id 
_struct_ref_seq_dif.pdbx_pdb_strand_id 
_struct_ref_seq_dif.seq_num 
_struct_ref_seq_dif.pdbx_pdb_ins_code 
_struct_ref_seq_dif.pdbx_seq_db_name 
_struct_ref_seq_dif.pdbx_seq_db_accession_code 
_struct_ref_seq_dif.db_mon_id 
_struct_ref_seq_dif.pdbx_seq_db_seq_num 
_struct_ref_seq_dif.details 
_struct_ref_seq_dif.pdbx_auth_seq_num 
_struct_ref_seq_dif.pdbx_ordinal 
1 3B33 SER A 1 ? UNP Q87TF0 ? ? 'expression tag' -2 1 
1 3B33 ASN A 2 ? UNP Q87TF0 ? ? 'expression tag' -1 2 
1 3B33 ALA A 3 ? UNP Q87TF0 ? ? 'expression tag' 0  3 
# 
_pdbx_struct_assembly.id                   1 
_pdbx_struct_assembly.details              software_defined_assembly 
_pdbx_struct_assembly.method_details       PISA 
_pdbx_struct_assembly.oligomeric_details   dimeric 
_pdbx_struct_assembly.oligomeric_count     2 
# 
_pdbx_struct_assembly_prop.biol_id   1 
_pdbx_struct_assembly_prop.type      'ABSA (A^2)' 
_pdbx_struct_assembly_prop.value     2150 
_pdbx_struct_assembly_prop.details   ? 
# 
_pdbx_struct_assembly_gen.assembly_id       1 
_pdbx_struct_assembly_gen.oper_expression   1,2 
_pdbx_struct_assembly_gen.asym_id_list      A,B 
# 
loop_
_pdbx_struct_oper_list.id 
_pdbx_struct_oper_list.type 
_pdbx_struct_oper_list.name 
_pdbx_struct_oper_list.symmetry_operation 
_pdbx_struct_oper_list.matrix[1][1] 
_pdbx_struct_oper_list.matrix[1][2] 
_pdbx_struct_oper_list.matrix[1][3] 
_pdbx_struct_oper_list.vector[1] 
_pdbx_struct_oper_list.matrix[2][1] 
_pdbx_struct_oper_list.matrix[2][2] 
_pdbx_struct_oper_list.matrix[2][3] 
_pdbx_struct_oper_list.vector[2] 
_pdbx_struct_oper_list.matrix[3][1] 
_pdbx_struct_oper_list.matrix[3][2] 
_pdbx_struct_oper_list.matrix[3][3] 
_pdbx_struct_oper_list.vector[3] 
1 'identity operation'         1_555 x,y,z  1.0000000000  0.0000000000 0.0000000000 0.0000000000  0.0000000000 1.0000000000 0.0000000000 0.0000000000 0.0000000000 0.0000000000 1.0000000000  0.0000000000   
2 'crystal symmetry operation' 7_555 y,x,-z -0.6453817639 0.7626788608 0.0424656817 -1.6443031630 0.7626788608 0.6402964808 0.0913311117 1.9743749615 0.0424656817 0.0913311117 -0.9949147169 -21.7284669232 
# 
_struct_biol.id        1 
_struct_biol.details   'Authors state that the biological unit of this protein is unknown.' 
# 
loop_
_struct_conf.conf_type_id 
_struct_conf.id 
_struct_conf.pdbx_PDB_helix_id 
_struct_conf.beg_label_comp_id 
_struct_conf.beg_label_asym_id 
_struct_conf.beg_label_seq_id 
_struct_conf.pdbx_beg_PDB_ins_code 
_struct_conf.end_label_comp_id 
_struct_conf.end_label_asym_id 
_struct_conf.end_label_seq_id 
_struct_conf.pdbx_end_PDB_ins_code 
_struct_conf.beg_auth_comp_id 
_struct_conf.beg_auth_asym_id 
_struct_conf.beg_auth_seq_id 
_struct_conf.end_auth_comp_id 
_struct_conf.end_auth_asym_id 
_struct_conf.end_auth_seq_id 
_struct_conf.pdbx_PDB_helix_class 
_struct_conf.details 
_struct_conf.pdbx_PDB_helix_length 
HELX_P HELX_P1 1 SER A 7  ? MSE A 16 ? SER A 4  MSE A 13 1 ? 10 
HELX_P HELX_P2 2 ASN A 33 ? PHE A 40 ? ASN A 30 PHE A 37 1 ? 8  
HELX_P HELX_P3 3 SER A 43 ? VAL A 48 ? SER A 40 VAL A 45 1 ? 6  
HELX_P HELX_P4 4 SER A 51 ? ILE A 56 ? SER A 48 ILE A 53 1 ? 6  
HELX_P HELX_P5 5 LEU A 63 ? GLY A 73 ? LEU A 60 GLY A 70 1 ? 11 
# 
_struct_conf_type.id          HELX_P 
_struct_conf_type.criteria    ? 
_struct_conf_type.reference   ? 
# 
loop_
_struct_conn.id 
_struct_conn.conn_type_id 
_struct_conn.pdbx_leaving_atom_flag 
_struct_conn.pdbx_PDB_id 
_struct_conn.ptnr1_label_asym_id 
_struct_conn.ptnr1_label_comp_id 
_struct_conn.ptnr1_label_seq_id 
_struct_conn.ptnr1_label_atom_id 
_struct_conn.pdbx_ptnr1_label_alt_id 
_struct_conn.pdbx_ptnr1_PDB_ins_code 
_struct_conn.pdbx_ptnr1_standard_comp_id 
_struct_conn.ptnr1_symmetry 
_struct_conn.ptnr2_label_asym_id 
_struct_conn.ptnr2_label_comp_id 
_struct_conn.ptnr2_label_seq_id 
_struct_conn.ptnr2_label_atom_id 
_struct_conn.pdbx_ptnr2_label_alt_id 
_struct_conn.pdbx_ptnr2_PDB_ins_code 
_struct_conn.ptnr1_auth_asym_id 
_struct_conn.ptnr1_auth_comp_id 
_struct_conn.ptnr1_auth_seq_id 
_struct_conn.ptnr2_auth_asym_id 
_struct_conn.ptnr2_auth_comp_id 
_struct_conn.ptnr2_auth_seq_id 
_struct_conn.ptnr2_symmetry 
_struct_conn.pdbx_ptnr3_label_atom_id 
_struct_conn.pdbx_ptnr3_label_seq_id 
_struct_conn.pdbx_ptnr3_label_comp_id 
_struct_conn.pdbx_ptnr3_label_asym_id 
_struct_conn.pdbx_ptnr3_label_alt_id 
_struct_conn.pdbx_ptnr3_PDB_ins_code 
_struct_conn.details 
_struct_conn.pdbx_dist_value 
_struct_conn.pdbx_value_order 
_struct_conn.pdbx_role 
covale1 covale both ? A ASN 15  C ? ? ? 1_555 A MSE 16  N ? ? A ASN 12  A MSE 13  1_555 ? ? ? ? ? ? ? 1.313 ? ? 
covale2 covale both ? A MSE 16  C ? ? ? 1_555 A VAL 17  N ? ? A MSE 13  A VAL 14  1_555 ? ? ? ? ? ? ? 1.330 ? ? 
covale3 covale both ? A LEU 90  C ? ? ? 1_555 A MSE 91  N ? ? A LEU 87  A MSE 88  1_555 ? ? ? ? ? ? ? 1.326 ? ? 
covale4 covale both ? A MSE 91  C ? ? ? 1_555 A LEU 92  N ? ? A MSE 88  A LEU 89  1_555 ? ? ? ? ? ? ? 1.339 ? ? 
covale5 covale both ? A LEU 105 C ? ? ? 1_555 A MSE 106 N ? ? A LEU 102 A MSE 103 1_555 ? ? ? ? ? ? ? 1.330 ? ? 
covale6 covale both ? A MSE 106 C ? ? ? 1_555 A LEU 107 N ? ? A MSE 103 A LEU 104 1_555 ? ? ? ? ? ? ? 1.324 ? ? 
covale7 covale both ? A GLU 110 C ? ? ? 1_555 A MSE 111 N ? ? A GLU 107 A MSE 108 1_555 ? ? ? ? ? ? ? 1.337 ? ? 
covale8 covale both ? A MSE 111 C ? ? ? 1_555 A ARG 112 N ? ? A MSE 108 A ARG 109 1_555 ? ? ? ? ? ? ? 1.337 ? ? 
# 
_struct_conn_type.id          covale 
_struct_conn_type.criteria    ? 
_struct_conn_type.reference   ? 
# 
loop_
_pdbx_modification_feature.ordinal 
_pdbx_modification_feature.label_comp_id 
_pdbx_modification_feature.label_asym_id 
_pdbx_modification_feature.label_seq_id 
_pdbx_modification_feature.label_alt_id 
_pdbx_modification_feature.modified_residue_label_comp_id 
_pdbx_modification_feature.modified_residue_label_asym_id 
_pdbx_modification_feature.modified_residue_label_seq_id 
_pdbx_modification_feature.modified_residue_label_alt_id 
_pdbx_modification_feature.auth_comp_id 
_pdbx_modification_feature.auth_asym_id 
_pdbx_modification_feature.auth_seq_id 
_pdbx_modification_feature.PDB_ins_code 
_pdbx_modification_feature.symmetry 
_pdbx_modification_feature.modified_residue_auth_comp_id 
_pdbx_modification_feature.modified_residue_auth_asym_id 
_pdbx_modification_feature.modified_residue_auth_seq_id 
_pdbx_modification_feature.modified_residue_PDB_ins_code 
_pdbx_modification_feature.modified_residue_symmetry 
_pdbx_modification_feature.comp_id_linking_atom 
_pdbx_modification_feature.modified_residue_id_linking_atom 
_pdbx_modification_feature.modified_residue_id 
_pdbx_modification_feature.ref_pcm_id 
_pdbx_modification_feature.ref_comp_id 
_pdbx_modification_feature.type 
_pdbx_modification_feature.category 
1 MSE A 16  ? . . . . MSE A 13  ? 1_555 . . . . . . . MET 1 MSE Selenomethionine 'Named protein modification' 
2 MSE A 91  ? . . . . MSE A 88  ? 1_555 . . . . . . . MET 1 MSE Selenomethionine 'Named protein modification' 
3 MSE A 106 ? . . . . MSE A 103 ? 1_555 . . . . . . . MET 1 MSE Selenomethionine 'Named protein modification' 
4 MSE A 111 ? . . . . MSE A 108 ? 1_555 . . . . . . . MET 1 MSE Selenomethionine 'Named protein modification' 
# 
_struct_sheet.id               A 
_struct_sheet.type             ? 
_struct_sheet.number_strands   6 
_struct_sheet.details          ? 
# 
loop_
_struct_sheet_order.sheet_id 
_struct_sheet_order.range_id_1 
_struct_sheet_order.range_id_2 
_struct_sheet_order.offset 
_struct_sheet_order.sense 
A 1 2 ? anti-parallel 
A 2 3 ? anti-parallel 
A 3 4 ? anti-parallel 
A 4 5 ? anti-parallel 
A 5 6 ? anti-parallel 
# 
loop_
_struct_sheet_range.sheet_id 
_struct_sheet_range.id 
_struct_sheet_range.beg_label_comp_id 
_struct_sheet_range.beg_label_asym_id 
_struct_sheet_range.beg_label_seq_id 
_struct_sheet_range.pdbx_beg_PDB_ins_code 
_struct_sheet_range.end_label_comp_id 
_struct_sheet_range.end_label_asym_id 
_struct_sheet_range.end_label_seq_id 
_struct_sheet_range.pdbx_end_PDB_ins_code 
_struct_sheet_range.beg_auth_comp_id 
_struct_sheet_range.beg_auth_asym_id 
_struct_sheet_range.beg_auth_seq_id 
_struct_sheet_range.end_auth_comp_id 
_struct_sheet_range.end_auth_asym_id 
_struct_sheet_range.end_auth_seq_id 
A 1 ILE A 29  ? ALA A 32  ? ILE A 26  ALA A 29  
A 2 ALA A 19  ? LEU A 23  ? ALA A 16  LEU A 20  
A 3 GLN A 104 ? LYS A 113 ? GLN A 101 LYS A 110 
A 4 ARG A 88  ? TRP A 101 ? ARG A 85  TRP A 98  
A 5 ILE A 76  ? VAL A 85  ? ILE A 73  VAL A 82  
A 6 HIS A 58  ? SER A 60  ? HIS A 55  SER A 57  
# 
loop_
_pdbx_struct_sheet_hbond.sheet_id 
_pdbx_struct_sheet_hbond.range_id_1 
_pdbx_struct_sheet_hbond.range_id_2 
_pdbx_struct_sheet_hbond.range_1_label_atom_id 
_pdbx_struct_sheet_hbond.range_1_label_comp_id 
_pdbx_struct_sheet_hbond.range_1_label_asym_id 
_pdbx_struct_sheet_hbond.range_1_label_seq_id 
_pdbx_struct_sheet_hbond.range_1_PDB_ins_code 
_pdbx_struct_sheet_hbond.range_1_auth_atom_id 
_pdbx_struct_sheet_hbond.range_1_auth_comp_id 
_pdbx_struct_sheet_hbond.range_1_auth_asym_id 
_pdbx_struct_sheet_hbond.range_1_auth_seq_id 
_pdbx_struct_sheet_hbond.range_2_label_atom_id 
_pdbx_struct_sheet_hbond.range_2_label_comp_id 
_pdbx_struct_sheet_hbond.range_2_label_asym_id 
_pdbx_struct_sheet_hbond.range_2_label_seq_id 
_pdbx_struct_sheet_hbond.range_2_PDB_ins_code 
_pdbx_struct_sheet_hbond.range_2_auth_atom_id 
_pdbx_struct_sheet_hbond.range_2_auth_comp_id 
_pdbx_struct_sheet_hbond.range_2_auth_asym_id 
_pdbx_struct_sheet_hbond.range_2_auth_seq_id 
A 1 2 O ARG A 30  ? O ARG A 27  N ILE A 22  ? N ILE A 19  
A 2 3 N LEU A 21  ? N LEU A 18  O VAL A 109 ? O VAL A 106 
A 3 4 O LEU A 108 ? O LEU A 105 N SER A 97  ? N SER A 94  
A 4 5 O LEU A 90  ? O LEU A 87  N PHE A 83  ? N PHE A 80  
A 5 6 O VAL A 84  ? O VAL A 81  N HIS A 58  ? N HIS A 55  
# 
_pdbx_entry_details.entry_id                   3B33 
_pdbx_entry_details.compound_details           ? 
_pdbx_entry_details.source_details             ? 
_pdbx_entry_details.nonpolymer_details         ? 
_pdbx_entry_details.sequence_details           ? 
_pdbx_entry_details.has_ligand_of_interest     ? 
_pdbx_entry_details.has_protein_modification   Y 
# 
_pdbx_validate_close_contact.id               1 
_pdbx_validate_close_contact.PDB_model_num    1 
_pdbx_validate_close_contact.auth_atom_id_1   O 
_pdbx_validate_close_contact.auth_asym_id_1   A 
_pdbx_validate_close_contact.auth_comp_id_1   HOH 
_pdbx_validate_close_contact.auth_seq_id_1    120 
_pdbx_validate_close_contact.PDB_ins_code_1   ? 
_pdbx_validate_close_contact.label_alt_id_1   ? 
_pdbx_validate_close_contact.auth_atom_id_2   O 
_pdbx_validate_close_contact.auth_asym_id_2   A 
_pdbx_validate_close_contact.auth_comp_id_2   HOH 
_pdbx_validate_close_contact.auth_seq_id_2    176 
_pdbx_validate_close_contact.PDB_ins_code_2   ? 
_pdbx_validate_close_contact.label_alt_id_2   ? 
_pdbx_validate_close_contact.dist             1.91 
# 
_pdbx_validate_symm_contact.id                1 
_pdbx_validate_symm_contact.PDB_model_num     1 
_pdbx_validate_symm_contact.auth_atom_id_1    OE2 
_pdbx_validate_symm_contact.auth_asym_id_1    A 
_pdbx_validate_symm_contact.auth_comp_id_1    GLU 
_pdbx_validate_symm_contact.auth_seq_id_1     46 
_pdbx_validate_symm_contact.PDB_ins_code_1    ? 
_pdbx_validate_symm_contact.label_alt_id_1    ? 
_pdbx_validate_symm_contact.site_symmetry_1   1_555 
_pdbx_validate_symm_contact.auth_atom_id_2    OE2 
_pdbx_validate_symm_contact.auth_asym_id_2    A 
_pdbx_validate_symm_contact.auth_comp_id_2    GLU 
_pdbx_validate_symm_contact.auth_seq_id_2     46 
_pdbx_validate_symm_contact.PDB_ins_code_2    ? 
_pdbx_validate_symm_contact.label_alt_id_2    ? 
_pdbx_validate_symm_contact.site_symmetry_2   10_665 
_pdbx_validate_symm_contact.dist              1.87 
# 
loop_
_pdbx_validate_torsion.id 
_pdbx_validate_torsion.PDB_model_num 
_pdbx_validate_torsion.auth_comp_id 
_pdbx_validate_torsion.auth_asym_id 
_pdbx_validate_torsion.auth_seq_id 
_pdbx_validate_torsion.PDB_ins_code 
_pdbx_validate_torsion.label_alt_id 
_pdbx_validate_torsion.phi 
_pdbx_validate_torsion.psi 
1 1 GLU A 46  ? ? 70.79 -0.32 
2 1 ASP A 83  ? ? 33.60 52.66 
3 1 ASP A 83  ? ? 36.35 50.21 
4 1 ARG A 100 ? ? 47.42 24.53 
# 
_pdbx_SG_project.id                    1 
_pdbx_SG_project.project_name          'PSI, Protein Structure Initiative' 
_pdbx_SG_project.full_name_of_center   'Midwest Center for Structural Genomics' 
_pdbx_SG_project.initial_of_center     MCSG 
# 
loop_
_pdbx_struct_mod_residue.id 
_pdbx_struct_mod_residue.label_asym_id 
_pdbx_struct_mod_residue.label_comp_id 
_pdbx_struct_mod_residue.label_seq_id 
_pdbx_struct_mod_residue.auth_asym_id 
_pdbx_struct_mod_residue.auth_comp_id 
_pdbx_struct_mod_residue.auth_seq_id 
_pdbx_struct_mod_residue.PDB_ins_code 
_pdbx_struct_mod_residue.parent_comp_id 
_pdbx_struct_mod_residue.details 
1 A MSE 16  A MSE 13  ? MET SELENOMETHIONINE 
2 A MSE 91  A MSE 88  ? MET SELENOMETHIONINE 
3 A MSE 106 A MSE 103 ? MET SELENOMETHIONINE 
4 A MSE 111 A MSE 108 ? MET SELENOMETHIONINE 
# 
_pdbx_struct_special_symmetry.id              1 
_pdbx_struct_special_symmetry.PDB_model_num   1 
_pdbx_struct_special_symmetry.auth_asym_id    A 
_pdbx_struct_special_symmetry.auth_comp_id    HOH 
_pdbx_struct_special_symmetry.auth_seq_id     115 
_pdbx_struct_special_symmetry.PDB_ins_code    ? 
_pdbx_struct_special_symmetry.label_asym_id   B 
_pdbx_struct_special_symmetry.label_comp_id   HOH 
_pdbx_struct_special_symmetry.label_seq_id    . 
# 
loop_
_pdbx_refine_tls.id 
_pdbx_refine_tls.details 
_pdbx_refine_tls.method 
_pdbx_refine_tls.origin_x 
_pdbx_refine_tls.origin_y 
_pdbx_refine_tls.origin_z 
_pdbx_refine_tls.T[1][1] 
_pdbx_refine_tls.T[2][2] 
_pdbx_refine_tls.T[3][3] 
_pdbx_refine_tls.T[1][2] 
_pdbx_refine_tls.T[1][3] 
_pdbx_refine_tls.T[2][3] 
_pdbx_refine_tls.L[1][1] 
_pdbx_refine_tls.L[2][2] 
_pdbx_refine_tls.L[3][3] 
_pdbx_refine_tls.L[1][2] 
_pdbx_refine_tls.L[1][3] 
_pdbx_refine_tls.L[2][3] 
_pdbx_refine_tls.S[1][1] 
_pdbx_refine_tls.S[2][2] 
_pdbx_refine_tls.S[3][3] 
_pdbx_refine_tls.S[1][2] 
_pdbx_refine_tls.S[1][3] 
_pdbx_refine_tls.S[2][3] 
_pdbx_refine_tls.S[2][1] 
_pdbx_refine_tls.S[3][1] 
_pdbx_refine_tls.S[3][2] 
_pdbx_refine_tls.pdbx_refine_id 
1 ? refined -0.9734  -5.9306 -5.0841 0.1210  0.0812  -0.0071 -0.0078 0.0633  0.0154  0.2629  0.6657  2.6335  -0.3972  0.1224   0.2256  0.0128  -0.0112 -0.0016 0.0621  -0.0110 0.0638  0.0371  0.1836  -0.0148 'X-RAY DIFFRACTION' 
2 ? refined 9.2604   -4.1618 -1.7764 -0.0480 0.0353  -0.0392 0.0392  -0.0992 0.0597  11.2882 24.1033 19.7632 -4.3571  0.5883   14.0349 0.3338  0.6804  -1.0142 -0.5883 -0.1539 -0.8927 0.5827  0.8652  0.7272  'X-RAY DIFFRACTION' 
3 ? refined 5.3984   -9.3962 5.2726  0.0490  0.0430  -0.0533 0.0947  -0.0220 0.0406  21.3432 8.2441  27.4304 -10.3934 -14.3496 -0.5356 -0.3375 0.0564  0.2811  -0.9083 -0.1832 0.1097  0.0351  1.3687  2.0664  'X-RAY DIFFRACTION' 
4 ? refined 3.2827   5.2025  8.3752  -0.0324 0.1434  -0.1449 -0.1122 0.0512  -0.1038 2.7965  3.0608  10.1305 -2.8212  1.2234   0.2011  -0.0263 0.1909  -0.1645 -0.3499 0.0513  0.0687  0.0237  -0.0062 0.7209  'X-RAY DIFFRACTION' 
5 ? refined -11.8535 7.7628  2.8063  -0.0318 0.0025  -0.0812 0.0165  0.1213  -0.0797 54.6438 13.7263 6.6585  7.8268   6.9204   -2.2226 0.4418  -0.0862 -0.3555 -1.2130 0.3720  0.8794  0.4932  -1.1936 -0.1365 'X-RAY DIFFRACTION' 
6 ? refined -2.1811  12.2966 -2.5751 0.2005  -0.0507 -0.0722 -0.0902 0.1199  -0.0452 33.0615 12.5605 1.4785  12.1644  2.2055   -2.2215 0.2179  -0.1839 -0.0340 0.0673  1.3070  0.1941  -0.2758 -1.0898 0.0563  'X-RAY DIFFRACTION' 
7 ? refined 11.0064  5.4289  4.5545  -0.0714 0.4801  -0.2148 -0.1199 0.0572  -0.2172 19.0744 17.8398 15.2237 -7.4390  12.4599  -2.9843 0.7883  0.2070  -0.9952 0.2764  0.1145  -0.9260 -0.0752 0.4006  2.2587  'X-RAY DIFFRACTION' 
8 ? refined -8.2918  -0.4489 -1.6088 0.0636  0.0860  0.0941  -0.0840 0.0903  0.0022  17.0148 1.5865  5.5539  4.3262   -4.7313  0.2329  -0.3904 -0.0954 0.4858  -0.1668 -1.3627 -0.3337 -0.0495 0.0571  -0.3657 'X-RAY DIFFRACTION' 
9 ? refined -1.4412  2.6371  -3.1212 0.0864  0.0703  -0.0306 -0.0457 0.0370  -0.0044 5.0709  2.9483  5.9777  2.8853   -5.3869  -2.4877 -0.0261 0.0342  -0.0080 -0.1538 0.0604  0.1304  0.0476  -0.0001 0.1671  'X-RAY DIFFRACTION' 
# 
loop_
_pdbx_refine_tls_group.id 
_pdbx_refine_tls_group.refine_tls_id 
_pdbx_refine_tls_group.beg_label_asym_id 
_pdbx_refine_tls_group.beg_label_seq_id 
_pdbx_refine_tls_group.end_label_asym_id 
_pdbx_refine_tls_group.end_label_seq_id 
_pdbx_refine_tls_group.selection 
_pdbx_refine_tls_group.beg_auth_asym_id 
_pdbx_refine_tls_group.beg_auth_seq_id 
_pdbx_refine_tls_group.end_auth_asym_id 
_pdbx_refine_tls_group.end_auth_seq_id 
_pdbx_refine_tls_group.pdbx_refine_id 
_pdbx_refine_tls_group.selection_details 
1 1 A 6   A 36  ? A 3   A 33  'X-RAY DIFFRACTION' ? 
2 2 A 37  A 41  ? A 34  A 38  'X-RAY DIFFRACTION' ? 
3 3 A 42  A 51  ? A 39  A 48  'X-RAY DIFFRACTION' ? 
4 4 A 52  A 64  ? A 49  A 61  'X-RAY DIFFRACTION' ? 
5 5 A 65  A 74  ? A 62  A 71  'X-RAY DIFFRACTION' ? 
6 6 A 75  A 80  ? A 72  A 77  'X-RAY DIFFRACTION' ? 
7 7 A 81  A 90  ? A 78  A 87  'X-RAY DIFFRACTION' ? 
8 8 A 91  A 104 ? A 88  A 101 'X-RAY DIFFRACTION' ? 
9 9 A 105 A 114 ? A 102 A 111 'X-RAY DIFFRACTION' ? 
# 
loop_
_pdbx_unobs_or_zero_occ_residues.id 
_pdbx_unobs_or_zero_occ_residues.PDB_model_num 
_pdbx_unobs_or_zero_occ_residues.polymer_flag 
_pdbx_unobs_or_zero_occ_residues.occupancy_flag 
_pdbx_unobs_or_zero_occ_residues.auth_asym_id 
_pdbx_unobs_or_zero_occ_residues.auth_comp_id 
_pdbx_unobs_or_zero_occ_residues.auth_seq_id 
_pdbx_unobs_or_zero_occ_residues.PDB_ins_code 
_pdbx_unobs_or_zero_occ_residues.label_asym_id 
_pdbx_unobs_or_zero_occ_residues.label_comp_id 
_pdbx_unobs_or_zero_occ_residues.label_seq_id 
1 1 Y 1 A SER -2  ? A SER 1   
2 1 Y 1 A ASN -1  ? A ASN 2   
3 1 Y 1 A ALA 0   ? A ALA 3   
4 1 Y 1 A MSE 1   ? A MSE 4   
5 1 Y 1 A ASP 2   ? A ASP 5   
6 1 Y 1 A ASP 112 ? A ASP 115 
# 
loop_
_chem_comp_atom.comp_id 
_chem_comp_atom.atom_id 
_chem_comp_atom.type_symbol 
_chem_comp_atom.pdbx_aromatic_flag 
_chem_comp_atom.pdbx_stereo_config 
_chem_comp_atom.pdbx_ordinal 
ALA N    N  N N 1   
ALA CA   C  N S 2   
ALA C    C  N N 3   
ALA O    O  N N 4   
ALA CB   C  N N 5   
ALA OXT  O  N N 6   
ALA H    H  N N 7   
ALA H2   H  N N 8   
ALA HA   H  N N 9   
ALA HB1  H  N N 10  
ALA HB2  H  N N 11  
ALA HB3  H  N N 12  
ALA HXT  H  N N 13  
ARG N    N  N N 14  
ARG CA   C  N S 15  
ARG C    C  N N 16  
ARG O    O  N N 17  
ARG CB   C  N N 18  
ARG CG   C  N N 19  
ARG CD   C  N N 20  
ARG NE   N  N N 21  
ARG CZ   C  N N 22  
ARG NH1  N  N N 23  
ARG NH2  N  N N 24  
ARG OXT  O  N N 25  
ARG H    H  N N 26  
ARG H2   H  N N 27  
ARG HA   H  N N 28  
ARG HB2  H  N N 29  
ARG HB3  H  N N 30  
ARG HG2  H  N N 31  
ARG HG3  H  N N 32  
ARG HD2  H  N N 33  
ARG HD3  H  N N 34  
ARG HE   H  N N 35  
ARG HH11 H  N N 36  
ARG HH12 H  N N 37  
ARG HH21 H  N N 38  
ARG HH22 H  N N 39  
ARG HXT  H  N N 40  
ASN N    N  N N 41  
ASN CA   C  N S 42  
ASN C    C  N N 43  
ASN O    O  N N 44  
ASN CB   C  N N 45  
ASN CG   C  N N 46  
ASN OD1  O  N N 47  
ASN ND2  N  N N 48  
ASN OXT  O  N N 49  
ASN H    H  N N 50  
ASN H2   H  N N 51  
ASN HA   H  N N 52  
ASN HB2  H  N N 53  
ASN HB3  H  N N 54  
ASN HD21 H  N N 55  
ASN HD22 H  N N 56  
ASN HXT  H  N N 57  
ASP N    N  N N 58  
ASP CA   C  N S 59  
ASP C    C  N N 60  
ASP O    O  N N 61  
ASP CB   C  N N 62  
ASP CG   C  N N 63  
ASP OD1  O  N N 64  
ASP OD2  O  N N 65  
ASP OXT  O  N N 66  
ASP H    H  N N 67  
ASP H2   H  N N 68  
ASP HA   H  N N 69  
ASP HB2  H  N N 70  
ASP HB3  H  N N 71  
ASP HD2  H  N N 72  
ASP HXT  H  N N 73  
GLN N    N  N N 74  
GLN CA   C  N S 75  
GLN C    C  N N 76  
GLN O    O  N N 77  
GLN CB   C  N N 78  
GLN CG   C  N N 79  
GLN CD   C  N N 80  
GLN OE1  O  N N 81  
GLN NE2  N  N N 82  
GLN OXT  O  N N 83  
GLN H    H  N N 84  
GLN H2   H  N N 85  
GLN HA   H  N N 86  
GLN HB2  H  N N 87  
GLN HB3  H  N N 88  
GLN HG2  H  N N 89  
GLN HG3  H  N N 90  
GLN HE21 H  N N 91  
GLN HE22 H  N N 92  
GLN HXT  H  N N 93  
GLU N    N  N N 94  
GLU CA   C  N S 95  
GLU C    C  N N 96  
GLU O    O  N N 97  
GLU CB   C  N N 98  
GLU CG   C  N N 99  
GLU CD   C  N N 100 
GLU OE1  O  N N 101 
GLU OE2  O  N N 102 
GLU OXT  O  N N 103 
GLU H    H  N N 104 
GLU H2   H  N N 105 
GLU HA   H  N N 106 
GLU HB2  H  N N 107 
GLU HB3  H  N N 108 
GLU HG2  H  N N 109 
GLU HG3  H  N N 110 
GLU HE2  H  N N 111 
GLU HXT  H  N N 112 
GLY N    N  N N 113 
GLY CA   C  N N 114 
GLY C    C  N N 115 
GLY O    O  N N 116 
GLY OXT  O  N N 117 
GLY H    H  N N 118 
GLY H2   H  N N 119 
GLY HA2  H  N N 120 
GLY HA3  H  N N 121 
GLY HXT  H  N N 122 
HIS N    N  N N 123 
HIS CA   C  N S 124 
HIS C    C  N N 125 
HIS O    O  N N 126 
HIS CB   C  N N 127 
HIS CG   C  Y N 128 
HIS ND1  N  Y N 129 
HIS CD2  C  Y N 130 
HIS CE1  C  Y N 131 
HIS NE2  N  Y N 132 
HIS OXT  O  N N 133 
HIS H    H  N N 134 
HIS H2   H  N N 135 
HIS HA   H  N N 136 
HIS HB2  H  N N 137 
HIS HB3  H  N N 138 
HIS HD1  H  N N 139 
HIS HD2  H  N N 140 
HIS HE1  H  N N 141 
HIS HE2  H  N N 142 
HIS HXT  H  N N 143 
HOH O    O  N N 144 
HOH H1   H  N N 145 
HOH H2   H  N N 146 
ILE N    N  N N 147 
ILE CA   C  N S 148 
ILE C    C  N N 149 
ILE O    O  N N 150 
ILE CB   C  N S 151 
ILE CG1  C  N N 152 
ILE CG2  C  N N 153 
ILE CD1  C  N N 154 
ILE OXT  O  N N 155 
ILE H    H  N N 156 
ILE H2   H  N N 157 
ILE HA   H  N N 158 
ILE HB   H  N N 159 
ILE HG12 H  N N 160 
ILE HG13 H  N N 161 
ILE HG21 H  N N 162 
ILE HG22 H  N N 163 
ILE HG23 H  N N 164 
ILE HD11 H  N N 165 
ILE HD12 H  N N 166 
ILE HD13 H  N N 167 
ILE HXT  H  N N 168 
LEU N    N  N N 169 
LEU CA   C  N S 170 
LEU C    C  N N 171 
LEU O    O  N N 172 
LEU CB   C  N N 173 
LEU CG   C  N N 174 
LEU CD1  C  N N 175 
LEU CD2  C  N N 176 
LEU OXT  O  N N 177 
LEU H    H  N N 178 
LEU H2   H  N N 179 
LEU HA   H  N N 180 
LEU HB2  H  N N 181 
LEU HB3  H  N N 182 
LEU HG   H  N N 183 
LEU HD11 H  N N 184 
LEU HD12 H  N N 185 
LEU HD13 H  N N 186 
LEU HD21 H  N N 187 
LEU HD22 H  N N 188 
LEU HD23 H  N N 189 
LEU HXT  H  N N 190 
LYS N    N  N N 191 
LYS CA   C  N S 192 
LYS C    C  N N 193 
LYS O    O  N N 194 
LYS CB   C  N N 195 
LYS CG   C  N N 196 
LYS CD   C  N N 197 
LYS CE   C  N N 198 
LYS NZ   N  N N 199 
LYS OXT  O  N N 200 
LYS H    H  N N 201 
LYS H2   H  N N 202 
LYS HA   H  N N 203 
LYS HB2  H  N N 204 
LYS HB3  H  N N 205 
LYS HG2  H  N N 206 
LYS HG3  H  N N 207 
LYS HD2  H  N N 208 
LYS HD3  H  N N 209 
LYS HE2  H  N N 210 
LYS HE3  H  N N 211 
LYS HZ1  H  N N 212 
LYS HZ2  H  N N 213 
LYS HZ3  H  N N 214 
LYS HXT  H  N N 215 
MSE N    N  N N 216 
MSE CA   C  N S 217 
MSE C    C  N N 218 
MSE O    O  N N 219 
MSE OXT  O  N N 220 
MSE CB   C  N N 221 
MSE CG   C  N N 222 
MSE SE   SE N N 223 
MSE CE   C  N N 224 
MSE H    H  N N 225 
MSE H2   H  N N 226 
MSE HA   H  N N 227 
MSE HXT  H  N N 228 
MSE HB2  H  N N 229 
MSE HB3  H  N N 230 
MSE HG2  H  N N 231 
MSE HG3  H  N N 232 
MSE HE1  H  N N 233 
MSE HE2  H  N N 234 
MSE HE3  H  N N 235 
PHE N    N  N N 236 
PHE CA   C  N S 237 
PHE C    C  N N 238 
PHE O    O  N N 239 
PHE CB   C  N N 240 
PHE CG   C  Y N 241 
PHE CD1  C  Y N 242 
PHE CD2  C  Y N 243 
PHE CE1  C  Y N 244 
PHE CE2  C  Y N 245 
PHE CZ   C  Y N 246 
PHE OXT  O  N N 247 
PHE H    H  N N 248 
PHE H2   H  N N 249 
PHE HA   H  N N 250 
PHE HB2  H  N N 251 
PHE HB3  H  N N 252 
PHE HD1  H  N N 253 
PHE HD2  H  N N 254 
PHE HE1  H  N N 255 
PHE HE2  H  N N 256 
PHE HZ   H  N N 257 
PHE HXT  H  N N 258 
PRO N    N  N N 259 
PRO CA   C  N S 260 
PRO C    C  N N 261 
PRO O    O  N N 262 
PRO CB   C  N N 263 
PRO CG   C  N N 264 
PRO CD   C  N N 265 
PRO OXT  O  N N 266 
PRO H    H  N N 267 
PRO HA   H  N N 268 
PRO HB2  H  N N 269 
PRO HB3  H  N N 270 
PRO HG2  H  N N 271 
PRO HG3  H  N N 272 
PRO HD2  H  N N 273 
PRO HD3  H  N N 274 
PRO HXT  H  N N 275 
SER N    N  N N 276 
SER CA   C  N S 277 
SER C    C  N N 278 
SER O    O  N N 279 
SER CB   C  N N 280 
SER OG   O  N N 281 
SER OXT  O  N N 282 
SER H    H  N N 283 
SER H2   H  N N 284 
SER HA   H  N N 285 
SER HB2  H  N N 286 
SER HB3  H  N N 287 
SER HG   H  N N 288 
SER HXT  H  N N 289 
THR N    N  N N 290 
THR CA   C  N S 291 
THR C    C  N N 292 
THR O    O  N N 293 
THR CB   C  N R 294 
THR OG1  O  N N 295 
THR CG2  C  N N 296 
THR OXT  O  N N 297 
THR H    H  N N 298 
THR H2   H  N N 299 
THR HA   H  N N 300 
THR HB   H  N N 301 
THR HG1  H  N N 302 
THR HG21 H  N N 303 
THR HG22 H  N N 304 
THR HG23 H  N N 305 
THR HXT  H  N N 306 
TRP N    N  N N 307 
TRP CA   C  N S 308 
TRP C    C  N N 309 
TRP O    O  N N 310 
TRP CB   C  N N 311 
TRP CG   C  Y N 312 
TRP CD1  C  Y N 313 
TRP CD2  C  Y N 314 
TRP NE1  N  Y N 315 
TRP CE2  C  Y N 316 
TRP CE3  C  Y N 317 
TRP CZ2  C  Y N 318 
TRP CZ3  C  Y N 319 
TRP CH2  C  Y N 320 
TRP OXT  O  N N 321 
TRP H    H  N N 322 
TRP H2   H  N N 323 
TRP HA   H  N N 324 
TRP HB2  H  N N 325 
TRP HB3  H  N N 326 
TRP HD1  H  N N 327 
TRP HE1  H  N N 328 
TRP HE3  H  N N 329 
TRP HZ2  H  N N 330 
TRP HZ3  H  N N 331 
TRP HH2  H  N N 332 
TRP HXT  H  N N 333 
TYR N    N  N N 334 
TYR CA   C  N S 335 
TYR C    C  N N 336 
TYR O    O  N N 337 
TYR CB   C  N N 338 
TYR CG   C  Y N 339 
TYR CD1  C  Y N 340 
TYR CD2  C  Y N 341 
TYR CE1  C  Y N 342 
TYR CE2  C  Y N 343 
TYR CZ   C  Y N 344 
TYR OH   O  N N 345 
TYR OXT  O  N N 346 
TYR H    H  N N 347 
TYR H2   H  N N 348 
TYR HA   H  N N 349 
TYR HB2  H  N N 350 
TYR HB3  H  N N 351 
TYR HD1  H  N N 352 
TYR HD2  H  N N 353 
TYR HE1  H  N N 354 
TYR HE2  H  N N 355 
TYR HH   H  N N 356 
TYR HXT  H  N N 357 
VAL N    N  N N 358 
VAL CA   C  N S 359 
VAL C    C  N N 360 
VAL O    O  N N 361 
VAL CB   C  N N 362 
VAL CG1  C  N N 363 
VAL CG2  C  N N 364 
VAL OXT  O  N N 365 
VAL H    H  N N 366 
VAL H2   H  N N 367 
VAL HA   H  N N 368 
VAL HB   H  N N 369 
VAL HG11 H  N N 370 
VAL HG12 H  N N 371 
VAL HG13 H  N N 372 
VAL HG21 H  N N 373 
VAL HG22 H  N N 374 
VAL HG23 H  N N 375 
VAL HXT  H  N N 376 
# 
loop_
_chem_comp_bond.comp_id 
_chem_comp_bond.atom_id_1 
_chem_comp_bond.atom_id_2 
_chem_comp_bond.value_order 
_chem_comp_bond.pdbx_aromatic_flag 
_chem_comp_bond.pdbx_stereo_config 
_chem_comp_bond.pdbx_ordinal 
ALA N   CA   sing N N 1   
ALA N   H    sing N N 2   
ALA N   H2   sing N N 3   
ALA CA  C    sing N N 4   
ALA CA  CB   sing N N 5   
ALA CA  HA   sing N N 6   
ALA C   O    doub N N 7   
ALA C   OXT  sing N N 8   
ALA CB  HB1  sing N N 9   
ALA CB  HB2  sing N N 10  
ALA CB  HB3  sing N N 11  
ALA OXT HXT  sing N N 12  
ARG N   CA   sing N N 13  
ARG N   H    sing N N 14  
ARG N   H2   sing N N 15  
ARG CA  C    sing N N 16  
ARG CA  CB   sing N N 17  
ARG CA  HA   sing N N 18  
ARG C   O    doub N N 19  
ARG C   OXT  sing N N 20  
ARG CB  CG   sing N N 21  
ARG CB  HB2  sing N N 22  
ARG CB  HB3  sing N N 23  
ARG CG  CD   sing N N 24  
ARG CG  HG2  sing N N 25  
ARG CG  HG3  sing N N 26  
ARG CD  NE   sing N N 27  
ARG CD  HD2  sing N N 28  
ARG CD  HD3  sing N N 29  
ARG NE  CZ   sing N N 30  
ARG NE  HE   sing N N 31  
ARG CZ  NH1  sing N N 32  
ARG CZ  NH2  doub N N 33  
ARG NH1 HH11 sing N N 34  
ARG NH1 HH12 sing N N 35  
ARG NH2 HH21 sing N N 36  
ARG NH2 HH22 sing N N 37  
ARG OXT HXT  sing N N 38  
ASN N   CA   sing N N 39  
ASN N   H    sing N N 40  
ASN N   H2   sing N N 41  
ASN CA  C    sing N N 42  
ASN CA  CB   sing N N 43  
ASN CA  HA   sing N N 44  
ASN C   O    doub N N 45  
ASN C   OXT  sing N N 46  
ASN CB  CG   sing N N 47  
ASN CB  HB2  sing N N 48  
ASN CB  HB3  sing N N 49  
ASN CG  OD1  doub N N 50  
ASN CG  ND2  sing N N 51  
ASN ND2 HD21 sing N N 52  
ASN ND2 HD22 sing N N 53  
ASN OXT HXT  sing N N 54  
ASP N   CA   sing N N 55  
ASP N   H    sing N N 56  
ASP N   H2   sing N N 57  
ASP CA  C    sing N N 58  
ASP CA  CB   sing N N 59  
ASP CA  HA   sing N N 60  
ASP C   O    doub N N 61  
ASP C   OXT  sing N N 62  
ASP CB  CG   sing N N 63  
ASP CB  HB2  sing N N 64  
ASP CB  HB3  sing N N 65  
ASP CG  OD1  doub N N 66  
ASP CG  OD2  sing N N 67  
ASP OD2 HD2  sing N N 68  
ASP OXT HXT  sing N N 69  
GLN N   CA   sing N N 70  
GLN N   H    sing N N 71  
GLN N   H2   sing N N 72  
GLN CA  C    sing N N 73  
GLN CA  CB   sing N N 74  
GLN CA  HA   sing N N 75  
GLN C   O    doub N N 76  
GLN C   OXT  sing N N 77  
GLN CB  CG   sing N N 78  
GLN CB  HB2  sing N N 79  
GLN CB  HB3  sing N N 80  
GLN CG  CD   sing N N 81  
GLN CG  HG2  sing N N 82  
GLN CG  HG3  sing N N 83  
GLN CD  OE1  doub N N 84  
GLN CD  NE2  sing N N 85  
GLN NE2 HE21 sing N N 86  
GLN NE2 HE22 sing N N 87  
GLN OXT HXT  sing N N 88  
GLU N   CA   sing N N 89  
GLU N   H    sing N N 90  
GLU N   H2   sing N N 91  
GLU CA  C    sing N N 92  
GLU CA  CB   sing N N 93  
GLU CA  HA   sing N N 94  
GLU C   O    doub N N 95  
GLU C   OXT  sing N N 96  
GLU CB  CG   sing N N 97  
GLU CB  HB2  sing N N 98  
GLU CB  HB3  sing N N 99  
GLU CG  CD   sing N N 100 
GLU CG  HG2  sing N N 101 
GLU CG  HG3  sing N N 102 
GLU CD  OE1  doub N N 103 
GLU CD  OE2  sing N N 104 
GLU OE2 HE2  sing N N 105 
GLU OXT HXT  sing N N 106 
GLY N   CA   sing N N 107 
GLY N   H    sing N N 108 
GLY N   H2   sing N N 109 
GLY CA  C    sing N N 110 
GLY CA  HA2  sing N N 111 
GLY CA  HA3  sing N N 112 
GLY C   O    doub N N 113 
GLY C   OXT  sing N N 114 
GLY OXT HXT  sing N N 115 
HIS N   CA   sing N N 116 
HIS N   H    sing N N 117 
HIS N   H2   sing N N 118 
HIS CA  C    sing N N 119 
HIS CA  CB   sing N N 120 
HIS CA  HA   sing N N 121 
HIS C   O    doub N N 122 
HIS C   OXT  sing N N 123 
HIS CB  CG   sing N N 124 
HIS CB  HB2  sing N N 125 
HIS CB  HB3  sing N N 126 
HIS CG  ND1  sing Y N 127 
HIS CG  CD2  doub Y N 128 
HIS ND1 CE1  doub Y N 129 
HIS ND1 HD1  sing N N 130 
HIS CD2 NE2  sing Y N 131 
HIS CD2 HD2  sing N N 132 
HIS CE1 NE2  sing Y N 133 
HIS CE1 HE1  sing N N 134 
HIS NE2 HE2  sing N N 135 
HIS OXT HXT  sing N N 136 
HOH O   H1   sing N N 137 
HOH O   H2   sing N N 138 
ILE N   CA   sing N N 139 
ILE N   H    sing N N 140 
ILE N   H2   sing N N 141 
ILE CA  C    sing N N 142 
ILE CA  CB   sing N N 143 
ILE CA  HA   sing N N 144 
ILE C   O    doub N N 145 
ILE C   OXT  sing N N 146 
ILE CB  CG1  sing N N 147 
ILE CB  CG2  sing N N 148 
ILE CB  HB   sing N N 149 
ILE CG1 CD1  sing N N 150 
ILE CG1 HG12 sing N N 151 
ILE CG1 HG13 sing N N 152 
ILE CG2 HG21 sing N N 153 
ILE CG2 HG22 sing N N 154 
ILE CG2 HG23 sing N N 155 
ILE CD1 HD11 sing N N 156 
ILE CD1 HD12 sing N N 157 
ILE CD1 HD13 sing N N 158 
ILE OXT HXT  sing N N 159 
LEU N   CA   sing N N 160 
LEU N   H    sing N N 161 
LEU N   H2   sing N N 162 
LEU CA  C    sing N N 163 
LEU CA  CB   sing N N 164 
LEU CA  HA   sing N N 165 
LEU C   O    doub N N 166 
LEU C   OXT  sing N N 167 
LEU CB  CG   sing N N 168 
LEU CB  HB2  sing N N 169 
LEU CB  HB3  sing N N 170 
LEU CG  CD1  sing N N 171 
LEU CG  CD2  sing N N 172 
LEU CG  HG   sing N N 173 
LEU CD1 HD11 sing N N 174 
LEU CD1 HD12 sing N N 175 
LEU CD1 HD13 sing N N 176 
LEU CD2 HD21 sing N N 177 
LEU CD2 HD22 sing N N 178 
LEU CD2 HD23 sing N N 179 
LEU OXT HXT  sing N N 180 
LYS N   CA   sing N N 181 
LYS N   H    sing N N 182 
LYS N   H2   sing N N 183 
LYS CA  C    sing N N 184 
LYS CA  CB   sing N N 185 
LYS CA  HA   sing N N 186 
LYS C   O    doub N N 187 
LYS C   OXT  sing N N 188 
LYS CB  CG   sing N N 189 
LYS CB  HB2  sing N N 190 
LYS CB  HB3  sing N N 191 
LYS CG  CD   sing N N 192 
LYS CG  HG2  sing N N 193 
LYS CG  HG3  sing N N 194 
LYS CD  CE   sing N N 195 
LYS CD  HD2  sing N N 196 
LYS CD  HD3  sing N N 197 
LYS CE  NZ   sing N N 198 
LYS CE  HE2  sing N N 199 
LYS CE  HE3  sing N N 200 
LYS NZ  HZ1  sing N N 201 
LYS NZ  HZ2  sing N N 202 
LYS NZ  HZ3  sing N N 203 
LYS OXT HXT  sing N N 204 
MSE N   CA   sing N N 205 
MSE N   H    sing N N 206 
MSE N   H2   sing N N 207 
MSE CA  C    sing N N 208 
MSE CA  CB   sing N N 209 
MSE CA  HA   sing N N 210 
MSE C   O    doub N N 211 
MSE C   OXT  sing N N 212 
MSE OXT HXT  sing N N 213 
MSE CB  CG   sing N N 214 
MSE CB  HB2  sing N N 215 
MSE CB  HB3  sing N N 216 
MSE CG  SE   sing N N 217 
MSE CG  HG2  sing N N 218 
MSE CG  HG3  sing N N 219 
MSE SE  CE   sing N N 220 
MSE CE  HE1  sing N N 221 
MSE CE  HE2  sing N N 222 
MSE CE  HE3  sing N N 223 
PHE N   CA   sing N N 224 
PHE N   H    sing N N 225 
PHE N   H2   sing N N 226 
PHE CA  C    sing N N 227 
PHE CA  CB   sing N N 228 
PHE CA  HA   sing N N 229 
PHE C   O    doub N N 230 
PHE C   OXT  sing N N 231 
PHE CB  CG   sing N N 232 
PHE CB  HB2  sing N N 233 
PHE CB  HB3  sing N N 234 
PHE CG  CD1  doub Y N 235 
PHE CG  CD2  sing Y N 236 
PHE CD1 CE1  sing Y N 237 
PHE CD1 HD1  sing N N 238 
PHE CD2 CE2  doub Y N 239 
PHE CD2 HD2  sing N N 240 
PHE CE1 CZ   doub Y N 241 
PHE CE1 HE1  sing N N 242 
PHE CE2 CZ   sing Y N 243 
PHE CE2 HE2  sing N N 244 
PHE CZ  HZ   sing N N 245 
PHE OXT HXT  sing N N 246 
PRO N   CA   sing N N 247 
PRO N   CD   sing N N 248 
PRO N   H    sing N N 249 
PRO CA  C    sing N N 250 
PRO CA  CB   sing N N 251 
PRO CA  HA   sing N N 252 
PRO C   O    doub N N 253 
PRO C   OXT  sing N N 254 
PRO CB  CG   sing N N 255 
PRO CB  HB2  sing N N 256 
PRO CB  HB3  sing N N 257 
PRO CG  CD   sing N N 258 
PRO CG  HG2  sing N N 259 
PRO CG  HG3  sing N N 260 
PRO CD  HD2  sing N N 261 
PRO CD  HD3  sing N N 262 
PRO OXT HXT  sing N N 263 
SER N   CA   sing N N 264 
SER N   H    sing N N 265 
SER N   H2   sing N N 266 
SER CA  C    sing N N 267 
SER CA  CB   sing N N 268 
SER CA  HA   sing N N 269 
SER C   O    doub N N 270 
SER C   OXT  sing N N 271 
SER CB  OG   sing N N 272 
SER CB  HB2  sing N N 273 
SER CB  HB3  sing N N 274 
SER OG  HG   sing N N 275 
SER OXT HXT  sing N N 276 
THR N   CA   sing N N 277 
THR N   H    sing N N 278 
THR N   H2   sing N N 279 
THR CA  C    sing N N 280 
THR CA  CB   sing N N 281 
THR CA  HA   sing N N 282 
THR C   O    doub N N 283 
THR C   OXT  sing N N 284 
THR CB  OG1  sing N N 285 
THR CB  CG2  sing N N 286 
THR CB  HB   sing N N 287 
THR OG1 HG1  sing N N 288 
THR CG2 HG21 sing N N 289 
THR CG2 HG22 sing N N 290 
THR CG2 HG23 sing N N 291 
THR OXT HXT  sing N N 292 
TRP N   CA   sing N N 293 
TRP N   H    sing N N 294 
TRP N   H2   sing N N 295 
TRP CA  C    sing N N 296 
TRP CA  CB   sing N N 297 
TRP CA  HA   sing N N 298 
TRP C   O    doub N N 299 
TRP C   OXT  sing N N 300 
TRP CB  CG   sing N N 301 
TRP CB  HB2  sing N N 302 
TRP CB  HB3  sing N N 303 
TRP CG  CD1  doub Y N 304 
TRP CG  CD2  sing Y N 305 
TRP CD1 NE1  sing Y N 306 
TRP CD1 HD1  sing N N 307 
TRP CD2 CE2  doub Y N 308 
TRP CD2 CE3  sing Y N 309 
TRP NE1 CE2  sing Y N 310 
TRP NE1 HE1  sing N N 311 
TRP CE2 CZ2  sing Y N 312 
TRP CE3 CZ3  doub Y N 313 
TRP CE3 HE3  sing N N 314 
TRP CZ2 CH2  doub Y N 315 
TRP CZ2 HZ2  sing N N 316 
TRP CZ3 CH2  sing Y N 317 
TRP CZ3 HZ3  sing N N 318 
TRP CH2 HH2  sing N N 319 
TRP OXT HXT  sing N N 320 
TYR N   CA   sing N N 321 
TYR N   H    sing N N 322 
TYR N   H2   sing N N 323 
TYR CA  C    sing N N 324 
TYR CA  CB   sing N N 325 
TYR CA  HA   sing N N 326 
TYR C   O    doub N N 327 
TYR C   OXT  sing N N 328 
TYR CB  CG   sing N N 329 
TYR CB  HB2  sing N N 330 
TYR CB  HB3  sing N N 331 
TYR CG  CD1  doub Y N 332 
TYR CG  CD2  sing Y N 333 
TYR CD1 CE1  sing Y N 334 
TYR CD1 HD1  sing N N 335 
TYR CD2 CE2  doub Y N 336 
TYR CD2 HD2  sing N N 337 
TYR CE1 CZ   doub Y N 338 
TYR CE1 HE1  sing N N 339 
TYR CE2 CZ   sing Y N 340 
TYR CE2 HE2  sing N N 341 
TYR CZ  OH   sing N N 342 
TYR OH  HH   sing N N 343 
TYR OXT HXT  sing N N 344 
VAL N   CA   sing N N 345 
VAL N   H    sing N N 346 
VAL N   H2   sing N N 347 
VAL CA  C    sing N N 348 
VAL CA  CB   sing N N 349 
VAL CA  HA   sing N N 350 
VAL C   O    doub N N 351 
VAL C   OXT  sing N N 352 
VAL CB  CG1  sing N N 353 
VAL CB  CG2  sing N N 354 
VAL CB  HB   sing N N 355 
VAL CG1 HG11 sing N N 356 
VAL CG1 HG12 sing N N 357 
VAL CG1 HG13 sing N N 358 
VAL CG2 HG21 sing N N 359 
VAL CG2 HG22 sing N N 360 
VAL CG2 HG23 sing N N 361 
VAL OXT HXT  sing N N 362 
# 
_atom_sites.entry_id                    3B33 
_atom_sites.fract_transf_matrix[1][1]   -0.01114645 
_atom_sites.fract_transf_matrix[1][2]   -0.00855716 
_atom_sites.fract_transf_matrix[1][3]   0.00227531 
_atom_sites.fract_transf_matrix[2][1]   0.00076430 
_atom_sites.fract_transf_matrix[2][2]   -0.01377208 
_atom_sites.fract_transf_matrix[2][3]   -0.00351864 
_atom_sites.fract_transf_matrix[3][1]   0.00518974 
_atom_sites.fract_transf_matrix[3][2]   -0.00316572 
_atom_sites.fract_transf_matrix[3][3]   0.01351801 
_atom_sites.fract_transf_vector[1]      0.371529 
_atom_sites.fract_transf_vector[2]      0.323508 
_atom_sites.fract_transf_vector[3]      0.154255 
# 
loop_
_atom_type.symbol 
C  
N  
O  
SE 
# 
loop_
_atom_site.group_PDB 
_atom_site.id 
_atom_site.type_symbol 
_atom_site.label_atom_id 
_atom_site.label_alt_id 
_atom_site.label_comp_id 
_atom_site.label_asym_id 
_atom_site.label_entity_id 
_atom_site.label_seq_id 
_atom_site.pdbx_PDB_ins_code 
_atom_site.Cartn_x 
_atom_site.Cartn_y 
_atom_site.Cartn_z 
_atom_site.occupancy 
_atom_site.B_iso_or_equiv 
_atom_site.pdbx_formal_charge 
_atom_site.auth_seq_id 
_atom_site.auth_comp_id 
_atom_site.auth_asym_id 
_atom_site.auth_atom_id 
_atom_site.pdbx_PDB_model_num 
ATOM   1   N  N   . THR A 1 6   ? -1.341  -17.236 -13.063 1.00 45.06 ? 3   THR A N   1 
ATOM   2   C  CA  . THR A 1 6   ? -1.845  -17.809 -14.349 1.00 45.09 ? 3   THR A CA  1 
ATOM   3   C  C   . THR A 1 6   ? -2.820  -16.864 -15.054 1.00 43.22 ? 3   THR A C   1 
ATOM   4   O  O   . THR A 1 6   ? -2.918  -16.897 -16.287 1.00 43.76 ? 3   THR A O   1 
ATOM   5   C  CB  . THR A 1 6   ? -2.602  -19.153 -14.142 1.00 45.56 ? 3   THR A CB  1 
ATOM   6   O  OG1 . THR A 1 6   ? -2.284  -19.709 -12.851 1.00 50.15 ? 3   THR A OG1 1 
ATOM   7   C  CG2 . THR A 1 6   ? -2.284  -20.154 -15.272 1.00 47.36 ? 3   THR A CG2 1 
ATOM   8   N  N   . SER A 1 7   ? -3.583  -16.077 -14.291 1.00 40.16 ? 4   SER A N   1 
ATOM   9   C  CA  . SER A 1 7   ? -4.546  -15.180 -14.933 1.00 37.64 ? 4   SER A CA  1 
ATOM   10  C  C   . SER A 1 7   ? -3.861  -13.888 -15.432 1.00 35.01 ? 4   SER A C   1 
ATOM   11  O  O   . SER A 1 7   ? -2.784  -13.531 -14.965 1.00 34.00 ? 4   SER A O   1 
ATOM   12  C  CB  . SER A 1 7   ? -5.737  -14.890 -14.003 1.00 37.27 ? 4   SER A CB  1 
ATOM   13  O  OG  . SER A 1 7   ? -5.432  -13.942 -12.986 1.00 36.83 ? 4   SER A OG  1 
ATOM   14  N  N   . LEU A 1 8   ? -4.482  -13.203 -16.384 1.00 32.92 ? 5   LEU A N   1 
ATOM   15  C  CA  . LEU A 1 8   ? -3.912  -11.969 -16.929 1.00 30.95 ? 5   LEU A CA  1 
ATOM   16  C  C   . LEU A 1 8   ? -3.868  -10.860 -15.841 1.00 28.77 ? 5   LEU A C   1 
ATOM   17  O  O   . LEU A 1 8   ? -2.853  -10.184 -15.718 1.00 27.17 ? 5   LEU A O   1 
ATOM   18  C  CB  . LEU A 1 8   ? -4.725  -11.460 -18.104 1.00 31.10 ? 5   LEU A CB  1 
ATOM   19  C  CG  . LEU A 1 8   ? -4.118  -10.611 -19.212 1.00 34.27 ? 5   LEU A CG  1 
ATOM   20  C  CD1 . LEU A 1 8   ? -5.004  -9.400  -19.497 1.00 38.88 ? 5   LEU A CD1 1 
ATOM   21  C  CD2 . LEU A 1 8   ? -2.637  -10.254 -19.025 1.00 32.35 ? 5   LEU A CD2 1 
ATOM   22  N  N   . PRO A 1 9   ? -4.971  -10.666 -15.073 1.00 28.24 ? 6   PRO A N   1 
ATOM   23  C  CA  . PRO A 1 9   ? -4.915  -9.729  -13.963 1.00 26.01 ? 6   PRO A CA  1 
ATOM   24  C  C   . PRO A 1 9   ? -3.785  -10.031 -12.973 1.00 24.73 ? 6   PRO A C   1 
ATOM   25  O  O   . PRO A 1 9   ? -3.098  -9.102  -12.553 1.00 21.43 ? 6   PRO A O   1 
ATOM   26  C  CB  . PRO A 1 9   ? -6.299  -9.872  -13.312 1.00 27.55 ? 6   PRO A CB  1 
ATOM   27  C  CG  . PRO A 1 9   ? -7.171  -10.252 -14.492 1.00 29.01 ? 6   PRO A CG  1 
ATOM   28  C  CD  . PRO A 1 9   ? -6.329  -11.239 -15.214 1.00 29.09 ? 6   PRO A CD  1 
ATOM   29  N  N   . SER A 1 10  ? -3.571  -11.303 -12.599 1.00 23.71 ? 7   SER A N   1 
ATOM   30  C  CA  . SER A 1 10  ? -2.403  -11.623 -11.729 1.00 22.63 ? 7   SER A CA  1 
ATOM   31  C  C   . SER A 1 10  ? -1.088  -11.233 -12.399 1.00 21.06 ? 7   SER A C   1 
ATOM   32  O  O   . SER A 1 10  ? -0.195  -10.705 -11.722 1.00 19.07 ? 7   SER A O   1 
ATOM   33  C  CB  . SER A 1 10  ? -2.350  -13.102 -11.357 1.00 22.96 ? 7   SER A CB  1 
ATOM   34  O  OG  . SER A 1 10  ? -3.324  -13.236 -10.372 1.00 28.11 ? 7   SER A OG  1 
ATOM   35  N  N   . ALA A 1 11  ? -0.969  -11.559 -13.690 1.00 21.32 ? 8   ALA A N   1 
ATOM   36  C  CA  . ALA A 1 11  ? 0.233   -11.249 -14.456 1.00 19.90 ? 8   ALA A CA  1 
ATOM   37  C  C   . ALA A 1 11  ? 0.493   -9.740  -14.467 1.00 18.70 ? 8   ALA A C   1 
ATOM   38  O  O   . ALA A 1 11  ? 1.647   -9.299  -14.311 1.00 17.48 ? 8   ALA A O   1 
ATOM   39  C  CB  . ALA A 1 11  ? 0.159   -11.791 -15.869 1.00 21.80 ? 8   ALA A CB  1 
ATOM   40  N  N   . ILE A 1 12  ? -0.584  -8.959  -14.609 1.00 17.26 ? 9   ILE A N   1 
ATOM   41  C  CA  . ILE A 1 12  ? -0.451  -7.517  -14.617 1.00 16.61 ? 9   ILE A CA  1 
ATOM   42  C  C   . ILE A 1 12  ? 0.051   -7.038  -13.246 1.00 17.23 ? 9   ILE A C   1 
ATOM   43  O  O   . ILE A 1 12  ? 0.998   -6.246  -13.157 1.00 17.78 ? 9   ILE A O   1 
ATOM   44  C  CB  . ILE A 1 12  ? -1.790  -6.854  -14.979 1.00 17.12 ? 9   ILE A CB  1 
ATOM   45  C  CG1 . ILE A 1 12  ? -2.114  -7.189  -16.464 1.00 17.66 ? 9   ILE A CG1 1 
ATOM   46  C  CG2 . ILE A 1 12  ? -1.664  -5.314  -14.836 1.00 17.22 ? 9   ILE A CG2 1 
ATOM   47  C  CD1 . ILE A 1 12  ? -3.394  -6.587  -16.963 1.00 19.57 ? 9   ILE A CD1 1 
ATOM   48  N  N   . LEU A 1 13  ? -0.578  -7.531  -12.182 1.00 17.88 ? 10  LEU A N   1 
ATOM   49  C  CA  A LEU A 1 13  ? -0.190  -7.153  -10.809 0.50 18.20 ? 10  LEU A CA  1 
ATOM   50  C  CA  B LEU A 1 13  ? -0.186  -7.117  -10.823 0.50 18.01 ? 10  LEU A CA  1 
ATOM   51  C  C   . LEU A 1 13  ? 1.259   -7.494  -10.510 1.00 18.17 ? 10  LEU A C   1 
ATOM   52  O  O   . LEU A 1 13  ? 1.976   -6.743  -9.820  1.00 17.44 ? 10  LEU A O   1 
ATOM   53  C  CB  A LEU A 1 13  ? -1.091  -7.836  -9.777  0.50 17.70 ? 10  LEU A CB  1 
ATOM   54  C  CB  B LEU A 1 13  ? -1.135  -7.696  -9.771  0.50 17.55 ? 10  LEU A CB  1 
ATOM   55  C  CG  A LEU A 1 13  ? -2.225  -6.956  -9.253  0.50 18.51 ? 10  LEU A CG  1 
ATOM   56  C  CG  B LEU A 1 13  ? -2.478  -6.959  -9.708  0.50 17.11 ? 10  LEU A CG  1 
ATOM   57  C  CD1 A LEU A 1 13  ? -1.649  -5.724  -8.499  0.50 16.02 ? 10  LEU A CD1 1 
ATOM   58  C  CD1 B LEU A 1 13  ? -3.450  -7.706  -8.814  0.50 17.04 ? 10  LEU A CD1 1 
ATOM   59  C  CD2 A LEU A 1 13  ? -3.192  -6.527  -10.368 0.50 19.97 ? 10  LEU A CD2 1 
ATOM   60  C  CD2 B LEU A 1 13  ? -2.327  -5.474  -9.230  0.50 18.85 ? 10  LEU A CD2 1 
ATOM   61  N  N   . ASN A 1 14  ? 1.677   -8.644  -11.030 1.00 19.11 ? 11  ASN A N   1 
ATOM   62  C  CA  . ASN A 1 14  ? 3.033   -9.168  -10.790 1.00 20.70 ? 11  ASN A CA  1 
ATOM   63  C  C   . ASN A 1 14  ? 4.116   -8.489  -11.588 1.00 20.75 ? 11  ASN A C   1 
ATOM   64  O  O   . ASN A 1 14  ? 5.284   -8.595  -11.232 1.00 23.02 ? 11  ASN A O   1 
ATOM   65  C  CB  . ASN A 1 14  ? 3.063   -10.678 -11.051 1.00 20.86 ? 11  ASN A CB  1 
ATOM   66  C  CG  . ASN A 1 14  ? 2.334   -11.453 -9.981  1.00 24.20 ? 11  ASN A CG  1 
ATOM   67  O  OD1 . ASN A 1 14  ? 2.056   -10.945 -8.901  1.00 24.85 ? 11  ASN A OD1 1 
ATOM   68  N  ND2 . ASN A 1 14  ? 1.976   -12.690 -10.298 1.00 27.93 ? 11  ASN A ND2 1 
ATOM   69  N  N   . ASN A 1 15  ? 3.749   -7.740  -12.618 1.00 20.39 ? 12  ASN A N   1 
ATOM   70  C  CA  . ASN A 1 15  ? 4.732   -7.097  -13.515 1.00 20.30 ? 12  ASN A CA  1 
ATOM   71  C  C   . ASN A 1 15  ? 4.688   -5.563  -13.514 1.00 20.15 ? 12  ASN A C   1 
ATOM   72  O  O   . ASN A 1 15  ? 5.546   -4.885  -14.101 1.00 20.94 ? 12  ASN A O   1 
ATOM   73  C  CB  . ASN A 1 15  ? 4.551   -7.654  -14.916 1.00 21.72 ? 12  ASN A CB  1 
ATOM   74  C  CG  . ASN A 1 15  ? 5.084   -9.077  -15.013 1.00 25.39 ? 12  ASN A CG  1 
ATOM   75  O  OD1 . ASN A 1 15  ? 6.284   -9.269  -15.077 1.00 28.42 ? 12  ASN A OD1 1 
ATOM   76  N  ND2 . ASN A 1 15  ? 4.206   -10.069 -14.927 1.00 26.41 ? 12  ASN A ND2 1 
HETATM 77  N  N   . MSE A 1 16  ? 3.678   -5.009  -12.883 1.00 18.62 ? 13  MSE A N   1 
HETATM 78  C  CA  A MSE A 1 16  ? 3.549   -3.563  -12.897 0.60 17.51 ? 13  MSE A CA  1 
HETATM 79  C  CA  B MSE A 1 16  ? 3.460   -3.558  -12.769 0.40 19.12 ? 13  MSE A CA  1 
HETATM 80  C  C   . MSE A 1 16  ? 4.593   -2.928  -11.970 1.00 17.48 ? 13  MSE A C   1 
HETATM 81  O  O   . MSE A 1 16  ? 5.100   -3.554  -11.013 1.00 18.13 ? 13  MSE A O   1 
HETATM 82  C  CB  A MSE A 1 16  ? 2.160   -3.141  -12.482 0.60 16.98 ? 13  MSE A CB  1 
HETATM 83  C  CB  B MSE A 1 16  ? 2.171   -3.282  -11.987 0.40 19.20 ? 13  MSE A CB  1 
HETATM 84  C  CG  A MSE A 1 16  ? 1.789   -3.579  -11.053 0.60 13.11 ? 13  MSE A CG  1 
HETATM 85  C  CG  B MSE A 1 16  ? 0.876   -3.109  -12.786 0.40 20.80 ? 13  MSE A CG  1 
HETATM 86  SE SE  A MSE A 1 16  ? 0.111   -2.802  -10.507 0.39 18.91 ? 13  MSE A SE  1 
HETATM 87  SE SE  B MSE A 1 16  ? -0.712  -3.115  -11.586 0.26 22.37 ? 13  MSE A SE  1 
HETATM 88  C  CE  A MSE A 1 16  ? -0.860  -2.796  -12.218 0.60 9.87  ? 13  MSE A CE  1 
HETATM 89  C  CE  B MSE A 1 16  ? 0.149   -2.696  -9.899  0.40 20.53 ? 13  MSE A CE  1 
ATOM   90  N  N   . VAL A 1 17  ? 4.941   -1.685  -12.291 1.00 15.97 ? 14  VAL A N   1 
ATOM   91  C  CA  A VAL A 1 17  ? 5.898   -0.901  -11.510 0.70 17.58 ? 14  VAL A CA  1 
ATOM   92  C  CA  B VAL A 1 17  ? 5.908   -0.960  -11.453 0.30 16.45 ? 14  VAL A CA  1 
ATOM   93  C  C   . VAL A 1 17  ? 5.248   -0.314  -10.255 1.00 17.12 ? 14  VAL A C   1 
ATOM   94  O  O   . VAL A 1 17  ? 5.886   -0.124  -9.223  1.00 18.71 ? 14  VAL A O   1 
ATOM   95  C  CB  A VAL A 1 17  ? 6.504   0.165   -12.437 0.70 16.67 ? 14  VAL A CB  1 
ATOM   96  C  CB  B VAL A 1 17  ? 6.733   0.113   -12.201 0.30 16.14 ? 14  VAL A CB  1 
ATOM   97  C  CG1 A VAL A 1 17  ? 7.508   1.080   -11.714 0.70 19.54 ? 14  VAL A CG1 1 
ATOM   98  C  CG1 B VAL A 1 17  ? 7.716   -0.539  -13.170 0.30 16.29 ? 14  VAL A CG1 1 
ATOM   99  C  CG2 A VAL A 1 17  ? 7.254   -0.569  -13.535 0.70 20.25 ? 14  VAL A CG2 1 
ATOM   100 C  CG2 B VAL A 1 17  ? 5.847   1.197   -12.838 0.30 13.13 ? 14  VAL A CG2 1 
ATOM   101 N  N   . THR A 1 18  ? 3.969   0.021   -10.385 1.00 16.47 ? 15  THR A N   1 
ATOM   102 C  CA  . THR A 1 18  ? 3.209   0.562   -9.261  1.00 17.46 ? 15  THR A CA  1 
ATOM   103 C  C   . THR A 1 18  ? 3.114   -0.434  -8.084  1.00 18.00 ? 15  THR A C   1 
ATOM   104 O  O   . THR A 1 18  ? 2.672   -1.576  -8.255  1.00 17.10 ? 15  THR A O   1 
ATOM   105 C  CB  . THR A 1 18  ? 1.752   0.992   -9.734  1.00 16.80 ? 15  THR A CB  1 
ATOM   106 O  OG1 . THR A 1 18  ? 1.894   1.992   -10.771 1.00 17.24 ? 15  THR A OG1 1 
ATOM   107 C  CG2 . THR A 1 18  ? 0.912   1.560   -8.509  1.00 15.54 ? 15  THR A CG2 1 
ATOM   108 N  N   . ALA A 1 19  ? 3.561   0.003   -6.901  1.00 18.04 ? 16  ALA A N   1 
ATOM   109 C  CA  . ALA A 1 19  ? 3.416   -0.793  -5.676  1.00 17.30 ? 16  ALA A CA  1 
ATOM   110 C  C   . ALA A 1 19  ? 1.959   -0.768  -5.214  1.00 18.24 ? 16  ALA A C   1 
ATOM   111 O  O   . ALA A 1 19  ? 1.345   0.309   -5.093  1.00 16.69 ? 16  ALA A O   1 
ATOM   112 C  CB  . ALA A 1 19  ? 4.342   -0.224  -4.569  1.00 17.93 ? 16  ALA A CB  1 
ATOM   113 N  N   . THR A 1 20  ? 1.398   -1.952  -4.948  1.00 17.59 ? 17  THR A N   1 
ATOM   114 C  CA  A THR A 1 20  ? 0.003   -2.051  -4.500  0.50 18.68 ? 17  THR A CA  1 
ATOM   115 C  CA  B THR A 1 20  ? 0.017   -2.048  -4.548  0.50 19.07 ? 17  THR A CA  1 
ATOM   116 C  C   . THR A 1 20  ? -0.112  -2.872  -3.234  1.00 19.69 ? 17  THR A C   1 
ATOM   117 O  O   . THR A 1 20  ? 0.493   -3.946  -3.102  1.00 20.30 ? 17  THR A O   1 
ATOM   118 C  CB  A THR A 1 20  ? -0.932  -2.762  -5.481  0.50 19.61 ? 17  THR A CB  1 
ATOM   119 C  CB  B THR A 1 20  ? -0.810  -2.558  -5.765  0.50 19.90 ? 17  THR A CB  1 
ATOM   120 O  OG1 A THR A 1 20  ? -0.513  -4.123  -5.609  0.50 17.97 ? 17  THR A OG1 1 
ATOM   121 O  OG1 B THR A 1 20  ? -0.584  -1.682  -6.881  0.50 20.43 ? 17  THR A OG1 1 
ATOM   122 C  CG2 A THR A 1 20  ? -1.001  -2.071  -6.825  0.50 19.86 ? 17  THR A CG2 1 
ATOM   123 C  CG2 B THR A 1 20  ? -2.275  -2.582  -5.482  0.50 20.84 ? 17  THR A CG2 1 
ATOM   124 N  N   . LEU A 1 21  ? -0.858  -2.345  -2.259  1.00 19.72 ? 18  LEU A N   1 
ATOM   125 C  CA  . LEU A 1 21  ? -1.141  -3.088  -1.013  1.00 20.02 ? 18  LEU A CA  1 
ATOM   126 C  C   . LEU A 1 21  ? -2.667  -3.041  -0.836  1.00 19.30 ? 18  LEU A C   1 
ATOM   127 O  O   . LEU A 1 21  ? -3.316  -2.064  -1.267  1.00 19.27 ? 18  LEU A O   1 
ATOM   128 C  CB  . LEU A 1 21  ? -0.533  -2.399  0.231   1.00 20.66 ? 18  LEU A CB  1 
ATOM   129 C  CG  . LEU A 1 21  ? 0.969   -2.242  0.478   1.00 21.63 ? 18  LEU A CG  1 
ATOM   130 C  CD1 . LEU A 1 21  ? 1.283   -1.360  1.728   1.00 22.49 ? 18  LEU A CD1 1 
ATOM   131 C  CD2 . LEU A 1 21  ? 1.676   -3.599  0.534   1.00 22.87 ? 18  LEU A CD2 1 
ATOM   132 N  N   . ILE A 1 22  ? -3.239  -4.086  -0.230  1.00 19.18 ? 19  ILE A N   1 
ATOM   133 C  CA  A ILE A 1 22  ? -4.600  -4.024  0.271   0.60 20.10 ? 19  ILE A CA  1 
ATOM   134 C  CA  B ILE A 1 22  ? -4.591  -3.953  0.287   0.40 19.51 ? 19  ILE A CA  1 
ATOM   135 C  C   . ILE A 1 22  ? -4.459  -3.991  1.790   1.00 19.80 ? 19  ILE A C   1 
ATOM   136 O  O   . ILE A 1 22  ? -3.757  -4.853  2.352   1.00 19.49 ? 19  ILE A O   1 
ATOM   137 C  CB  A ILE A 1 22  ? -5.431  -5.256  -0.196  0.60 19.58 ? 19  ILE A CB  1 
ATOM   138 C  CB  B ILE A 1 22  ? -5.574  -5.047  -0.170  0.40 18.83 ? 19  ILE A CB  1 
ATOM   139 C  CG1 A ILE A 1 22  ? -5.586  -5.238  -1.736  0.60 22.23 ? 19  ILE A CG1 1 
ATOM   140 C  CG1 B ILE A 1 22  ? -5.633  -5.128  -1.698  0.40 19.84 ? 19  ILE A CG1 1 
ATOM   141 C  CG2 A ILE A 1 22  ? -6.820  -5.335  0.480   0.60 22.09 ? 19  ILE A CG2 1 
ATOM   142 C  CG2 B ILE A 1 22  ? -7.001  -4.768  0.380   0.40 20.38 ? 19  ILE A CG2 1 
ATOM   143 C  CD1 A ILE A 1 22  ? -6.452  -4.109  -2.255  0.60 22.65 ? 19  ILE A CD1 1 
ATOM   144 C  CD1 B ILE A 1 22  ? -6.553  -6.204  -2.151  0.40 15.40 ? 19  ILE A CD1 1 
ATOM   145 N  N   . LEU A 1 23  ? -5.094  -3.014  2.435   1.00 18.92 ? 20  LEU A N   1 
ATOM   146 C  CA  . LEU A 1 23  ? -5.130  -2.957  3.923   1.00 20.76 ? 20  LEU A CA  1 
ATOM   147 C  C   . LEU A 1 23  ? -6.534  -3.141  4.381   1.00 22.09 ? 20  LEU A C   1 
ATOM   148 O  O   . LEU A 1 23  ? -7.458  -2.540  3.813   1.00 22.78 ? 20  LEU A O   1 
ATOM   149 C  CB  . LEU A 1 23  ? -4.692  -1.578  4.461   1.00 20.81 ? 20  LEU A CB  1 
ATOM   150 C  CG  . LEU A 1 23  ? -3.394  -0.994  3.911   1.00 21.47 ? 20  LEU A CG  1 
ATOM   151 C  CD1 . LEU A 1 23  ? -3.118  0.411   4.459   1.00 21.58 ? 20  LEU A CD1 1 
ATOM   152 C  CD2 . LEU A 1 23  ? -2.262  -1.925  4.257   1.00 22.15 ? 20  LEU A CD2 1 
ATOM   153 N  N   . ASP A 1 24  ? -6.722  -3.890  5.469   1.00 23.03 ? 21  ASP A N   1 
ATOM   154 C  CA  . ASP A 1 24  ? -8.061  -3.912  6.033   1.00 24.91 ? 21  ASP A CA  1 
ATOM   155 C  C   . ASP A 1 24  ? -8.255  -2.640  6.869   1.00 26.76 ? 21  ASP A C   1 
ATOM   156 O  O   . ASP A 1 24  ? -7.328  -1.836  7.008   1.00 26.81 ? 21  ASP A O   1 
ATOM   157 C  CB  . ASP A 1 24  ? -8.342  -5.243  6.796   1.00 26.04 ? 21  ASP A CB  1 
ATOM   158 C  CG  . ASP A 1 24  ? -7.474  -5.425  8.036   1.00 25.79 ? 21  ASP A CG  1 
ATOM   159 O  OD1 . ASP A 1 24  ? -6.965  -4.442  8.619   1.00 26.03 ? 21  ASP A OD1 1 
ATOM   160 O  OD2 . ASP A 1 24  ? -7.302  -6.596  8.445   1.00 28.12 ? 21  ASP A OD2 1 
ATOM   161 N  N   . ASP A 1 25  ? -9.436  -2.439  7.437   1.00 28.92 ? 22  ASP A N   1 
ATOM   162 C  CA  . ASP A 1 25  ? -9.686  -1.164  8.125   1.00 30.87 ? 22  ASP A CA  1 
ATOM   163 C  C   . ASP A 1 25  ? -8.997  -1.024  9.500   1.00 30.91 ? 22  ASP A C   1 
ATOM   164 O  O   . ASP A 1 25  ? -9.049  0.063   10.131  1.00 32.72 ? 22  ASP A O   1 
ATOM   165 C  CB  . ASP A 1 25  ? -11.189 -0.858  8.183   1.00 31.80 ? 22  ASP A CB  1 
ATOM   166 C  CG  . ASP A 1 25  ? -11.943 -1.861  8.998   1.00 33.56 ? 22  ASP A CG  1 
ATOM   167 O  OD1 . ASP A 1 25  ? -11.313 -2.618  9.787   1.00 34.61 ? 22  ASP A OD1 1 
ATOM   168 O  OD2 . ASP A 1 25  ? -13.176 -1.900  8.832   1.00 37.51 ? 22  ASP A OD2 1 
ATOM   169 N  N   . GLY A 1 26  ? -8.356  -2.102  9.972   1.00 29.79 ? 23  GLY A N   1 
ATOM   170 C  CA  . GLY A 1 26  ? -7.411  -1.960  11.057  1.00 29.07 ? 23  GLY A CA  1 
ATOM   171 C  C   . GLY A 1 26  ? -5.991  -1.692  10.618  1.00 28.17 ? 23  GLY A C   1 
ATOM   172 O  O   . GLY A 1 26  ? -5.100  -1.662  11.455  1.00 27.98 ? 23  GLY A O   1 
ATOM   173 N  N   . LEU A 1 27  ? -5.786  -1.486  9.297   1.00 26.70 ? 24  LEU A N   1 
ATOM   174 C  CA  . LEU A 1 27  ? -4.495  -1.224  8.677   1.00 27.03 ? 24  LEU A CA  1 
ATOM   175 C  C   . LEU A 1 27  ? -3.543  -2.442  8.632   1.00 24.97 ? 24  LEU A C   1 
ATOM   176 O  O   . LEU A 1 27  ? -2.330  -2.258  8.460   1.00 26.76 ? 24  LEU A O   1 
ATOM   177 C  CB  . LEU A 1 27  ? -3.808  0.043   9.256   1.00 27.39 ? 24  LEU A CB  1 
ATOM   178 C  CG  . LEU A 1 27  ? -4.688  1.310   9.184   1.00 29.58 ? 24  LEU A CG  1 
ATOM   179 C  CD1 . LEU A 1 27  ? -3.959  2.558   9.691   1.00 34.40 ? 24  LEU A CD1 1 
ATOM   180 C  CD2 . LEU A 1 27  ? -5.176  1.540   7.738   1.00 26.88 ? 24  LEU A CD2 1 
ATOM   181 N  N   . ALA A 1 28  ? -4.094  -3.645  8.723   1.00 23.04 ? 25  ALA A N   1 
ATOM   182 C  CA  . ALA A 1 28  ? -3.337  -4.889  8.479   1.00 22.22 ? 25  ALA A CA  1 
ATOM   183 C  C   . ALA A 1 28  ? -3.173  -5.096  6.956   1.00 22.54 ? 25  ALA A C   1 
ATOM   184 O  O   . ALA A 1 28  ? -4.130  -4.940  6.198   1.00 21.62 ? 25  ALA A O   1 
ATOM   185 C  CB  . ALA A 1 28  ? -4.037  -6.106  9.062   1.00 23.79 ? 25  ALA A CB  1 
ATOM   186 N  N   . ILE A 1 29  ? -1.984  -5.480  6.531   1.00 21.88 ? 26  ILE A N   1 
ATOM   187 C  CA  . ILE A 1 29  ? -1.747  -5.759  5.094   1.00 22.23 ? 26  ILE A CA  1 
ATOM   188 C  C   . ILE A 1 29  ? -2.290  -7.134  4.710   1.00 22.81 ? 26  ILE A C   1 
ATOM   189 O  O   . ILE A 1 29  ? -1.894  -8.152  5.306   1.00 23.56 ? 26  ILE A O   1 
ATOM   190 C  CB  . ILE A 1 29  ? -0.287  -5.619  4.771   1.00 23.18 ? 26  ILE A CB  1 
ATOM   191 C  CG1 . ILE A 1 29  ? 0.152   -4.166  5.021   1.00 25.18 ? 26  ILE A CG1 1 
ATOM   192 C  CG2 . ILE A 1 29  ? -0.018  -5.995  3.309   1.00 22.58 ? 26  ILE A CG2 1 
ATOM   193 C  CD1 . ILE A 1 29  ? 1.575   -4.061  5.489   1.00 26.33 ? 26  ILE A CD1 1 
ATOM   194 N  N   . ARG A 1 30  ? -3.206  -7.163  3.752   1.00 20.35 ? 27  ARG A N   1 
ATOM   195 C  CA  . ARG A 1 30  ? -3.850  -8.381  3.341   1.00 21.25 ? 27  ARG A CA  1 
ATOM   196 C  C   . ARG A 1 30  ? -3.387  -8.849  1.961   1.00 21.35 ? 27  ARG A C   1 
ATOM   197 O  O   . ARG A 1 30  ? -3.623  -9.992  1.573   1.00 21.53 ? 27  ARG A O   1 
ATOM   198 C  CB  . ARG A 1 30  ? -5.393  -8.190  3.389   1.00 22.32 ? 27  ARG A CB  1 
ATOM   199 C  CG  . ARG A 1 30  ? -5.951  -7.700  4.715   1.00 21.10 ? 27  ARG A CG  1 
ATOM   200 C  CD  . ARG A 1 30  ? -5.627  -8.704  5.902   1.00 26.14 ? 27  ARG A CD  1 
ATOM   201 N  NE  . ARG A 1 30  ? -6.410  -9.890  5.616   1.00 28.26 ? 27  ARG A NE  1 
ATOM   202 C  CZ  . ARG A 1 30  ? -7.682  -10.030 5.961   1.00 30.84 ? 27  ARG A CZ  1 
ATOM   203 N  NH1 . ARG A 1 30  ? -8.282  -9.087  6.699   1.00 33.37 ? 27  ARG A NH1 1 
ATOM   204 N  NH2 . ARG A 1 30  ? -8.336  -11.113 5.583   1.00 30.80 ? 27  ARG A NH2 1 
ATOM   205 N  N   . TYR A 1 31  ? -2.723  -7.949  1.208   1.00 21.47 ? 28  TYR A N   1 
ATOM   206 C  CA  . TYR A 1 31  ? -2.203  -8.288  -0.132  1.00 21.03 ? 28  TYR A CA  1 
ATOM   207 C  C   . TYR A 1 31  ? -1.029  -7.338  -0.436  1.00 21.26 ? 28  TYR A C   1 
ATOM   208 O  O   . TYR A 1 31  ? -1.094  -6.137  -0.051  1.00 20.25 ? 28  TYR A O   1 
ATOM   209 C  CB  . TYR A 1 31  ? -3.309  -8.113  -1.191  1.00 22.45 ? 28  TYR A CB  1 
ATOM   210 C  CG  . TYR A 1 31  ? -2.752  -8.206  -2.611  1.00 23.31 ? 28  TYR A CG  1 
ATOM   211 C  CD1 . TYR A 1 31  ? -2.564  -9.446  -3.216  1.00 25.47 ? 28  TYR A CD1 1 
ATOM   212 C  CD2 . TYR A 1 31  ? -2.353  -7.045  -3.306  1.00 22.96 ? 28  TYR A CD2 1 
ATOM   213 C  CE1 . TYR A 1 31  ? -1.997  -9.560  -4.514  1.00 25.51 ? 28  TYR A CE1 1 
ATOM   214 C  CE2 . TYR A 1 31  ? -1.767  -7.127  -4.571  1.00 23.16 ? 28  TYR A CE2 1 
ATOM   215 C  CZ  . TYR A 1 31  ? -1.607  -8.377  -5.178  1.00 25.10 ? 28  TYR A CZ  1 
ATOM   216 O  OH  . TYR A 1 31  ? -1.045  -8.451  -6.432  1.00 27.72 ? 28  TYR A OH  1 
ATOM   217 N  N   . ALA A 1 32  ? 0.017   -7.831  -1.129  1.00 21.18 ? 29  ALA A N   1 
ATOM   218 C  CA  . ALA A 1 32  ? 1.037   -6.927  -1.694  1.00 21.79 ? 29  ALA A CA  1 
ATOM   219 C  C   . ALA A 1 32  ? 1.496   -7.507  -3.021  1.00 21.87 ? 29  ALA A C   1 
ATOM   220 O  O   . ALA A 1 32  ? 1.640   -8.717  -3.143  1.00 22.20 ? 29  ALA A O   1 
ATOM   221 C  CB  . ALA A 1 32  ? 2.234   -6.811  -0.769  1.00 23.84 ? 29  ALA A CB  1 
ATOM   222 N  N   . ASN A 1 33  ? 1.789   -6.650  -3.990  1.00 19.22 ? 30  ASN A N   1 
ATOM   223 C  CA  . ASN A 1 33  ? 2.304   -7.165  -5.237  1.00 18.41 ? 30  ASN A CA  1 
ATOM   224 C  C   . ASN A 1 33  ? 3.848   -7.128  -5.207  1.00 20.13 ? 30  ASN A C   1 
ATOM   225 O  O   . ASN A 1 33  ? 4.418   -6.626  -4.240  1.00 19.10 ? 30  ASN A O   1 
ATOM   226 C  CB  . ASN A 1 33  ? 1.677   -6.379  -6.415  1.00 17.62 ? 30  ASN A CB  1 
ATOM   227 C  CG  . ASN A 1 33  ? 2.216   -5.002  -6.581  1.00 17.83 ? 30  ASN A CG  1 
ATOM   228 O  OD1 . ASN A 1 33  ? 2.723   -4.400  -5.631  1.00 17.01 ? 30  ASN A OD1 1 
ATOM   229 N  ND2 . ASN A 1 33  ? 2.024   -4.418  -7.800  1.00 16.04 ? 30  ASN A ND2 1 
ATOM   230 N  N   . PRO A 1 34  ? 4.519   -7.736  -6.213  1.00 21.19 ? 31  PRO A N   1 
ATOM   231 C  CA  . PRO A 1 34  ? 5.994   -7.679  -6.244  1.00 22.18 ? 31  PRO A CA  1 
ATOM   232 C  C   . PRO A 1 34  ? 6.563   -6.264  -6.180  1.00 22.82 ? 31  PRO A C   1 
ATOM   233 O  O   . PRO A 1 34  ? 7.554   -6.065  -5.472  1.00 22.87 ? 31  PRO A O   1 
ATOM   234 C  CB  . PRO A 1 34  ? 6.377   -8.401  -7.562  1.00 22.83 ? 31  PRO A CB  1 
ATOM   235 C  CG  . PRO A 1 34  ? 5.264   -9.408  -7.728  1.00 22.13 ? 31  PRO A CG  1 
ATOM   236 C  CD  . PRO A 1 34  ? 3.996   -8.625  -7.260  1.00 20.79 ? 31  PRO A CD  1 
ATOM   237 N  N   . ALA A 1 35  ? 5.923   -5.268  -6.815  1.00 20.40 ? 32  ALA A N   1 
ATOM   238 C  CA  . ALA A 1 35  ? 6.460   -3.934  -6.726  1.00 20.40 ? 32  ALA A CA  1 
ATOM   239 C  C   . ALA A 1 35  ? 6.474   -3.455  -5.265  1.00 21.50 ? 32  ALA A C   1 
ATOM   240 O  O   . ALA A 1 35  ? 7.405   -2.751  -4.861  1.00 21.49 ? 32  ALA A O   1 
ATOM   241 C  CB  . ALA A 1 35  ? 5.646   -2.990  -7.578  1.00 19.59 ? 32  ALA A CB  1 
ATOM   242 N  N   . ALA A 1 36  ? 5.417   -3.746  -4.509  1.00 21.37 ? 33  ALA A N   1 
ATOM   243 C  CA  . ALA A 1 36  ? 5.362   -3.394  -3.076  1.00 24.82 ? 33  ALA A CA  1 
ATOM   244 C  C   . ALA A 1 36  ? 6.441   -4.109  -2.250  1.00 28.15 ? 33  ALA A C   1 
ATOM   245 O  O   . ALA A 1 36  ? 7.095   -3.484  -1.422  1.00 26.91 ? 33  ALA A O   1 
ATOM   246 C  CB  . ALA A 1 36  ? 3.958   -3.611  -2.483  1.00 23.65 ? 33  ALA A CB  1 
ATOM   247 N  N   . GLU A 1 37  ? 6.614   -5.411  -2.480  1.00 31.41 ? 34  GLU A N   1 
ATOM   248 C  CA  A GLU A 1 37  ? 7.683   -6.203  -1.870  0.60 33.94 ? 34  GLU A CA  1 
ATOM   249 C  CA  B GLU A 1 37  ? 7.670   -6.143  -1.803  0.40 33.46 ? 34  GLU A CA  1 
ATOM   250 C  C   . GLU A 1 37  ? 9.040   -5.517  -2.078  1.00 34.30 ? 34  GLU A C   1 
ATOM   251 O  O   . GLU A 1 37  ? 9.865   -5.420  -1.156  1.00 35.67 ? 34  GLU A O   1 
ATOM   252 C  CB  A GLU A 1 37  ? 7.751   -7.567  -2.535  0.60 33.70 ? 34  GLU A CB  1 
ATOM   253 C  CB  B GLU A 1 37  ? 7.654   -7.596  -2.230  0.40 33.46 ? 34  GLU A CB  1 
ATOM   254 C  CG  A GLU A 1 37  ? 6.669   -8.557  -2.181  0.60 34.65 ? 34  GLU A CG  1 
ATOM   255 C  CG  B GLU A 1 37  ? 6.307   -8.239  -2.073  0.40 34.39 ? 34  GLU A CG  1 
ATOM   256 C  CD  A GLU A 1 37  ? 6.952   -9.935  -2.825  0.60 35.28 ? 34  GLU A CD  1 
ATOM   257 C  CD  B GLU A 1 37  ? 6.176   -9.519  -2.871  0.40 37.41 ? 34  GLU A CD  1 
ATOM   258 O  OE1 A GLU A 1 37  ? 6.525   -10.163 -3.977  0.60 39.86 ? 34  GLU A OE1 1 
ATOM   259 O  OE1 B GLU A 1 37  ? 7.156   -9.958  -3.525  0.40 37.64 ? 34  GLU A OE1 1 
ATOM   260 O  OE2 A GLU A 1 37  ? 7.614   -10.783 -2.188  0.60 34.25 ? 34  GLU A OE2 1 
ATOM   261 O  OE2 B GLU A 1 37  ? 5.078   -10.108 -2.829  0.40 37.46 ? 34  GLU A OE2 1 
ATOM   262 N  N   . LEU A 1 38  ? 9.289   -5.116  -3.323  1.00 34.80 ? 35  LEU A N   1 
ATOM   263 C  CA  A LEU A 1 38  ? 10.552  -4.448  -3.693  0.60 35.22 ? 35  LEU A CA  1 
ATOM   264 C  CA  B LEU A 1 38  ? 10.547  -4.458  -3.698  0.40 35.01 ? 35  LEU A CA  1 
ATOM   265 C  C   . LEU A 1 38  ? 10.689  -3.118  -2.999  1.00 35.04 ? 35  LEU A C   1 
ATOM   266 O  O   . LEU A 1 38  ? 11.765  -2.794  -2.497  1.00 35.39 ? 35  LEU A O   1 
ATOM   267 C  CB  A LEU A 1 38  ? 10.662  -4.236  -5.205  0.60 35.08 ? 35  LEU A CB  1 
ATOM   268 C  CB  B LEU A 1 38  ? 10.620  -4.269  -5.216  0.40 34.88 ? 35  LEU A CB  1 
ATOM   269 C  CG  A LEU A 1 38  ? 11.109  -5.445  -6.028  0.60 35.89 ? 35  LEU A CG  1 
ATOM   270 C  CG  B LEU A 1 38  ? 11.757  -3.466  -5.851  0.40 34.88 ? 35  LEU A CG  1 
ATOM   271 C  CD1 A LEU A 1 38  ? 10.849  -5.242  -7.524  0.60 35.42 ? 35  LEU A CD1 1 
ATOM   272 C  CD1 B LEU A 1 38  ? 13.113  -4.135  -5.630  0.40 34.65 ? 35  LEU A CD1 1 
ATOM   273 C  CD2 A LEU A 1 38  ? 12.586  -5.782  -5.742  0.60 36.21 ? 35  LEU A CD2 1 
ATOM   274 C  CD2 B LEU A 1 38  ? 11.471  -3.294  -7.324  0.40 34.88 ? 35  LEU A CD2 1 
ATOM   275 N  N   . LEU A 1 39  ? 9.599   -2.352  -2.979  1.00 35.41 ? 36  LEU A N   1 
ATOM   276 C  CA  . LEU A 1 39  ? 9.598   -1.018  -2.383  1.00 35.50 ? 36  LEU A CA  1 
ATOM   277 C  C   . LEU A 1 39  ? 9.928   -1.084  -0.903  1.00 36.28 ? 36  LEU A C   1 
ATOM   278 O  O   . LEU A 1 39  ? 10.734  -0.289  -0.403  1.00 37.13 ? 36  LEU A O   1 
ATOM   279 C  CB  . LEU A 1 39  ? 8.248   -0.312  -2.593  1.00 34.62 ? 36  LEU A CB  1 
ATOM   280 C  CG  . LEU A 1 39  ? 8.081   1.123   -2.081  1.00 33.53 ? 36  LEU A CG  1 
ATOM   281 C  CD1 . LEU A 1 39  ? 9.058   2.115   -2.778  1.00 33.89 ? 36  LEU A CD1 1 
ATOM   282 C  CD2 . LEU A 1 39  ? 6.636   1.543   -2.305  1.00 34.16 ? 36  LEU A CD2 1 
ATOM   283 N  N   . PHE A 1 40  ? 9.306   -2.031  -0.204  1.00 37.25 ? 37  PHE A N   1 
ATOM   284 C  CA  . PHE A 1 40  ? 9.535   -2.202  1.225   1.00 38.52 ? 37  PHE A CA  1 
ATOM   285 C  C   . PHE A 1 40  ? 10.734  -3.135  1.569   1.00 39.43 ? 37  PHE A C   1 
ATOM   286 O  O   . PHE A 1 40  ? 11.045  -3.346  2.752   1.00 40.51 ? 37  PHE A O   1 
ATOM   287 C  CB  . PHE A 1 40  ? 8.219   -2.606  1.895   1.00 38.17 ? 37  PHE A CB  1 
ATOM   288 C  CG  . PHE A 1 40  ? 7.182   -1.519  1.846   1.00 38.60 ? 37  PHE A CG  1 
ATOM   289 C  CD1 . PHE A 1 40  ? 7.273   -0.423  2.692   1.00 38.67 ? 37  PHE A CD1 1 
ATOM   290 C  CD2 . PHE A 1 40  ? 6.133   -1.560  0.924   1.00 38.95 ? 37  PHE A CD2 1 
ATOM   291 C  CE1 . PHE A 1 40  ? 6.330   0.616   2.627   1.00 37.47 ? 37  PHE A CE1 1 
ATOM   292 C  CE2 . PHE A 1 40  ? 5.204   -0.532  0.845   1.00 37.41 ? 37  PHE A CE2 1 
ATOM   293 C  CZ  . PHE A 1 40  ? 5.284   0.555   1.702   1.00 39.21 ? 37  PHE A CZ  1 
ATOM   294 N  N   . SER A 1 41  ? 11.413  -3.640  0.527   1.00 40.57 ? 38  SER A N   1 
ATOM   295 C  CA  . SER A 1 41  ? 12.580  -4.540  0.624   1.00 41.68 ? 38  SER A CA  1 
ATOM   296 C  C   . SER A 1 41  ? 12.316  -5.745  1.524   1.00 42.27 ? 38  SER A C   1 
ATOM   297 O  O   . SER A 1 41  ? 13.145  -6.090  2.383   1.00 41.42 ? 38  SER A O   1 
ATOM   298 C  CB  . SER A 1 41  ? 13.851  -3.796  1.124   1.00 42.50 ? 38  SER A CB  1 
ATOM   299 O  OG  . SER A 1 41  ? 14.093  -2.609  0.384   1.00 44.34 ? 38  SER A OG  1 
ATOM   300 N  N   . GLN A 1 42  ? 11.164  -6.371  1.328   1.00 42.57 ? 39  GLN A N   1 
ATOM   301 C  CA  . GLN A 1 42  ? 10.680  -7.443  2.206   1.00 43.83 ? 39  GLN A CA  1 
ATOM   302 C  C   . GLN A 1 42  ? 9.775   -8.380  1.425   1.00 44.09 ? 39  GLN A C   1 
ATOM   303 O  O   . GLN A 1 42  ? 8.959   -7.902  0.627   1.00 42.94 ? 39  GLN A O   1 
ATOM   304 C  CB  . GLN A 1 42  ? 9.901   -6.867  3.385   1.00 43.89 ? 39  GLN A CB  1 
ATOM   305 C  CG  . GLN A 1 42  ? 10.740  -6.605  4.619   1.00 46.57 ? 39  GLN A CG  1 
ATOM   306 C  CD  . GLN A 1 42  ? 9.894   -6.154  5.798   1.00 47.74 ? 39  GLN A CD  1 
ATOM   307 O  OE1 . GLN A 1 42  ? 8.808   -6.685  6.045   1.00 48.99 ? 39  GLN A OE1 1 
ATOM   308 N  NE2 . GLN A 1 42  ? 10.391  -5.162  6.528   1.00 49.97 ? 39  GLN A NE2 1 
ATOM   309 N  N   . SER A 1 43  ? 9.921   -9.694  1.644   1.00 44.23 ? 40  SER A N   1 
ATOM   310 C  CA  . SER A 1 43  ? 9.158   -10.691 0.881   1.00 44.87 ? 40  SER A CA  1 
ATOM   311 C  C   . SER A 1 43  ? 7.644   -10.540 1.135   1.00 45.66 ? 40  SER A C   1 
ATOM   312 O  O   . SER A 1 43  ? 7.251   -9.990  2.159   1.00 44.59 ? 40  SER A O   1 
ATOM   313 C  CB  . SER A 1 43  ? 9.624   -12.102 1.237   1.00 45.17 ? 40  SER A CB  1 
ATOM   314 O  OG  . SER A 1 43  ? 9.171   -12.494 2.527   1.00 43.96 ? 40  SER A OG  1 
ATOM   315 N  N   . ALA A 1 44  ? 6.806   -11.032 0.212   1.00 47.04 ? 41  ALA A N   1 
ATOM   316 C  CA  . ALA A 1 44  ? 5.334   -10.978 0.403   1.00 47.98 ? 41  ALA A CA  1 
ATOM   317 C  C   . ALA A 1 44  ? 4.932   -11.860 1.580   1.00 47.58 ? 41  ALA A C   1 
ATOM   318 O  O   . ALA A 1 44  ? 4.064   -11.482 2.367   1.00 47.96 ? 41  ALA A O   1 
ATOM   319 C  CB  . ALA A 1 44  ? 4.589   -11.435 -0.850  1.00 48.49 ? 41  ALA A CB  1 
ATOM   320 N  N   . LYS A 1 45  ? 5.572   -13.027 1.681   1.00 46.92 ? 42  LYS A N   1 
ATOM   321 C  CA  . LYS A 1 45  ? 5.371   -13.913 2.834   1.00 46.80 ? 42  LYS A CA  1 
ATOM   322 C  C   . LYS A 1 45  ? 5.596   -13.120 4.131   1.00 45.66 ? 42  LYS A C   1 
ATOM   323 O  O   . LYS A 1 45  ? 4.886   -13.327 5.121   1.00 46.23 ? 42  LYS A O   1 
ATOM   324 C  CB  . LYS A 1 45  ? 6.271   -15.166 2.765   1.00 47.12 ? 42  LYS A CB  1 
ATOM   325 C  CG  . LYS A 1 45  ? 5.718   -16.373 3.529   1.00 48.73 ? 42  LYS A CG  1 
ATOM   326 C  CD  . LYS A 1 45  ? 6.064   -16.321 5.027   1.00 51.37 ? 42  LYS A CD  1 
ATOM   327 C  CE  . LYS A 1 45  ? 4.865   -16.664 5.909   1.00 51.84 ? 42  LYS A CE  1 
ATOM   328 N  NZ  . LYS A 1 45  ? 5.258   -17.553 7.048   1.00 54.57 ? 42  LYS A NZ  1 
ATOM   329 N  N   . ARG A 1 46  ? 6.550   -12.189 4.093   1.00 44.39 ? 43  ARG A N   1 
ATOM   330 C  CA  A ARG A 1 46  ? 6.899   -11.377 5.259   0.70 43.53 ? 43  ARG A CA  1 
ATOM   331 C  CA  B ARG A 1 46  ? 6.888   -11.379 5.261   0.30 43.37 ? 43  ARG A CA  1 
ATOM   332 C  C   . ARG A 1 46  ? 5.982   -10.140 5.442   1.00 42.42 ? 43  ARG A C   1 
ATOM   333 O  O   . ARG A 1 46  ? 5.604   -9.823  6.569   1.00 43.03 ? 43  ARG A O   1 
ATOM   334 C  CB  A ARG A 1 46  ? 8.371   -10.972 5.192   0.70 43.50 ? 43  ARG A CB  1 
ATOM   335 C  CB  B ARG A 1 46  ? 8.369   -10.996 5.218   0.30 43.27 ? 43  ARG A CB  1 
ATOM   336 C  CG  A ARG A 1 46  ? 8.835   -10.102 6.320   0.70 44.91 ? 43  ARG A CG  1 
ATOM   337 C  CG  B ARG A 1 46  ? 9.053   -10.956 6.572   0.30 43.59 ? 43  ARG A CG  1 
ATOM   338 C  CD  A ARG A 1 46  ? 10.354  -10.043 6.360   0.70 47.18 ? 43  ARG A CD  1 
ATOM   339 C  CD  B ARG A 1 46  ? 10.412  -11.685 6.587   0.30 42.99 ? 43  ARG A CD  1 
ATOM   340 N  NE  A ARG A 1 46  ? 10.848  -9.504  7.625   0.70 48.32 ? 43  ARG A NE  1 
ATOM   341 N  NE  B ARG A 1 46  ? 11.022  -11.867 5.267   0.30 42.93 ? 43  ARG A NE  1 
ATOM   342 C  CZ  A ARG A 1 46  ? 12.129  -9.230  7.873   0.70 49.68 ? 43  ARG A CZ  1 
ATOM   343 C  CZ  B ARG A 1 46  ? 11.752  -10.955 4.624   0.30 43.35 ? 43  ARG A CZ  1 
ATOM   344 N  NH1 A ARG A 1 46  ? 12.487  -8.755  9.063   0.70 49.25 ? 43  ARG A NH1 1 
ATOM   345 N  NH1 B ARG A 1 46  ? 12.258  -11.238 3.429   0.30 42.89 ? 43  ARG A NH1 1 
ATOM   346 N  NH2 A ARG A 1 46  ? 13.054  -9.424  6.936   0.70 49.10 ? 43  ARG A NH2 1 
ATOM   347 N  NH2 B ARG A 1 46  ? 11.974  -9.761  5.160   0.30 43.59 ? 43  ARG A NH2 1 
ATOM   348 N  N   . ILE A 1 47  ? 5.615   -9.439  4.359   1.00 41.41 ? 44  ILE A N   1 
ATOM   349 C  CA  A ILE A 1 47  ? 4.824   -8.210  4.601   0.50 40.81 ? 44  ILE A CA  1 
ATOM   350 C  CA  B ILE A 1 47  ? 4.799   -8.196  4.433   0.50 40.74 ? 44  ILE A CA  1 
ATOM   351 C  C   . ILE A 1 47  ? 3.341   -8.441  4.846   1.00 39.74 ? 44  ILE A C   1 
ATOM   352 O  O   . ILE A 1 47  ? 2.717   -7.651  5.588   1.00 39.53 ? 44  ILE A O   1 
ATOM   353 C  CB  A ILE A 1 47  ? 5.139   -6.965  3.672   0.50 40.80 ? 44  ILE A CB  1 
ATOM   354 C  CB  B ILE A 1 47  ? 4.819   -7.410  3.083   0.50 40.44 ? 44  ILE A CB  1 
ATOM   355 C  CG1 A ILE A 1 47  ? 4.448   -7.028  2.317   0.50 41.08 ? 44  ILE A CG1 1 
ATOM   356 C  CG1 B ILE A 1 47  ? 6.243   -7.007  2.696   0.50 41.85 ? 44  ILE A CG1 1 
ATOM   357 C  CG2 A ILE A 1 47  ? 6.650   -6.738  3.548   0.50 42.35 ? 44  ILE A CG2 1 
ATOM   358 C  CG2 B ILE A 1 47  ? 3.973   -6.154  3.168   0.50 40.75 ? 44  ILE A CG2 1 
ATOM   359 C  CD1 A ILE A 1 47  ? 4.708   -5.762  1.479   0.50 40.51 ? 44  ILE A CD1 1 
ATOM   360 C  CD1 B ILE A 1 47  ? 6.322   -6.155  1.436   0.50 41.10 ? 44  ILE A CD1 1 
ATOM   361 N  N   . VAL A 1 48  ? 2.797   -9.530  4.332   1.00 38.74 ? 45  VAL A N   1 
ATOM   362 C  CA  . VAL A 1 48  ? 1.383   -9.809  4.509   1.00 37.73 ? 45  VAL A CA  1 
ATOM   363 C  C   . VAL A 1 48  ? 1.078   -10.200 5.968   1.00 37.27 ? 45  VAL A C   1 
ATOM   364 O  O   . VAL A 1 48  ? 1.856   -10.925 6.616   1.00 37.55 ? 45  VAL A O   1 
ATOM   365 C  CB  . VAL A 1 48  ? 0.911   -10.848 3.489   1.00 37.97 ? 45  VAL A CB  1 
ATOM   366 C  CG1 . VAL A 1 48  ? -0.353  -11.577 3.939   1.00 39.48 ? 45  VAL A CG1 1 
ATOM   367 C  CG2 . VAL A 1 48  ? 0.708   -10.176 2.159   1.00 37.47 ? 45  VAL A CG2 1 
ATOM   368 N  N   . GLU A 1 49  ? -0.058  -9.708  6.455   1.00 35.49 ? 46  GLU A N   1 
ATOM   369 C  CA  . GLU A 1 49  ? -0.492  -9.774  7.844   1.00 35.48 ? 46  GLU A CA  1 
ATOM   370 C  C   . GLU A 1 49  ? 0.264   -8.906  8.833   1.00 36.66 ? 46  GLU A C   1 
ATOM   371 O  O   . GLU A 1 49  ? -0.059  -8.952  10.007  1.00 38.12 ? 46  GLU A O   1 
ATOM   372 C  CB  . GLU A 1 49  ? -0.556  -11.214 8.372   1.00 34.86 ? 46  GLU A CB  1 
ATOM   373 C  CG  . GLU A 1 49  ? -1.399  -12.121 7.512   1.00 32.60 ? 46  GLU A CG  1 
ATOM   374 C  CD  . GLU A 1 49  ? -2.871  -11.737 7.520   1.00 33.90 ? 46  GLU A CD  1 
ATOM   375 O  OE1 . GLU A 1 49  ? -3.408  -11.045 8.413   1.00 37.99 ? 46  GLU A OE1 1 
ATOM   376 O  OE2 . GLU A 1 49  ? -3.522  -12.148 6.589   1.00 39.05 ? 46  GLU A OE2 1 
ATOM   377 N  N   . GLN A 1 50  ? 1.268   -8.150  8.386   1.00 36.70 ? 47  GLN A N   1 
ATOM   378 C  CA  . GLN A 1 50  ? 1.862   -7.109  9.238   1.00 37.31 ? 47  GLN A CA  1 
ATOM   379 C  C   . GLN A 1 50  ? 0.881   -5.952  9.321   1.00 35.95 ? 47  GLN A C   1 
ATOM   380 O  O   . GLN A 1 50  ? 0.123   -5.703  8.366   1.00 34.63 ? 47  GLN A O   1 
ATOM   381 C  CB  . GLN A 1 50  ? 3.177   -6.570  8.647   1.00 37.49 ? 47  GLN A CB  1 
ATOM   382 C  CG  . GLN A 1 50  ? 4.347   -7.501  8.825   1.00 42.33 ? 47  GLN A CG  1 
ATOM   383 C  CD  . GLN A 1 50  ? 5.681   -6.827  8.519   1.00 47.18 ? 47  GLN A CD  1 
ATOM   384 O  OE1 . GLN A 1 50  ? 5.999   -5.783  9.082   1.00 45.95 ? 47  GLN A OE1 1 
ATOM   385 N  NE2 . GLN A 1 50  ? 6.479   -7.444  7.635   1.00 48.55 ? 47  GLN A NE2 1 
ATOM   386 N  N   . SER A 1 51  ? 0.898   -5.254  10.456  1.00 33.78 ? 48  SER A N   1 
ATOM   387 C  CA  . SER A 1 51  ? 0.267   -3.961  10.557  1.00 33.01 ? 48  SER A CA  1 
ATOM   388 C  C   . SER A 1 51  ? 1.095   -2.965  9.709   1.00 31.86 ? 48  SER A C   1 
ATOM   389 O  O   . SER A 1 51  ? 2.331   -3.069  9.631   1.00 30.30 ? 48  SER A O   1 
ATOM   390 C  CB  . SER A 1 51  ? 0.283   -3.534  12.022  1.00 33.03 ? 48  SER A CB  1 
ATOM   391 O  OG  . SER A 1 51  ? -0.002  -2.158  12.144  1.00 35.94 ? 48  SER A OG  1 
ATOM   392 N  N   . LEU A 1 52  ? 0.439   -1.999  9.085   1.00 31.62 ? 49  LEU A N   1 
ATOM   393 C  CA  . LEU A 1 52  ? 1.150   -0.984  8.320   1.00 33.32 ? 49  LEU A CA  1 
ATOM   394 C  C   . LEU A 1 52  ? 2.206   -0.252  9.154   1.00 33.48 ? 49  LEU A C   1 
ATOM   395 O  O   . LEU A 1 52  ? 3.250   0.169   8.636   1.00 32.46 ? 49  LEU A O   1 
ATOM   396 C  CB  . LEU A 1 52  ? 0.157   0.040   7.760   1.00 34.43 ? 49  LEU A CB  1 
ATOM   397 C  CG  . LEU A 1 52  ? 0.688   1.132   6.815   1.00 36.10 ? 49  LEU A CG  1 
ATOM   398 C  CD1 . LEU A 1 52  ? 1.102   0.499   5.483   1.00 34.78 ? 49  LEU A CD1 1 
ATOM   399 C  CD2 . LEU A 1 52  ? -0.404  2.167   6.583   1.00 36.09 ? 49  LEU A CD2 1 
ATOM   400 N  N   . SER A 1 53  ? 1.925   -0.085  10.450  1.00 33.74 ? 50  SER A N   1 
ATOM   401 C  CA  . SER A 1 53  ? 2.864   0.612   11.325  1.00 34.75 ? 50  SER A CA  1 
ATOM   402 C  C   . SER A 1 53  ? 4.078   -0.229  11.716  1.00 36.86 ? 50  SER A C   1 
ATOM   403 O  O   . SER A 1 53  ? 5.064   0.317   12.220  1.00 37.39 ? 50  SER A O   1 
ATOM   404 C  CB  . SER A 1 53  ? 2.146   1.132   12.566  1.00 34.56 ? 50  SER A CB  1 
ATOM   405 O  OG  . SER A 1 53  ? 1.733   0.043   13.374  1.00 33.47 ? 50  SER A OG  1 
ATOM   406 N  N   . GLN A 1 54  ? 4.004   -1.553  11.500  1.00 37.41 ? 51  GLN A N   1 
ATOM   407 C  CA  . GLN A 1 54  ? 5.174   -2.435  11.636  1.00 39.39 ? 51  GLN A CA  1 
ATOM   408 C  C   . GLN A 1 54  ? 6.108   -2.265  10.437  1.00 38.53 ? 51  GLN A C   1 
ATOM   409 O  O   . GLN A 1 54  ? 7.307   -2.425  10.549  1.00 39.52 ? 51  GLN A O   1 
ATOM   410 C  CB  . GLN A 1 54  ? 4.766   -3.913  11.726  1.00 38.86 ? 51  GLN A CB  1 
ATOM   411 C  CG  . GLN A 1 54  ? 3.984   -4.352  12.977  1.00 42.91 ? 51  GLN A CG  1 
ATOM   412 C  CD  . GLN A 1 54  ? 3.394   -5.775  12.815  1.00 43.48 ? 51  GLN A CD  1 
ATOM   413 O  OE1 . GLN A 1 54  ? 2.193   -6.005  13.050  1.00 48.22 ? 51  GLN A OE1 1 
ATOM   414 N  NE2 . GLN A 1 54  ? 4.240   -6.729  12.395  1.00 47.49 ? 51  GLN A NE2 1 
ATOM   415 N  N   . LEU A 1 55  ? 5.542   -1.937  9.288   1.00 38.17 ? 52  LEU A N   1 
ATOM   416 C  CA  A LEU A 1 55  ? 6.302   -1.798  8.053   0.50 37.75 ? 52  LEU A CA  1 
ATOM   417 C  CA  B LEU A 1 55  ? 6.306   -1.778  8.053   0.50 38.33 ? 52  LEU A CA  1 
ATOM   418 C  C   . LEU A 1 55  ? 6.915   -0.401  7.913   1.00 38.32 ? 52  LEU A C   1 
ATOM   419 O  O   . LEU A 1 55  ? 8.033   -0.259  7.423   1.00 38.75 ? 52  LEU A O   1 
ATOM   420 C  CB  A LEU A 1 55  ? 5.382   -2.127  6.876   0.50 37.48 ? 52  LEU A CB  1 
ATOM   421 C  CB  B LEU A 1 55  ? 5.415   -2.040  6.845   0.50 38.23 ? 52  LEU A CB  1 
ATOM   422 C  CG  A LEU A 1 55  ? 5.895   -2.189  5.445   0.50 36.58 ? 52  LEU A CG  1 
ATOM   423 C  CG  B LEU A 1 55  ? 5.555   -3.358  6.109   0.50 39.39 ? 52  LEU A CG  1 
ATOM   424 C  CD1 A LEU A 1 55  ? 6.693   -3.458  5.218   0.50 36.87 ? 52  LEU A CD1 1 
ATOM   425 C  CD1 B LEU A 1 55  ? 5.104   -3.110  4.697   0.50 38.75 ? 52  LEU A CD1 1 
ATOM   426 C  CD2 A LEU A 1 55  ? 4.718   -2.153  4.481   0.50 37.07 ? 52  LEU A CD2 1 
ATOM   427 C  CD2 B LEU A 1 55  ? 7.003   -3.818  6.120   0.50 39.76 ? 52  LEU A CD2 1 
ATOM   428 N  N   . ILE A 1 56  ? 6.177   0.614   8.361   1.00 38.39 ? 53  ILE A N   1 
ATOM   429 C  CA  . ILE A 1 56  ? 6.544   2.031   8.239   1.00 38.21 ? 53  ILE A CA  1 
ATOM   430 C  C   . ILE A 1 56  ? 6.649   2.636   9.640   1.00 38.90 ? 53  ILE A C   1 
ATOM   431 O  O   . ILE A 1 56  ? 5.687   2.594   10.409  1.00 39.67 ? 53  ILE A O   1 
ATOM   432 C  CB  . ILE A 1 56  ? 5.454   2.803   7.432   1.00 38.11 ? 53  ILE A CB  1 
ATOM   433 C  CG1 . ILE A 1 56  ? 5.329   2.205   6.046   1.00 37.48 ? 53  ILE A CG1 1 
ATOM   434 C  CG2 . ILE A 1 56  ? 5.758   4.304   7.412   1.00 37.81 ? 53  ILE A CG2 1 
ATOM   435 C  CD1 . ILE A 1 56  ? 4.038   2.495   5.348   1.00 39.29 ? 53  ILE A CD1 1 
ATOM   436 N  N   . GLN A 1 57  ? 7.796   3.218   9.969   1.00 39.05 ? 54  GLN A N   1 
ATOM   437 C  CA  A GLN A 1 57  ? 8.034   3.698   11.339  0.60 39.46 ? 54  GLN A CA  1 
ATOM   438 C  CA  B GLN A 1 57  ? 8.039   3.703   11.335  0.40 38.80 ? 54  GLN A CA  1 
ATOM   439 C  C   . GLN A 1 57  ? 7.624   5.161   11.554  1.00 38.66 ? 54  GLN A C   1 
ATOM   440 O  O   . GLN A 1 57  ? 7.423   5.584   12.674  1.00 39.60 ? 54  GLN A O   1 
ATOM   441 C  CB  A GLN A 1 57  ? 9.504   3.498   11.735  0.60 40.34 ? 54  GLN A CB  1 
ATOM   442 C  CB  B GLN A 1 57  ? 9.505   3.479   11.741  0.40 39.37 ? 54  GLN A CB  1 
ATOM   443 C  CG  A GLN A 1 57  ? 9.925   2.050   12.022  0.60 41.65 ? 54  GLN A CG  1 
ATOM   444 C  CG  B GLN A 1 57  ? 10.543  4.082   10.785  0.40 38.52 ? 54  GLN A CG  1 
ATOM   445 C  CD  A GLN A 1 57  ? 10.001  1.175   10.781  0.60 41.32 ? 54  GLN A CD  1 
ATOM   446 C  CD  B GLN A 1 57  ? 11.971  3.859   11.252  0.40 38.40 ? 54  GLN A CD  1 
ATOM   447 O  OE1 A GLN A 1 57  ? 10.616  1.536   9.775   0.60 45.16 ? 54  GLN A OE1 1 
ATOM   448 O  OE1 B GLN A 1 57  ? 12.530  2.762   11.068  0.40 37.61 ? 54  GLN A OE1 1 
ATOM   449 N  NE2 A GLN A 1 57  ? 9.379   0.006   10.853  0.60 41.51 ? 54  GLN A NE2 1 
ATOM   450 N  NE2 B GLN A 1 57  ? 12.574  4.907   11.853  0.40 36.49 ? 54  GLN A NE2 1 
ATOM   451 N  N   . HIS A 1 58  ? 7.511   5.935   10.478  1.00 36.49 ? 55  HIS A N   1 
ATOM   452 C  CA  . HIS A 1 58  ? 7.067   7.308   10.579  1.00 35.54 ? 55  HIS A CA  1 
ATOM   453 C  C   . HIS A 1 58  ? 6.520   7.667   9.223   1.00 34.51 ? 55  HIS A C   1 
ATOM   454 O  O   . HIS A 1 58  ? 7.014   7.198   8.191   1.00 35.89 ? 55  HIS A O   1 
ATOM   455 C  CB  . HIS A 1 58  ? 8.183   8.304   11.040  1.00 34.19 ? 55  HIS A CB  1 
ATOM   456 C  CG  . HIS A 1 58  ? 7.675   9.389   11.945  1.00 37.26 ? 55  HIS A CG  1 
ATOM   457 N  ND1 . HIS A 1 58  ? 7.535   10.699  11.540  1.00 39.41 ? 55  HIS A ND1 1 
ATOM   458 C  CD2 . HIS A 1 58  ? 7.254   9.348   13.232  1.00 36.18 ? 55  HIS A CD2 1 
ATOM   459 C  CE1 . HIS A 1 58  ? 7.041   11.415  12.531  1.00 39.67 ? 55  HIS A CE1 1 
ATOM   460 N  NE2 . HIS A 1 58  ? 6.848   10.619  13.568  1.00 39.95 ? 55  HIS A NE2 1 
ATOM   461 N  N   . ALA A 1 59  ? 5.461   8.461   9.213   1.00 33.96 ? 56  ALA A N   1 
ATOM   462 C  CA  . ALA A 1 59  ? 4.845   8.847   7.955   1.00 32.53 ? 56  ALA A CA  1 
ATOM   463 C  C   . ALA A 1 59  ? 4.508   10.304  8.019   1.00 32.59 ? 56  ALA A C   1 
ATOM   464 O  O   . ALA A 1 59  ? 4.065   10.824  9.084   1.00 32.78 ? 56  ALA A O   1 
ATOM   465 C  CB  . ALA A 1 59  ? 3.566   8.023   7.662   1.00 33.32 ? 56  ALA A CB  1 
ATOM   466 N  N   . SER A 1 60  ? 4.771   10.961  6.905   1.00 31.23 ? 57  SER A N   1 
ATOM   467 C  CA  A SER A 1 60  ? 4.286   12.297  6.659   0.70 31.67 ? 57  SER A CA  1 
ATOM   468 C  CA  B SER A 1 60  ? 4.272   12.295  6.668   0.30 31.17 ? 57  SER A CA  1 
ATOM   469 C  C   . SER A 1 60  ? 3.264   12.177  5.536   1.00 31.43 ? 57  SER A C   1 
ATOM   470 O  O   . SER A 1 60  ? 3.608   11.784  4.403   1.00 31.38 ? 57  SER A O   1 
ATOM   471 C  CB  A SER A 1 60  ? 5.429   13.248  6.295   0.70 31.61 ? 57  SER A CB  1 
ATOM   472 C  CB  B SER A 1 60  ? 5.413   13.258  6.341   0.30 31.04 ? 57  SER A CB  1 
ATOM   473 O  OG  A SER A 1 60  ? 4.932   14.546  6.032   0.70 32.27 ? 57  SER A OG  1 
ATOM   474 O  OG  B SER A 1 60  ? 6.303   13.340  7.441   0.30 29.04 ? 57  SER A OG  1 
ATOM   475 N  N   . LEU A 1 61  ? 2.007   12.464  5.838   1.00 30.93 ? 58  LEU A N   1 
ATOM   476 C  CA  . LEU A 1 61  ? 0.923   12.173  4.878   1.00 31.46 ? 58  LEU A CA  1 
ATOM   477 C  C   . LEU A 1 61  ? -0.330  12.966  5.223   1.00 32.57 ? 58  LEU A C   1 
ATOM   478 O  O   . LEU A 1 61  ? -0.491  13.502  6.346   1.00 31.30 ? 58  LEU A O   1 
ATOM   479 C  CB  . LEU A 1 61  ? 0.576   10.659  4.891   1.00 31.96 ? 58  LEU A CB  1 
ATOM   480 C  CG  . LEU A 1 61  ? -0.311  10.061  6.043   1.00 31.99 ? 58  LEU A CG  1 
ATOM   481 C  CD1 . LEU A 1 61  ? -0.610  8.579   5.784   1.00 32.36 ? 58  LEU A CD1 1 
ATOM   482 C  CD2 . LEU A 1 61  ? 0.242   10.312  7.527   1.00 33.20 ? 58  LEU A CD2 1 
ATOM   483 N  N   . ASP A 1 62  ? -1.238  13.010  4.265   1.00 32.25 ? 59  ASP A N   1 
ATOM   484 C  CA  . ASP A 1 62  ? -2.586  13.501  4.512   1.00 32.64 ? 59  ASP A CA  1 
ATOM   485 C  C   . ASP A 1 62  ? -3.370  12.370  5.175   1.00 32.12 ? 59  ASP A C   1 
ATOM   486 O  O   . ASP A 1 62  ? -3.505  11.276  4.601   1.00 29.75 ? 59  ASP A O   1 
ATOM   487 C  CB  . ASP A 1 62  ? -3.213  13.928  3.182   1.00 34.01 ? 59  ASP A CB  1 
ATOM   488 C  CG  . ASP A 1 62  ? -4.639  14.377  3.313   1.00 35.45 ? 59  ASP A CG  1 
ATOM   489 O  OD1 . ASP A 1 62  ? -5.154  14.580  4.446   1.00 35.79 ? 59  ASP A OD1 1 
ATOM   490 O  OD2 . ASP A 1 62  ? -5.254  14.521  2.242   1.00 39.39 ? 59  ASP A OD2 1 
ATOM   491 N  N   . LEU A 1 63  ? -3.866  12.631  6.402   1.00 31.39 ? 60  LEU A N   1 
ATOM   492 C  CA  . LEU A 1 63  ? -4.625  11.615  7.134   1.00 31.87 ? 60  LEU A CA  1 
ATOM   493 C  C   . LEU A 1 63  ? -5.869  11.159  6.397   1.00 30.92 ? 60  LEU A C   1 
ATOM   494 O  O   . LEU A 1 63  ? -6.278  10.012  6.568   1.00 32.25 ? 60  LEU A O   1 
ATOM   495 C  CB  . LEU A 1 63  ? -5.054  12.149  8.512   1.00 30.91 ? 60  LEU A CB  1 
ATOM   496 C  CG  . LEU A 1 63  ? -3.889  12.478  9.457   1.00 31.16 ? 60  LEU A CG  1 
ATOM   497 C  CD1 . LEU A 1 63  ? -4.363  13.177  10.779  1.00 30.33 ? 60  LEU A CD1 1 
ATOM   498 C  CD2 . LEU A 1 63  ? -3.159  11.172  9.750   1.00 34.56 ? 60  LEU A CD2 1 
ATOM   499 N  N   . ALA A 1 64  ? -6.464  12.052  5.596   1.00 30.22 ? 61  ALA A N   1 
ATOM   500 C  CA  . ALA A 1 64  ? -7.604  11.705  4.720   1.00 30.25 ? 61  ALA A CA  1 
ATOM   501 C  C   . ALA A 1 64  ? -7.358  10.433  3.897   1.00 30.25 ? 61  ALA A C   1 
ATOM   502 O  O   . ALA A 1 64  ? -8.322  9.800   3.514   1.00 28.41 ? 61  ALA A O   1 
ATOM   503 C  CB  . ALA A 1 64  ? -8.013  12.859  3.802   1.00 30.54 ? 61  ALA A CB  1 
ATOM   504 N  N   . LEU A 1 65  ? -6.092  10.080  3.622   1.00 30.33 ? 62  LEU A N   1 
ATOM   505 C  CA  . LEU A 1 65  ? -5.778  8.831   2.863   1.00 31.87 ? 62  LEU A CA  1 
ATOM   506 C  C   . LEU A 1 65  ? -6.292  7.588   3.584   1.00 33.03 ? 62  LEU A C   1 
ATOM   507 O  O   . LEU A 1 65  ? -6.620  6.574   2.963   1.00 34.63 ? 62  LEU A O   1 
ATOM   508 C  CB  . LEU A 1 65  ? -4.269  8.660   2.699   1.00 29.63 ? 62  LEU A CB  1 
ATOM   509 C  CG  . LEU A 1 65  ? -3.524  9.606   1.773   1.00 30.35 ? 62  LEU A CG  1 
ATOM   510 C  CD1 . LEU A 1 65  ? -2.034  9.502   2.071   1.00 29.92 ? 62  LEU A CD1 1 
ATOM   511 C  CD2 . LEU A 1 65  ? -3.777  9.198   0.319   1.00 28.63 ? 62  LEU A CD2 1 
ATOM   512 N  N   . LEU A 1 66  ? -6.308  7.674   4.903   1.00 35.09 ? 63  LEU A N   1 
ATOM   513 C  CA  . LEU A 1 66  ? -6.718  6.561   5.761   1.00 36.61 ? 63  LEU A CA  1 
ATOM   514 C  C   . LEU A 1 66  ? -8.204  6.502   6.028   1.00 37.97 ? 63  LEU A C   1 
ATOM   515 O  O   . LEU A 1 66  ? -8.709  5.430   6.420   1.00 39.03 ? 63  LEU A O   1 
ATOM   516 C  CB  . LEU A 1 66  ? -5.974  6.612   7.085   1.00 36.59 ? 63  LEU A CB  1 
ATOM   517 C  CG  . LEU A 1 66  ? -4.450  6.539   6.968   1.00 37.17 ? 63  LEU A CG  1 
ATOM   518 C  CD1 . LEU A 1 66  ? -3.874  6.490   8.362   1.00 35.53 ? 63  LEU A CD1 1 
ATOM   519 C  CD2 . LEU A 1 66  ? -3.996  5.321   6.145   1.00 36.71 ? 63  LEU A CD2 1 
ATOM   520 N  N   . THR A 1 67  ? -8.892  7.632   5.882   1.00 39.00 ? 64  THR A N   1 
ATOM   521 C  CA  . THR A 1 67  ? -10.284 7.747   6.379   1.00 41.07 ? 64  THR A CA  1 
ATOM   522 C  C   . THR A 1 67  ? -11.268 7.929   5.223   1.00 41.76 ? 64  THR A C   1 
ATOM   523 O  O   . THR A 1 67  ? -12.212 7.149   5.063   1.00 42.81 ? 64  THR A O   1 
ATOM   524 C  CB  . THR A 1 67  ? -10.447 8.909   7.348   1.00 40.56 ? 64  THR A CB  1 
ATOM   525 O  OG1 . THR A 1 67  ? -10.088 10.134  6.689   1.00 40.62 ? 64  THR A OG1 1 
ATOM   526 C  CG2 . THR A 1 67  ? -9.555  8.716   8.584   1.00 41.40 ? 64  THR A CG2 1 
ATOM   527 N  N   . GLN A 1 68  ? -11.015 8.937   4.398   1.00 41.26 ? 65  GLN A N   1 
ATOM   528 C  CA  . GLN A 1 68  ? -11.990 9.324   3.421   1.00 41.96 ? 65  GLN A CA  1 
ATOM   529 C  C   . GLN A 1 68  ? -12.400 8.225   2.440   1.00 41.15 ? 65  GLN A C   1 
ATOM   530 O  O   . GLN A 1 68  ? -13.593 8.105   2.198   1.00 40.92 ? 65  GLN A O   1 
ATOM   531 C  CB  . GLN A 1 68  ? -11.645 10.663  2.759   1.00 42.70 ? 65  GLN A CB  1 
ATOM   532 C  CG  . GLN A 1 68  ? -11.849 11.825  3.763   1.00 45.01 ? 65  GLN A CG  1 
ATOM   533 C  CD  . GLN A 1 68  ? -13.125 11.654  4.642   1.00 48.63 ? 65  GLN A CD  1 
ATOM   534 O  OE1 . GLN A 1 68  ? -13.072 11.712  5.885   1.00 51.11 ? 65  GLN A OE1 1 
ATOM   535 N  NE2 . GLN A 1 68  ? -14.267 11.417  3.987   1.00 50.99 ? 65  GLN A NE2 1 
ATOM   536 N  N   . PRO A 1 69  ? -11.453 7.398   1.943   1.00 40.88 ? 66  PRO A N   1 
ATOM   537 C  CA  . PRO A 1 69  ? -11.907 6.311   1.048   1.00 42.02 ? 66  PRO A CA  1 
ATOM   538 C  C   . PRO A 1 69  ? -12.997 5.417   1.664   1.00 43.57 ? 66  PRO A C   1 
ATOM   539 O  O   . PRO A 1 69  ? -13.949 5.087   0.952   1.00 45.57 ? 66  PRO A O   1 
ATOM   540 C  CB  . PRO A 1 69  ? -10.619 5.522   0.757   1.00 42.07 ? 66  PRO A CB  1 
ATOM   541 C  CG  . PRO A 1 69  ? -9.524  6.544   0.935   1.00 39.63 ? 66  PRO A CG  1 
ATOM   542 C  CD  . PRO A 1 69  ? -9.982  7.358   2.120   1.00 40.53 ? 66  PRO A CD  1 
ATOM   543 N  N   . LEU A 1 70  ? -12.871 5.034   2.935   1.00 43.44 ? 67  LEU A N   1 
ATOM   544 C  CA  . LEU A 1 70  ? -13.881 4.182   3.613   1.00 45.11 ? 67  LEU A CA  1 
ATOM   545 C  C   . LEU A 1 70  ? -15.230 4.890   3.870   1.00 45.84 ? 67  LEU A C   1 
ATOM   546 O  O   . LEU A 1 70  ? -16.279 4.255   4.037   1.00 45.20 ? 67  LEU A O   1 
ATOM   547 C  CB  . LEU A 1 70  ? -13.335 3.674   4.950   1.00 45.55 ? 67  LEU A CB  1 
ATOM   548 C  CG  . LEU A 1 70  ? -12.180 2.662   4.907   1.00 45.00 ? 67  LEU A CG  1 
ATOM   549 C  CD1 . LEU A 1 70  ? -11.475 2.561   6.260   1.00 47.14 ? 67  LEU A CD1 1 
ATOM   550 C  CD2 . LEU A 1 70  ? -12.658 1.298   4.471   1.00 45.36 ? 67  LEU A CD2 1 
ATOM   551 N  N   . GLN A 1 71  ? -15.196 6.216   3.896   1.00 46.23 ? 68  GLN A N   1 
ATOM   552 C  CA  . GLN A 1 71  ? -16.361 6.971   4.256   1.00 46.57 ? 68  GLN A CA  1 
ATOM   553 C  C   . GLN A 1 71  ? -16.993 7.643   3.069   1.00 46.81 ? 68  GLN A C   1 
ATOM   554 O  O   . GLN A 1 71  ? -18.193 7.531   2.878   1.00 47.80 ? 68  GLN A O   1 
ATOM   555 C  CB  . GLN A 1 71  ? -15.997 7.970   5.331   1.00 46.74 ? 68  GLN A CB  1 
ATOM   556 C  CG  . GLN A 1 71  ? -15.365 7.274   6.513   1.00 47.75 ? 68  GLN A CG  1 
ATOM   557 C  CD  . GLN A 1 71  ? -15.176 8.182   7.670   1.00 49.24 ? 68  GLN A CD  1 
ATOM   558 O  OE1 . GLN A 1 71  ? -15.707 7.926   8.745   1.00 51.90 ? 68  GLN A OE1 1 
ATOM   559 N  NE2 . GLN A 1 71  ? -14.428 9.264   7.467   1.00 49.53 ? 68  GLN A NE2 1 
ATOM   560 N  N   . SER A 1 72  ? -16.212 8.351   2.270   1.00 46.57 ? 69  SER A N   1 
ATOM   561 C  CA  . SER A 1 72  ? -16.808 9.069   1.152   1.00 46.60 ? 69  SER A CA  1 
ATOM   562 C  C   . SER A 1 72  ? -16.911 8.200   -0.102  1.00 45.79 ? 69  SER A C   1 
ATOM   563 O  O   . SER A 1 72  ? -17.610 8.573   -1.046  1.00 45.86 ? 69  SER A O   1 
ATOM   564 C  CB  . SER A 1 72  ? -16.052 10.367  0.854   1.00 46.70 ? 69  SER A CB  1 
ATOM   565 O  OG  . SER A 1 72  ? -14.793 10.103  0.262   1.00 49.92 ? 69  SER A OG  1 
ATOM   566 N  N   . GLY A 1 73  ? -16.216 7.061   -0.124  1.00 44.80 ? 70  GLY A N   1 
ATOM   567 C  CA  . GLY A 1 73  ? -16.096 6.283   -1.365  1.00 43.93 ? 70  GLY A CA  1 
ATOM   568 C  C   . GLY A 1 73  ? -15.107 6.888   -2.360  1.00 43.23 ? 70  GLY A C   1 
ATOM   569 O  O   . GLY A 1 73  ? -14.918 6.382   -3.467  1.00 43.25 ? 70  GLY A O   1 
ATOM   570 N  N   . GLN A 1 74  ? -14.443 7.957   -1.957  1.00 42.28 ? 71  GLN A N   1 
ATOM   571 C  CA  . GLN A 1 74  ? -13.599 8.698   -2.882  1.00 41.64 ? 71  GLN A CA  1 
ATOM   572 C  C   . GLN A 1 74  ? -12.169 8.189   -2.853  1.00 39.61 ? 71  GLN A C   1 
ATOM   573 O  O   . GLN A 1 74  ? -11.659 7.872   -1.780  1.00 40.26 ? 71  GLN A O   1 
ATOM   574 C  CB  . GLN A 1 74  ? -13.613 10.199  -2.549  1.00 42.20 ? 71  GLN A CB  1 
ATOM   575 C  CG  . GLN A 1 74  ? -14.860 10.930  -3.017  1.00 44.75 ? 71  GLN A CG  1 
ATOM   576 C  CD  . GLN A 1 74  ? -14.874 11.142  -4.517  1.00 48.62 ? 71  GLN A CD  1 
ATOM   577 O  OE1 . GLN A 1 74  ? -15.841 10.784  -5.203  1.00 49.98 ? 71  GLN A OE1 1 
ATOM   578 N  NE2 . GLN A 1 74  ? -13.792 11.724  -5.044  1.00 50.17 ? 71  GLN A NE2 1 
ATOM   579 N  N   . SER A 1 75  ? -11.515 8.136   -4.023  1.00 37.30 ? 72  SER A N   1 
ATOM   580 C  CA  . SER A 1 75  ? -10.051 7.972   -4.019  1.00 34.84 ? 72  SER A CA  1 
ATOM   581 C  C   . SER A 1 75  ? -9.412  9.262   -3.510  1.00 33.18 ? 72  SER A C   1 
ATOM   582 O  O   . SER A 1 75  ? -9.882  10.358  -3.831  1.00 33.11 ? 72  SER A O   1 
ATOM   583 C  CB  . SER A 1 75  ? -9.510  7.727   -5.425  1.00 35.01 ? 72  SER A CB  1 
ATOM   584 O  OG  . SER A 1 75  ? -9.975  6.497   -5.906  1.00 36.95 ? 72  SER A OG  1 
ATOM   585 N  N   . ILE A 1 76  ? -8.355  9.132   -2.723  1.00 30.67 ? 73  ILE A N   1 
ATOM   586 C  CA  . ILE A 1 76  ? -7.600  10.287  -2.259  1.00 30.56 ? 73  ILE A CA  1 
ATOM   587 C  C   . ILE A 1 76  ? -6.173  10.129  -2.679  1.00 29.05 ? 73  ILE A C   1 
ATOM   588 O  O   . ILE A 1 76  ? -5.592  9.063   -2.485  1.00 28.78 ? 73  ILE A O   1 
ATOM   589 C  CB  . ILE A 1 76  ? -7.582  10.411  -0.707  1.00 30.81 ? 73  ILE A CB  1 
ATOM   590 C  CG1 . ILE A 1 76  ? -9.001  10.572  -0.135  1.00 33.72 ? 73  ILE A CG1 1 
ATOM   591 C  CG2 . ILE A 1 76  ? -6.622  11.604  -0.224  1.00 30.81 ? 73  ILE A CG2 1 
ATOM   592 C  CD1 . ILE A 1 76  ? -9.551  11.993  -0.210  1.00 38.25 ? 73  ILE A CD1 1 
ATOM   593 N  N   . THR A 1 77  ? -5.590  11.194  -3.253  1.00 28.64 ? 74  THR A N   1 
ATOM   594 C  CA  . THR A 1 77  ? -4.184  11.160  -3.664  1.00 28.73 ? 74  THR A CA  1 
ATOM   595 C  C   . THR A 1 77  ? -3.388  12.202  -2.871  1.00 29.80 ? 74  THR A C   1 
ATOM   596 O  O   . THR A 1 77  ? -3.843  13.343  -2.687  1.00 28.96 ? 74  THR A O   1 
ATOM   597 C  CB  . THR A 1 77  ? -4.041  11.454  -5.169  1.00 28.02 ? 74  THR A CB  1 
ATOM   598 O  OG1 . THR A 1 77  ? -4.714  10.439  -5.922  1.00 28.08 ? 74  THR A OG1 1 
ATOM   599 C  CG2 . THR A 1 77  ? -2.545  11.515  -5.621  1.00 29.38 ? 74  THR A CG2 1 
ATOM   600 N  N   . ASP A 1 78  ? -2.213  11.810  -2.399  1.00 29.58 ? 75  ASP A N   1 
ATOM   601 C  CA  . ASP A 1 78  ? -1.284  12.738  -1.771  1.00 30.75 ? 75  ASP A CA  1 
ATOM   602 C  C   . ASP A 1 78  ? 0.039   12.600  -2.553  1.00 31.23 ? 75  ASP A C   1 
ATOM   603 O  O   . ASP A 1 78  ? 0.643   11.493  -2.573  1.00 30.33 ? 75  ASP A O   1 
ATOM   604 C  CB  . ASP A 1 78  ? -1.090  12.382  -0.292  1.00 30.84 ? 75  ASP A CB  1 
ATOM   605 C  CG  . ASP A 1 78  ? -0.187  13.389  0.451   1.00 32.24 ? 75  ASP A CG  1 
ATOM   606 O  OD1 . ASP A 1 78  ? 0.426   14.242  -0.214  1.00 32.65 ? 75  ASP A OD1 1 
ATOM   607 O  OD2 . ASP A 1 78  ? -0.097  13.320  1.705   1.00 30.75 ? 75  ASP A OD2 1 
ATOM   608 N  N   . SER A 1 79  ? 0.469   13.678  -3.216  1.00 31.14 ? 76  SER A N   1 
ATOM   609 C  CA  A SER A 1 79  ? 1.659   13.617  -4.062  0.50 32.45 ? 76  SER A CA  1 
ATOM   610 C  CA  B SER A 1 79  ? 1.664   13.582  -4.052  0.50 32.36 ? 76  SER A CA  1 
ATOM   611 C  C   . SER A 1 79  ? 2.945   13.888  -3.291  1.00 33.18 ? 76  SER A C   1 
ATOM   612 O  O   . SER A 1 79  ? 4.034   13.941  -3.887  1.00 35.25 ? 76  SER A O   1 
ATOM   613 C  CB  A SER A 1 79  ? 1.543   14.612  -5.214  0.50 31.83 ? 76  SER A CB  1 
ATOM   614 C  CB  B SER A 1 79  ? 1.549   14.478  -5.284  0.50 31.70 ? 76  SER A CB  1 
ATOM   615 O  OG  A SER A 1 79  ? 1.532   15.943  -4.720  0.50 30.97 ? 76  SER A OG  1 
ATOM   616 O  OG  B SER A 1 79  ? 0.510   14.031  -6.134  0.50 30.39 ? 76  SER A OG  1 
ATOM   617 N  N   . ASP A 1 80  ? 2.832   14.107  -1.991  1.00 34.23 ? 77  ASP A N   1 
ATOM   618 C  CA  . ASP A 1 80  ? 4.010   14.396  -1.192  1.00 36.61 ? 77  ASP A CA  1 
ATOM   619 C  C   . ASP A 1 80  ? 4.099   13.628  0.115   1.00 36.12 ? 77  ASP A C   1 
ATOM   620 O  O   . ASP A 1 80  ? 4.126   14.217  1.199   1.00 36.76 ? 77  ASP A O   1 
ATOM   621 C  CB  . ASP A 1 80  ? 4.100   15.901  -0.898  1.00 37.64 ? 77  ASP A CB  1 
ATOM   622 C  CG  . ASP A 1 80  ? 5.480   16.307  -0.386  1.00 41.85 ? 77  ASP A CG  1 
ATOM   623 O  OD1 . ASP A 1 80  ? 6.489   15.636  -0.761  1.00 46.52 ? 77  ASP A OD1 1 
ATOM   624 O  OD2 . ASP A 1 80  ? 5.550   17.279  0.398   1.00 42.60 ? 77  ASP A OD2 1 
ATOM   625 N  N   . VAL A 1 81  ? 4.183   12.316  0.002   1.00 35.71 ? 78  VAL A N   1 
ATOM   626 C  CA  . VAL A 1 81  ? 4.189   11.454  1.159   1.00 34.89 ? 78  VAL A CA  1 
ATOM   627 C  C   . VAL A 1 81  ? 5.607   11.067  1.448   1.00 35.09 ? 78  VAL A C   1 
ATOM   628 O  O   . VAL A 1 81  ? 6.368   10.819  0.538   1.00 34.44 ? 78  VAL A O   1 
ATOM   629 C  CB  . VAL A 1 81  ? 3.354   10.177  0.867   1.00 34.88 ? 78  VAL A CB  1 
ATOM   630 C  CG1 . VAL A 1 81  ? 3.533   9.142   1.976   1.00 32.84 ? 78  VAL A CG1 1 
ATOM   631 C  CG2 . VAL A 1 81  ? 1.872   10.551  0.735   1.00 33.93 ? 78  VAL A CG2 1 
ATOM   632 N  N   . THR A 1 82  ? 5.950   11.024  2.731   1.00 36.61 ? 79  THR A N   1 
ATOM   633 C  CA  . THR A 1 82  ? 7.176   10.382  3.151   1.00 37.26 ? 79  THR A CA  1 
ATOM   634 C  C   . THR A 1 82  ? 6.798   9.213   4.037   1.00 37.02 ? 79  THR A C   1 
ATOM   635 O  O   . THR A 1 82  ? 6.073   9.372   5.006   1.00 38.09 ? 79  THR A O   1 
ATOM   636 C  CB  . THR A 1 82  ? 8.084   11.330  3.976   1.00 38.20 ? 79  THR A CB  1 
ATOM   637 O  OG1 . THR A 1 82  ? 8.347   12.514  3.217   1.00 35.84 ? 79  THR A OG1 1 
ATOM   638 C  CG2 . THR A 1 82  ? 9.397   10.611  4.320   1.00 38.46 ? 79  THR A CG2 1 
ATOM   639 N  N   . PHE A 1 83  ? 7.275   8.033   3.686   1.00 38.12 ? 80  PHE A N   1 
ATOM   640 C  CA  . PHE A 1 83  ? 7.203   6.877   4.583   1.00 39.06 ? 80  PHE A CA  1 
ATOM   641 C  C   . PHE A 1 83  ? 8.634   6.523   5.041   1.00 39.31 ? 80  PHE A C   1 
ATOM   642 O  O   . PHE A 1 83  ? 9.488   6.264   4.205   1.00 39.85 ? 80  PHE A O   1 
ATOM   643 C  CB  . PHE A 1 83  ? 6.630   5.687   3.798   1.00 37.74 ? 80  PHE A CB  1 
ATOM   644 C  CG  . PHE A 1 83  ? 5.119   5.715   3.620   1.00 37.98 ? 80  PHE A CG  1 
ATOM   645 C  CD1 . PHE A 1 83  ? 4.306   6.573   4.365   1.00 35.72 ? 80  PHE A CD1 1 
ATOM   646 C  CD2 . PHE A 1 83  ? 4.528   4.876   2.691   1.00 34.59 ? 80  PHE A CD2 1 
ATOM   647 C  CE1 . PHE A 1 83  ? 2.911   6.554   4.198   1.00 34.17 ? 80  PHE A CE1 1 
ATOM   648 C  CE2 . PHE A 1 83  ? 3.147   4.861   2.489   1.00 35.25 ? 80  PHE A CE2 1 
ATOM   649 C  CZ  . PHE A 1 83  ? 2.331   5.699   3.239   1.00 36.34 ? 80  PHE A CZ  1 
ATOM   650 N  N   . VAL A 1 84  ? 8.895   6.488   6.349   1.00 41.14 ? 81  VAL A N   1 
ATOM   651 C  CA  . VAL A 1 84  ? 10.226  6.128   6.831   1.00 41.12 ? 81  VAL A CA  1 
ATOM   652 C  C   . VAL A 1 84  ? 10.206  4.622   7.047   1.00 41.80 ? 81  VAL A C   1 
ATOM   653 O  O   . VAL A 1 84  ? 9.432   4.121   7.869   1.00 40.73 ? 81  VAL A O   1 
ATOM   654 C  CB  . VAL A 1 84  ? 10.609  6.879   8.133   1.00 41.32 ? 81  VAL A CB  1 
ATOM   655 C  CG1 . VAL A 1 84  ? 11.985  6.440   8.598   1.00 41.74 ? 81  VAL A CG1 1 
ATOM   656 C  CG2 . VAL A 1 84  ? 10.572  8.389   7.929   1.00 40.62 ? 81  VAL A CG2 1 
ATOM   657 N  N   . VAL A 1 85  ? 10.999  3.889   6.260   1.00 41.91 ? 82  VAL A N   1 
ATOM   658 C  CA  . VAL A 1 85  ? 10.961  2.428   6.297   1.00 43.29 ? 82  VAL A CA  1 
ATOM   659 C  C   . VAL A 1 85  ? 12.346  1.895   6.631   1.00 45.28 ? 82  VAL A C   1 
ATOM   660 O  O   . VAL A 1 85  ? 13.319  2.228   5.938   1.00 45.14 ? 82  VAL A O   1 
ATOM   661 C  CB  . VAL A 1 85  ? 10.486  1.810   4.962   1.00 43.64 ? 82  VAL A CB  1 
ATOM   662 C  CG1 . VAL A 1 85  ? 10.693  0.291   4.988   1.00 44.28 ? 82  VAL A CG1 1 
ATOM   663 C  CG2 . VAL A 1 85  ? 8.996   2.144   4.690   1.00 41.65 ? 82  VAL A CG2 1 
ATOM   664 N  N   . ASP A 1 86  ? 12.405  1.055   7.670   1.00 46.52 ? 83  ASP A N   1 
ATOM   665 C  CA  A ASP A 1 86  ? 13.662  0.529   8.219   0.50 47.49 ? 83  ASP A CA  1 
ATOM   666 C  CA  B ASP A 1 86  ? 13.666  0.517   8.187   0.50 47.54 ? 83  ASP A CA  1 
ATOM   667 C  C   . ASP A 1 86  ? 14.827  1.526   8.131   1.00 47.93 ? 83  ASP A C   1 
ATOM   668 O  O   . ASP A 1 86  ? 15.930  1.214   7.623   1.00 48.80 ? 83  ASP A O   1 
ATOM   669 C  CB  A ASP A 1 86  ? 14.015  -0.839  7.603   0.50 47.68 ? 83  ASP A CB  1 
ATOM   670 C  CB  B ASP A 1 86  ? 14.017  -0.887  7.591   0.50 47.85 ? 83  ASP A CB  1 
ATOM   671 C  CG  A ASP A 1 86  ? 13.652  -2.012  8.519   0.50 48.78 ? 83  ASP A CG  1 
ATOM   672 C  CG  B ASP A 1 86  ? 14.055  -0.931  6.044   0.50 48.97 ? 83  ASP A CG  1 
ATOM   673 O  OD1 A ASP A 1 86  ? 12.588  -1.962  9.181   0.50 48.67 ? 83  ASP A OD1 1 
ATOM   674 O  OD1 B ASP A 1 86  ? 14.865  -0.214  5.421   0.50 50.79 ? 83  ASP A OD1 1 
ATOM   675 O  OD2 A ASP A 1 86  ? 14.447  -2.983  8.581   0.50 49.83 ? 83  ASP A OD2 1 
ATOM   676 O  OD2 B ASP A 1 86  ? 13.305  -1.738  5.442   0.50 50.84 ? 83  ASP A OD2 1 
ATOM   677 N  N   . GLY A 1 87  ? 14.579  2.735   8.648   1.00 47.33 ? 84  GLY A N   1 
ATOM   678 C  CA  . GLY A 1 87  ? 15.579  3.799   8.645   1.00 46.87 ? 84  GLY A CA  1 
ATOM   679 C  C   . GLY A 1 87  ? 15.548  4.890   7.580   1.00 46.46 ? 84  GLY A C   1 
ATOM   680 O  O   . GLY A 1 87  ? 15.879  6.044   7.880   1.00 46.64 ? 84  GLY A O   1 
ATOM   681 N  N   . ARG A 1 88  ? 15.175  4.552   6.343   1.00 46.06 ? 85  ARG A N   1 
ATOM   682 C  CA  . ARG A 1 88  ? 15.191  5.554   5.248   1.00 45.55 ? 85  ARG A CA  1 
ATOM   683 C  C   . ARG A 1 88  ? 13.854  6.099   4.753   1.00 44.37 ? 85  ARG A C   1 
ATOM   684 O  O   . ARG A 1 88  ? 12.898  5.345   4.602   1.00 43.93 ? 85  ARG A O   1 
ATOM   685 C  CB  . ARG A 1 88  ? 16.085  5.160   4.055   1.00 46.09 ? 85  ARG A CB  1 
ATOM   686 C  CG  . ARG A 1 88  ? 16.449  3.690   3.900   1.00 47.19 ? 85  ARG A CG  1 
ATOM   687 C  CD  . ARG A 1 88  ? 17.798  3.575   3.190   1.00 46.71 ? 85  ARG A CD  1 
ATOM   688 N  NE  . ARG A 1 88  ? 18.792  4.524   3.711   1.00 47.36 ? 85  ARG A NE  1 
ATOM   689 C  CZ  . ARG A 1 88  ? 19.895  4.917   3.069   1.00 46.66 ? 85  ARG A CZ  1 
ATOM   690 N  NH1 . ARG A 1 88  ? 20.716  5.787   3.641   1.00 46.56 ? 85  ARG A NH1 1 
ATOM   691 N  NH2 . ARG A 1 88  ? 20.186  4.453   1.856   1.00 47.63 ? 85  ARG A NH2 1 
ATOM   692 N  N   . PRO A 1 89  ? 13.802  7.414   4.481   1.00 42.94 ? 86  PRO A N   1 
ATOM   693 C  CA  . PRO A 1 89  ? 12.591  8.019   3.937   1.00 41.51 ? 86  PRO A CA  1 
ATOM   694 C  C   . PRO A 1 89  ? 12.322  7.581   2.485   1.00 40.47 ? 86  PRO A C   1 
ATOM   695 O  O   . PRO A 1 89  ? 13.196  7.690   1.640   1.00 37.84 ? 86  PRO A O   1 
ATOM   696 C  CB  . PRO A 1 89  ? 12.923  9.516   3.979   1.00 42.14 ? 86  PRO A CB  1 
ATOM   697 C  CG  . PRO A 1 89  ? 14.435  9.569   3.816   1.00 42.66 ? 86  PRO A CG  1 
ATOM   698 C  CD  . PRO A 1 89  ? 14.882  8.410   4.670   1.00 43.53 ? 86  PRO A CD  1 
ATOM   699 N  N   . LEU A 1 90  ? 11.120  7.077   2.199   1.00 38.78 ? 87  LEU A N   1 
ATOM   700 C  CA  . LEU A 1 90  ? 10.750  6.819   0.797   1.00 38.14 ? 87  LEU A CA  1 
ATOM   701 C  C   . LEU A 1 90  ? 9.791   7.963   0.436   1.00 35.84 ? 87  LEU A C   1 
ATOM   702 O  O   . LEU A 1 90  ? 8.793   8.189   1.159   1.00 36.55 ? 87  LEU A O   1 
ATOM   703 C  CB  . LEU A 1 90  ? 10.029  5.456   0.666   1.00 39.99 ? 87  LEU A CB  1 
ATOM   704 C  CG  . LEU A 1 90  ? 10.703  4.156   1.129   1.00 41.02 ? 87  LEU A CG  1 
ATOM   705 C  CD1 . LEU A 1 90  ? 9.652   3.061   1.074   1.00 41.66 ? 87  LEU A CD1 1 
ATOM   706 C  CD2 . LEU A 1 90  ? 11.904  3.755   0.261   1.00 46.45 ? 87  LEU A CD2 1 
HETATM 707 N  N   . MSE A 1 91  ? 10.117  8.723   -0.600  1.00 29.78 ? 88  MSE A N   1 
HETATM 708 C  CA  . MSE A 1 91  ? 9.280   9.843   -1.043  1.00 27.14 ? 88  MSE A CA  1 
HETATM 709 C  C   . MSE A 1 91  ? 8.360   9.349   -2.153  1.00 25.16 ? 88  MSE A C   1 
HETATM 710 O  O   . MSE A 1 91  ? 8.846   8.901   -3.207  1.00 23.01 ? 88  MSE A O   1 
HETATM 711 C  CB  . MSE A 1 91  ? 10.124  11.009  -1.587  1.00 27.23 ? 88  MSE A CB  1 
HETATM 712 C  CG  . MSE A 1 91  ? 11.290  11.430  -0.730  1.00 33.19 ? 88  MSE A CG  1 
HETATM 713 SE SE  . MSE A 1 91  ? 10.562  12.098  0.915   0.65 40.34 ? 88  MSE A SE  1 
HETATM 714 C  CE  . MSE A 1 91  ? 9.057   13.169  0.176   1.00 41.40 ? 88  MSE A CE  1 
ATOM   715 N  N   . LEU A 1 92  ? 7.044   9.459   -1.932  1.00 22.62 ? 89  LEU A N   1 
ATOM   716 C  CA  . LEU A 1 92  ? 6.036   8.718   -2.711  1.00 21.56 ? 89  LEU A CA  1 
ATOM   717 C  C   . LEU A 1 92  ? 4.861   9.614   -3.054  1.00 21.04 ? 89  LEU A C   1 
ATOM   718 O  O   . LEU A 1 92  ? 4.543   10.547  -2.283  1.00 20.13 ? 89  LEU A O   1 
ATOM   719 C  CB  . LEU A 1 92  ? 5.480   7.543   -1.864  1.00 21.35 ? 89  LEU A CB  1 
ATOM   720 C  CG  . LEU A 1 92  ? 6.489   6.491   -1.370  1.00 22.47 ? 89  LEU A CG  1 
ATOM   721 C  CD1 . LEU A 1 92  ? 5.849   5.466   -0.472  1.00 22.81 ? 89  LEU A CD1 1 
ATOM   722 C  CD2 . LEU A 1 92  ? 7.166   5.782   -2.601  1.00 21.03 ? 89  LEU A CD2 1 
ATOM   723 N  N   . GLU A 1 93  ? 4.216   9.333   -4.176  1.00 19.33 ? 90  GLU A N   1 
ATOM   724 C  CA  . GLU A 1 93  ? 2.858   9.786   -4.400  1.00 20.72 ? 90  GLU A CA  1 
ATOM   725 C  C   . GLU A 1 93  ? 2.012   8.565   -4.002  1.00 20.09 ? 90  GLU A C   1 
ATOM   726 O  O   . GLU A 1 93  ? 2.339   7.427   -4.397  1.00 20.71 ? 90  GLU A O   1 
ATOM   727 C  CB  . GLU A 1 93  ? 2.573   10.160  -5.860  1.00 21.56 ? 90  GLU A CB  1 
ATOM   728 C  CG  . GLU A 1 93  ? 1.060   10.333  -6.128  1.00 22.69 ? 90  GLU A CG  1 
ATOM   729 C  CD  . GLU A 1 93  ? 0.714   11.048  -7.442  1.00 24.52 ? 90  GLU A CD  1 
ATOM   730 O  OE1 . GLU A 1 93  ? 1.083   12.230  -7.622  1.00 31.69 ? 90  GLU A OE1 1 
ATOM   731 O  OE2 . GLU A 1 93  ? 0.045   10.425  -8.290  1.00 30.32 ? 90  GLU A OE2 1 
ATOM   732 N  N   . VAL A 1 94  ? 0.959   8.780   -3.207  1.00 18.34 ? 91  VAL A N   1 
ATOM   733 C  CA  . VAL A 1 94  ? 0.118   7.672   -2.750  1.00 18.31 ? 91  VAL A CA  1 
ATOM   734 C  C   . VAL A 1 94  ? -1.341  7.966   -3.057  1.00 18.89 ? 91  VAL A C   1 
ATOM   735 O  O   . VAL A 1 94  ? -1.827  9.091   -2.810  1.00 20.03 ? 91  VAL A O   1 
ATOM   736 C  CB  . VAL A 1 94  ? 0.248   7.456   -1.161  1.00 17.65 ? 91  VAL A CB  1 
ATOM   737 C  CG1 . VAL A 1 94  ? -0.605  6.274   -0.696  1.00 16.96 ? 91  VAL A CG1 1 
ATOM   738 C  CG2 . VAL A 1 94  ? 1.738   7.236   -0.823  1.00 18.32 ? 91  VAL A CG2 1 
ATOM   739 N  N   . THR A 1 95  ? -2.033  6.966   -3.585  1.00 18.36 ? 92  THR A N   1 
ATOM   740 C  CA  . THR A 1 95  ? -3.477  7.018   -3.741  1.00 18.21 ? 92  THR A CA  1 
ATOM   741 C  C   . THR A 1 95  ? -4.103  5.908   -2.970  1.00 19.20 ? 92  THR A C   1 
ATOM   742 O  O   . THR A 1 95  ? -3.640  4.743   -3.009  1.00 20.48 ? 92  THR A O   1 
ATOM   743 C  CB  . THR A 1 95  ? -3.940  6.982   -5.276  1.00 19.39 ? 92  THR A CB  1 
ATOM   744 O  OG1 . THR A 1 95  ? -3.369  8.092   -5.972  1.00 20.19 ? 92  THR A OG1 1 
ATOM   745 C  CG2 . THR A 1 95  ? -5.478  7.028   -5.392  1.00 21.23 ? 92  THR A CG2 1 
ATOM   746 N  N   . VAL A 1 96  ? -5.187  6.237   -2.272  1.00 18.84 ? 93  VAL A N   1 
ATOM   747 C  CA  . VAL A 1 96  ? -5.940  5.211   -1.548  1.00 19.37 ? 93  VAL A CA  1 
ATOM   748 C  C   . VAL A 1 96  ? -7.352  5.240   -2.070  1.00 19.95 ? 93  VAL A C   1 
ATOM   749 O  O   . VAL A 1 96  ? -7.932  6.310   -2.247  1.00 20.74 ? 93  VAL A O   1 
ATOM   750 C  CB  . VAL A 1 96  ? -5.878  5.385   -0.006  1.00 19.11 ? 93  VAL A CB  1 
ATOM   751 C  CG1 . VAL A 1 96  ? -6.668  4.272   0.691   1.00 19.30 ? 93  VAL A CG1 1 
ATOM   752 C  CG2 . VAL A 1 96  ? -4.419  5.406   0.476   1.00 19.32 ? 93  VAL A CG2 1 
ATOM   753 N  N   . SER A 1 97  ? -7.861  4.060   -2.391  1.00 19.38 ? 94  SER A N   1 
ATOM   754 C  CA  . SER A 1 97  ? -9.220  3.900   -2.909  1.00 19.76 ? 94  SER A CA  1 
ATOM   755 C  C   . SER A 1 97  ? -9.954  2.820   -2.128  1.00 19.98 ? 94  SER A C   1 
ATOM   756 O  O   . SER A 1 97  ? -9.326  1.884   -1.645  1.00 20.33 ? 94  SER A O   1 
ATOM   757 C  CB  . SER A 1 97  ? -9.133  3.432   -4.404  1.00 18.16 ? 94  SER A CB  1 
ATOM   758 O  OG  . SER A 1 97  ? -8.509  4.448   -5.150  1.00 20.46 ? 94  SER A OG  1 
ATOM   759 N  N   . PRO A 1 98  ? -11.298 2.908   -2.047  1.00 22.16 ? 95  PRO A N   1 
ATOM   760 C  CA  . PRO A 1 98  ? -12.040 1.810   -1.435  1.00 22.49 ? 95  PRO A CA  1 
ATOM   761 C  C   . PRO A 1 98  ? -12.098 0.590   -2.364  1.00 23.41 ? 95  PRO A C   1 
ATOM   762 O  O   . PRO A 1 98  ? -12.059 0.696   -3.625  1.00 24.75 ? 95  PRO A O   1 
ATOM   763 C  CB  . PRO A 1 98  ? -13.446 2.410   -1.240  1.00 23.58 ? 95  PRO A CB  1 
ATOM   764 C  CG  . PRO A 1 98  ? -13.631 3.297   -2.468  1.00 23.82 ? 95  PRO A CG  1 
ATOM   765 C  CD  . PRO A 1 98  ? -12.210 3.948   -2.595  1.00 24.19 ? 95  PRO A CD  1 
ATOM   766 N  N   . ILE A 1 99  ? -12.112 -0.589  -1.770  1.00 24.12 ? 96  ILE A N   1 
ATOM   767 C  CA  . ILE A 1 99  ? -12.276 -1.830  -2.547  1.00 24.94 ? 96  ILE A CA  1 
ATOM   768 C  C   . ILE A 1 99  ? -13.037 -2.792  -1.656  1.00 27.80 ? 96  ILE A C   1 
ATOM   769 O  O   . ILE A 1 99  ? -12.643 -3.022  -0.488  1.00 26.62 ? 96  ILE A O   1 
ATOM   770 C  CB  . ILE A 1 99  ? -10.921 -2.439  -3.030  1.00 24.23 ? 96  ILE A CB  1 
ATOM   771 C  CG1 . ILE A 1 99  ? -11.127 -3.651  -3.971  1.00 25.22 ? 96  ILE A CG1 1 
ATOM   772 C  CG2 . ILE A 1 99  ? -9.968  -2.778  -1.875  1.00 22.59 ? 96  ILE A CG2 1 
ATOM   773 C  CD1 . ILE A 1 99  ? -9.782  -4.120  -4.616  1.00 23.69 ? 96  ILE A CD1 1 
ATOM   774 N  N   . THR A 1 100 ? -14.145 -3.309  -2.202  1.00 29.36 ? 97  THR A N   1 
ATOM   775 C  CA  A THR A 1 100 ? -15.003 -4.245  -1.458  0.50 31.49 ? 97  THR A CA  1 
ATOM   776 C  CA  B THR A 1 100 ? -15.015 -4.246  -1.475  0.50 31.06 ? 97  THR A CA  1 
ATOM   777 C  C   . THR A 1 100 ? -14.524 -5.617  -1.861  1.00 32.17 ? 97  THR A C   1 
ATOM   778 O  O   . THR A 1 100 ? -14.583 -5.998  -3.034  1.00 33.25 ? 97  THR A O   1 
ATOM   779 C  CB  A THR A 1 100 ? -16.523 -4.018  -1.700  0.50 31.02 ? 97  THR A CB  1 
ATOM   780 C  CB  B THR A 1 100 ? -16.497 -4.052  -1.828  0.50 30.44 ? 97  THR A CB  1 
ATOM   781 O  OG1 A THR A 1 100 ? -17.309 -4.924  -0.898  0.50 33.08 ? 97  THR A OG1 1 
ATOM   782 O  OG1 B THR A 1 100 ? -16.938 -2.791  -1.309  0.50 30.04 ? 97  THR A OG1 1 
ATOM   783 C  CG2 A THR A 1 100 ? -16.891 -4.174  -3.164  0.50 31.98 ? 97  THR A CG2 1 
ATOM   784 C  CG2 B THR A 1 100 ? -17.384 -5.170  -1.235  0.50 31.60 ? 97  THR A CG2 1 
ATOM   785 N  N   . TRP A 1 101 ? -13.947 -6.316  -0.903  1.00 33.40 ? 98  TRP A N   1 
ATOM   786 C  CA  . TRP A 1 101 ? -13.457 -7.621  -1.206  1.00 34.98 ? 98  TRP A CA  1 
ATOM   787 C  C   . TRP A 1 101 ? -14.153 -8.604  -0.292  1.00 35.44 ? 98  TRP A C   1 
ATOM   788 O  O   . TRP A 1 101 ? -14.003 -8.544  0.948   1.00 35.94 ? 98  TRP A O   1 
ATOM   789 C  CB  . TRP A 1 101 ? -11.940 -7.741  -1.120  1.00 34.90 ? 98  TRP A CB  1 
ATOM   790 C  CG  . TRP A 1 101 ? -11.496 -9.111  -1.499  1.00 35.38 ? 98  TRP A CG  1 
ATOM   791 C  CD1 . TRP A 1 101 ? -10.719 -9.962  -0.763  1.00 35.14 ? 98  TRP A CD1 1 
ATOM   792 C  CD2 . TRP A 1 101 ? -11.833 -9.814  -2.711  1.00 35.40 ? 98  TRP A CD2 1 
ATOM   793 N  NE1 . TRP A 1 101 ? -10.547 -11.147 -1.440  1.00 33.74 ? 98  TRP A NE1 1 
ATOM   794 C  CE2 . TRP A 1 101 ? -11.216 -11.084 -2.637  1.00 35.25 ? 98  TRP A CE2 1 
ATOM   795 C  CE3 . TRP A 1 101 ? -12.595 -9.490  -3.855  1.00 34.55 ? 98  TRP A CE3 1 
ATOM   796 C  CZ2 . TRP A 1 101 ? -11.344 -12.044 -3.660  1.00 36.01 ? 98  TRP A CZ2 1 
ATOM   797 C  CZ3 . TRP A 1 101 ? -12.709 -10.435 -4.872  1.00 34.81 ? 98  TRP A CZ3 1 
ATOM   798 C  CH2 . TRP A 1 101 ? -12.094 -11.701 -4.759  1.00 35.65 ? 98  TRP A CH2 1 
ATOM   799 N  N   . GLN A 1 102 ? -14.920 -9.486  -0.940  1.00 35.95 ? 99  GLN A N   1 
ATOM   800 C  CA  . GLN A 1 102 ? -15.622 -10.578 -0.291  1.00 35.90 ? 99  GLN A CA  1 
ATOM   801 C  C   . GLN A 1 102 ? -16.528 -9.941  0.761   1.00 35.83 ? 99  GLN A C   1 
ATOM   802 O  O   . GLN A 1 102 ? -16.402 -10.167 1.974   1.00 35.14 ? 99  GLN A O   1 
ATOM   803 C  CB  . GLN A 1 102 ? -14.626 -11.611 0.258   1.00 35.90 ? 99  GLN A CB  1 
ATOM   804 C  CG  . GLN A 1 102 ? -13.824 -12.393 -0.818  1.00 37.82 ? 99  GLN A CG  1 
ATOM   805 C  CD  . GLN A 1 102 ? -14.639 -12.749 -2.073  1.00 41.54 ? 99  GLN A CD  1 
ATOM   806 O  OE1 . GLN A 1 102 ? -14.962 -13.920 -2.313  1.00 44.12 ? 99  GLN A OE1 1 
ATOM   807 N  NE2 . GLN A 1 102 ? -14.973 -11.736 -2.875  1.00 44.01 ? 99  GLN A NE2 1 
ATOM   808 N  N   . ARG A 1 103 ? -17.395 -9.067  0.244   1.00 36.19 ? 100 ARG A N   1 
ATOM   809 C  CA  . ARG A 1 103 ? -18.279 -8.181  1.036   1.00 36.34 ? 100 ARG A CA  1 
ATOM   810 C  C   . ARG A 1 103 ? -17.628 -7.390  2.218   1.00 35.76 ? 100 ARG A C   1 
ATOM   811 O  O   . ARG A 1 103 ? -18.320 -6.985  3.155   1.00 36.22 ? 100 ARG A O   1 
ATOM   812 C  CB  . ARG A 1 103 ? -19.544 -8.939  1.456   1.00 36.65 ? 100 ARG A CB  1 
ATOM   813 C  CG  . ARG A 1 103 ? -20.392 -9.365  0.268   1.00 38.57 ? 100 ARG A CG  1 
ATOM   814 C  CD  . ARG A 1 103 ? -21.671 -10.026 0.748   1.00 43.07 ? 100 ARG A CD  1 
ATOM   815 N  NE  . ARG A 1 103 ? -22.569 -10.420 -0.345  1.00 45.95 ? 100 ARG A NE  1 
ATOM   816 C  CZ  . ARG A 1 103 ? -23.460 -11.411 -0.276  1.00 48.52 ? 100 ARG A CZ  1 
ATOM   817 N  NH1 . ARG A 1 103 ? -23.573 -12.141 0.829   1.00 50.25 ? 100 ARG A NH1 1 
ATOM   818 N  NH2 . ARG A 1 103 ? -24.250 -11.681 -1.316  1.00 49.01 ? 100 ARG A NH2 1 
ATOM   819 N  N   . GLN A 1 104 ? -16.315 -7.145  2.158   1.00 34.41 ? 101 GLN A N   1 
ATOM   820 C  CA  . GLN A 1 104 ? -15.620 -6.453  3.251   1.00 33.64 ? 101 GLN A CA  1 
ATOM   821 C  C   . GLN A 1 104 ? -14.973 -5.194  2.666   1.00 31.76 ? 101 GLN A C   1 
ATOM   822 O  O   . GLN A 1 104 ? -14.316 -5.285  1.641   1.00 31.63 ? 101 GLN A O   1 
ATOM   823 C  CB  . GLN A 1 104 ? -14.562 -7.371  3.842   1.00 34.20 ? 101 GLN A CB  1 
ATOM   824 C  CG  . GLN A 1 104 ? -14.571 -7.482  5.374   1.00 40.11 ? 101 GLN A CG  1 
ATOM   825 C  CD  . GLN A 1 104 ? -13.501 -6.607  6.020   1.00 44.50 ? 101 GLN A CD  1 
ATOM   826 O  OE1 . GLN A 1 104 ? -12.910 -6.969  7.049   1.00 46.90 ? 101 GLN A OE1 1 
ATOM   827 N  NE2 . GLN A 1 104 ? -13.232 -5.462  5.410   1.00 45.82 ? 101 GLN A NE2 1 
ATOM   828 N  N   . LEU A 1 105 ? -15.152 -4.032  3.291   1.00 30.36 ? 102 LEU A N   1 
ATOM   829 C  CA  . LEU A 1 105 ? -14.581 -2.803  2.702   1.00 29.80 ? 102 LEU A CA  1 
ATOM   830 C  C   . LEU A 1 105 ? -13.138 -2.638  3.150   1.00 27.95 ? 102 LEU A C   1 
ATOM   831 O  O   . LEU A 1 105 ? -12.851 -2.526  4.363   1.00 27.27 ? 102 LEU A O   1 
ATOM   832 C  CB  . LEU A 1 105 ? -15.385 -1.548  3.058   1.00 30.74 ? 102 LEU A CB  1 
ATOM   833 C  CG  . LEU A 1 105 ? -15.346 -0.392  2.032   1.00 34.56 ? 102 LEU A CG  1 
ATOM   834 C  CD1 . LEU A 1 105 ? -13.966 0.135   1.746   1.00 37.12 ? 102 LEU A CD1 1 
ATOM   835 C  CD2 . LEU A 1 105 ? -15.985 -0.799  0.694   1.00 37.92 ? 102 LEU A CD2 1 
HETATM 836 N  N   . MSE A 1 106 ? -12.234 -2.606  2.174   1.00 25.16 ? 103 MSE A N   1 
HETATM 837 C  CA  . MSE A 1 106 ? -10.811 -2.462  2.466   1.00 22.97 ? 103 MSE A CA  1 
HETATM 838 C  C   . MSE A 1 106 ? -10.221 -1.282  1.718   1.00 20.60 ? 103 MSE A C   1 
HETATM 839 O  O   . MSE A 1 106 ? -10.898 -0.603  0.961   1.00 18.84 ? 103 MSE A O   1 
HETATM 840 C  CB  . MSE A 1 106 ? -10.091 -3.762  2.109   1.00 22.46 ? 103 MSE A CB  1 
HETATM 841 C  CG  . MSE A 1 106 ? -10.491 -4.933  3.102   1.00 24.57 ? 103 MSE A CG  1 
HETATM 842 SE SE  . MSE A 1 106 ? -9.346  -6.433  2.867   0.65 27.35 ? 103 MSE A SE  1 
HETATM 843 C  CE  . MSE A 1 106 ? -10.440 -6.993  1.467   1.00 26.67 ? 103 MSE A CE  1 
ATOM   844 N  N   . LEU A 1 107 ? -8.938  -1.030  1.928   1.00 20.36 ? 104 LEU A N   1 
ATOM   845 C  CA  . LEU A 1 107 ? -8.273  0.088   1.270   1.00 19.16 ? 104 LEU A CA  1 
ATOM   846 C  C   . LEU A 1 107 ? -7.298  -0.448  0.242   1.00 18.94 ? 104 LEU A C   1 
ATOM   847 O  O   . LEU A 1 107 ? -6.397  -1.238  0.568   1.00 19.79 ? 104 LEU A O   1 
ATOM   848 C  CB  . LEU A 1 107 ? -7.469  0.896   2.283   1.00 20.33 ? 104 LEU A CB  1 
ATOM   849 C  CG  . LEU A 1 107 ? -8.232  1.544   3.462   1.00 23.28 ? 104 LEU A CG  1 
ATOM   850 C  CD1 . LEU A 1 107 ? -7.216  2.193   4.413   1.00 23.75 ? 104 LEU A CD1 1 
ATOM   851 C  CD2 . LEU A 1 107 ? -9.217  2.581   2.921   1.00 27.31 ? 104 LEU A CD2 1 
ATOM   852 N  N   . LEU A 1 108 ? -7.432  0.033   -0.975  1.00 17.20 ? 105 LEU A N   1 
ATOM   853 C  CA  . LEU A 1 108 ? -6.492  -0.263  -2.021  1.00 17.92 ? 105 LEU A CA  1 
ATOM   854 C  C   . LEU A 1 108 ? -5.460  0.884   -2.072  1.00 16.92 ? 105 LEU A C   1 
ATOM   855 O  O   . LEU A 1 108 ? -5.805  2.055   -2.393  1.00 18.34 ? 105 LEU A O   1 
ATOM   856 C  CB  . LEU A 1 108 ? -7.240  -0.352  -3.361  1.00 17.11 ? 105 LEU A CB  1 
ATOM   857 C  CG  . LEU A 1 108 ? -6.339  -0.434  -4.574  1.00 21.18 ? 105 LEU A CG  1 
ATOM   858 C  CD1 . LEU A 1 108 ? -5.293  -1.549  -4.420  1.00 26.01 ? 105 LEU A CD1 1 
ATOM   859 C  CD2 . LEU A 1 108 ? -7.236  -0.678  -5.804  1.00 24.01 ? 105 LEU A CD2 1 
ATOM   860 N  N   . VAL A 1 109 ? -4.195  0.570   -1.805  1.00 16.67 ? 106 VAL A N   1 
ATOM   861 C  CA  . VAL A 1 109 ? -3.144  1.612   -1.702  1.00 18.37 ? 106 VAL A CA  1 
ATOM   862 C  C   . VAL A 1 109 ? -2.211  1.470   -2.939  1.00 19.10 ? 106 VAL A C   1 
ATOM   863 O  O   . VAL A 1 109 ? -1.635  0.376   -3.143  1.00 19.72 ? 106 VAL A O   1 
ATOM   864 C  CB  . VAL A 1 109 ? -2.309  1.454   -0.406  1.00 17.84 ? 106 VAL A CB  1 
ATOM   865 C  CG1 . VAL A 1 109 ? -1.233  2.613   -0.271  1.00 20.22 ? 106 VAL A CG1 1 
ATOM   866 C  CG2 . VAL A 1 109 ? -3.227  1.380   0.872   1.00 18.86 ? 106 VAL A CG2 1 
ATOM   867 N  N   . GLU A 1 110 ? -2.109  2.515   -3.757  1.00 17.49 ? 107 GLU A N   1 
ATOM   868 C  CA  . GLU A 1 110 ? -1.192  2.525   -4.906  1.00 18.49 ? 107 GLU A CA  1 
ATOM   869 C  C   . GLU A 1 110 ? -0.095  3.526   -4.618  1.00 19.05 ? 107 GLU A C   1 
ATOM   870 O  O   . GLU A 1 110 ? -0.387  4.655   -4.181  1.00 20.43 ? 107 GLU A O   1 
ATOM   871 C  CB  . GLU A 1 110 ? -1.919  3.004   -6.179  1.00 18.46 ? 107 GLU A CB  1 
ATOM   872 C  CG  . GLU A 1 110 ? -2.903  1.976   -6.679  1.00 20.42 ? 107 GLU A CG  1 
ATOM   873 C  CD  . GLU A 1 110 ? -3.830  2.605   -7.697  1.00 22.36 ? 107 GLU A CD  1 
ATOM   874 O  OE1 . GLU A 1 110 ? -4.971  2.943   -7.282  1.00 20.17 ? 107 GLU A OE1 1 
ATOM   875 O  OE2 . GLU A 1 110 ? -3.395  2.793   -8.853  1.00 19.73 ? 107 GLU A OE2 1 
HETATM 876 N  N   . MSE A 1 111 ? 1.161   3.143   -4.865  1.00 19.33 ? 108 MSE A N   1 
HETATM 877 C  CA  . MSE A 1 111 ? 2.294   4.009   -4.531  1.00 19.61 ? 108 MSE A CA  1 
HETATM 878 C  C   . MSE A 1 111 ? 3.308   4.049   -5.652  1.00 20.17 ? 108 MSE A C   1 
HETATM 879 O  O   . MSE A 1 111 ? 3.579   2.997   -6.271  1.00 19.10 ? 108 MSE A O   1 
HETATM 880 C  CB  . MSE A 1 111 ? 3.035   3.542   -3.267  1.00 19.56 ? 108 MSE A CB  1 
HETATM 881 C  CG  . MSE A 1 111 ? 2.115   3.545   -1.992  1.00 22.36 ? 108 MSE A CG  1 
HETATM 882 SE SE  . MSE A 1 111 ? 2.844   2.370   -0.657  0.65 20.94 ? 108 MSE A SE  1 
HETATM 883 C  CE  . MSE A 1 111 ? 2.081   0.722   -1.425  1.00 22.55 ? 108 MSE A CE  1 
ATOM   884 N  N   . ARG A 1 112 ? 3.916   5.220   -5.869  1.00 21.80 ? 109 ARG A N   1 
ATOM   885 C  CA  . ARG A 1 112 ? 5.009   5.354   -6.848  1.00 24.07 ? 109 ARG A CA  1 
ATOM   886 C  C   . ARG A 1 112 ? 6.005   6.320   -6.253  1.00 24.98 ? 109 ARG A C   1 
ATOM   887 O  O   . ARG A 1 112 ? 5.609   7.316   -5.623  1.00 23.01 ? 109 ARG A O   1 
ATOM   888 C  CB  . ARG A 1 112 ? 4.528   5.993   -8.172  1.00 24.98 ? 109 ARG A CB  1 
ATOM   889 C  CG  . ARG A 1 112 ? 3.710   5.079   -9.045  1.00 32.20 ? 109 ARG A CG  1 
ATOM   890 C  CD  . ARG A 1 112 ? 4.587   4.083   -9.837  1.00 36.32 ? 109 ARG A CD  1 
ATOM   891 N  NE  . ARG A 1 112 ? 5.343   4.747   -10.925 1.00 38.82 ? 109 ARG A NE  1 
ATOM   892 C  CZ  . ARG A 1 112 ? 6.663   4.721   -11.047 0.50 38.09 ? 109 ARG A CZ  1 
ATOM   893 N  NH1 . ARG A 1 112 ? 7.245   5.351   -12.043 1.00 40.71 ? 109 ARG A NH1 1 
ATOM   894 N  NH2 . ARG A 1 112 ? 7.404   4.070   -10.177 1.00 40.76 ? 109 ARG A NH2 1 
ATOM   895 N  N   . LYS A 1 113 ? 7.280   6.004   -6.412  1.00 26.40 ? 110 LYS A N   1 
ATOM   896 C  CA  . LYS A 1 113 ? 8.368   6.926   -6.036  1.00 29.08 ? 110 LYS A CA  1 
ATOM   897 C  C   . LYS A 1 113 ? 8.299   8.202   -6.871  1.00 30.17 ? 110 LYS A C   1 
ATOM   898 O  O   . LYS A 1 113 ? 8.048   8.138   -8.069  1.00 28.31 ? 110 LYS A O   1 
ATOM   899 C  CB  . LYS A 1 113 ? 9.710   6.232   -6.203  1.00 29.49 ? 110 LYS A CB  1 
ATOM   900 C  CG  . LYS A 1 113 ? 9.980   5.205   -5.118  1.00 32.70 ? 110 LYS A CG  1 
ATOM   901 C  CD  . LYS A 1 113 ? 11.325  4.538   -5.363  1.00 36.45 ? 110 LYS A CD  1 
ATOM   902 C  CE  . LYS A 1 113 ? 11.843  3.936   -4.078  1.00 37.47 ? 110 LYS A CE  1 
ATOM   903 N  NZ  . LYS A 1 113 ? 13.304  3.604   -4.195  1.00 42.31 ? 110 LYS A NZ  1 
ATOM   904 N  N   . ILE A 1 114 ? 8.493   9.360   -6.222  1.00 33.11 ? 111 ILE A N   1 
ATOM   905 C  CA  . ILE A 1 114 ? 8.449   10.655  -6.918  1.00 37.34 ? 111 ILE A CA  1 
ATOM   906 C  C   . ILE A 1 114 ? 9.805   11.349  -6.928  1.00 39.20 ? 111 ILE A C   1 
ATOM   907 O  O   . ILE A 1 114 ? 10.398  11.403  -7.996  1.00 42.24 ? 111 ILE A O   1 
ATOM   908 C  CB  . ILE A 1 114 ? 7.378   11.626  -6.376  1.00 38.26 ? 111 ILE A CB  1 
ATOM   909 C  CG1 . ILE A 1 114 ? 7.252   11.493  -4.858  1.00 37.81 ? 111 ILE A CG1 1 
ATOM   910 C  CG2 . ILE A 1 114 ? 6.041   11.347  -7.116  1.00 39.89 ? 111 ILE A CG2 1 
ATOM   911 C  CD1 . ILE A 1 114 ? 7.018   12.780  -4.117  1.00 41.92 ? 111 ILE A CD1 1 
HETATM 912 O  O   . HOH B 2 .   ? 4.652   -5.725  -9.433  1.00 26.07 ? 113 HOH A O   1 
HETATM 913 O  O   . HOH B 2 .   ? -5.926  3.467   -4.983  1.00 24.43 ? 114 HOH A O   1 
HETATM 914 O  O   . HOH B 2 .   ? 0.763   4.346   -10.682 0.50 18.02 ? 115 HOH A O   1 
HETATM 915 O  O   . HOH B 2 .   ? -7.417  13.667  -3.843  1.00 36.28 ? 116 HOH A O   1 
HETATM 916 O  O   . HOH B 2 .   ? 8.871   -0.943  -6.167  1.00 29.58 ? 117 HOH A O   1 
HETATM 917 O  O   . HOH B 2 .   ? -0.830  -0.053  11.924  1.00 42.83 ? 118 HOH A O   1 
HETATM 918 O  O   . HOH B 2 .   ? -1.250  16.153  -2.960  1.00 45.09 ? 119 HOH A O   1 
HETATM 919 O  O   . HOH B 2 .   ? 4.020   -12.984 -14.593 1.00 51.86 ? 120 HOH A O   1 
HETATM 920 O  O   . HOH B 2 .   ? 4.612   4.549   11.806  1.00 42.84 ? 121 HOH A O   1 
HETATM 921 O  O   . HOH B 2 .   ? 8.184   3.388   -7.661  1.00 35.92 ? 122 HOH A O   1 
HETATM 922 O  O   . HOH B 2 .   ? 9.816   -8.336  -5.981  1.00 57.54 ? 123 HOH A O   1 
HETATM 923 O  O   . HOH B 2 .   ? -15.302 -2.254  -4.983  1.00 41.90 ? 124 HOH A O   1 
HETATM 924 O  O   . HOH B 2 .   ? -11.464 -3.983  6.507   1.00 36.86 ? 125 HOH A O   1 
HETATM 925 O  O   . HOH B 2 .   ? 6.691   1.453   -6.873  1.00 38.88 ? 126 HOH A O   1 
HETATM 926 O  O   . HOH B 2 .   ? 5.623   2.344   14.232  1.00 46.45 ? 127 HOH A O   1 
HETATM 927 O  O   . HOH B 2 .   ? 0.121   -10.836 -1.354  1.00 36.64 ? 128 HOH A O   1 
HETATM 928 O  O   A HOH B 2 .   ? 12.599  3.405   10.274  0.60 42.51 ? 129 HOH A O   1 
HETATM 929 O  O   B HOH B 2 .   ? 10.128  0.441   8.947   0.40 49.57 ? 129 HOH A O   1 
HETATM 930 O  O   . HOH B 2 .   ? -2.401  -11.889 -0.220  1.00 45.83 ? 130 HOH A O   1 
HETATM 931 O  O   . HOH B 2 .   ? -7.501  10.344  -6.291  1.00 43.81 ? 131 HOH A O   1 
HETATM 932 O  O   . HOH B 2 .   ? 8.373   -1.002  -8.980  1.00 29.66 ? 132 HOH A O   1 
HETATM 933 O  O   . HOH B 2 .   ? 12.760  -0.404  1.407   1.00 54.06 ? 133 HOH A O   1 
HETATM 934 O  O   . HOH B 2 .   ? 12.485  7.280   -2.440  1.00 44.80 ? 134 HOH A O   1 
HETATM 935 O  O   . HOH B 2 .   ? 8.320   4.795   15.390  1.00 58.89 ? 135 HOH A O   1 
HETATM 936 O  O   . HOH B 2 .   ? 0.523   16.695  0.323   1.00 50.44 ? 136 HOH A O   1 
HETATM 937 O  O   . HOH B 2 .   ? 8.592   -3.827  -10.146 1.00 50.08 ? 137 HOH A O   1 
HETATM 938 O  O   . HOH B 2 .   ? 11.508  0.071   -5.433  1.00 37.93 ? 138 HOH A O   1 
HETATM 939 O  O   . HOH B 2 .   ? -3.921  14.726  -0.135  1.00 41.96 ? 139 HOH A O   1 
HETATM 940 O  O   . HOH B 2 .   ? 3.653   -10.642 -4.490  1.00 45.81 ? 140 HOH A O   1 
HETATM 941 O  O   . HOH B 2 .   ? -6.386  -4.904  11.593  1.00 54.57 ? 141 HOH A O   1 
HETATM 942 O  O   . HOH B 2 .   ? -16.249 -3.952  6.028   1.00 57.42 ? 142 HOH A O   1 
HETATM 943 O  O   . HOH B 2 .   ? -7.292  -14.100 -17.627 1.00 46.71 ? 143 HOH A O   1 
HETATM 944 O  O   . HOH B 2 .   ? -14.337 -1.107  6.516   1.00 55.91 ? 144 HOH A O   1 
HETATM 945 O  O   . HOH B 2 .   ? 3.504   -1.201  15.282  1.00 42.74 ? 145 HOH A O   1 
HETATM 946 O  O   . HOH B 2 .   ? 2.044   -13.802 6.416   1.00 57.21 ? 146 HOH A O   1 
HETATM 947 O  O   . HOH B 2 .   ? -15.388 3.553   -5.531  1.00 56.57 ? 147 HOH A O   1 
HETATM 948 O  O   . HOH B 2 .   ? -3.964  -12.853 -5.327  1.00 53.70 ? 148 HOH A O   1 
HETATM 949 O  O   . HOH B 2 .   ? -5.550  -10.482 -23.322 1.00 45.58 ? 149 HOH A O   1 
HETATM 950 O  O   . HOH B 2 .   ? 7.784   11.634  8.775   1.00 56.26 ? 150 HOH A O   1 
HETATM 951 O  O   . HOH B 2 .   ? 2.462   -15.519 4.570   1.00 56.77 ? 151 HOH A O   1 
HETATM 952 O  O   . HOH B 2 .   ? -2.596  -2.545  12.060  1.00 54.47 ? 152 HOH A O   1 
HETATM 953 O  O   . HOH B 2 .   ? -12.775 2.013   -5.690  1.00 50.03 ? 153 HOH A O   1 
HETATM 954 O  O   . HOH B 2 .   ? 6.132   14.319  2.976   1.00 48.87 ? 154 HOH A O   1 
HETATM 955 O  O   . HOH B 2 .   ? -4.166  -13.184 -1.955  1.00 50.02 ? 155 HOH A O   1 
HETATM 956 O  O   . HOH B 2 .   ? -16.488 2.383   6.429   1.00 56.35 ? 156 HOH A O   1 
HETATM 957 O  O   . HOH B 2 .   ? 14.194  -3.160  -2.866  1.00 55.17 ? 157 HOH A O   1 
HETATM 958 O  O   . HOH B 2 .   ? -11.035 7.093   -8.374  1.00 48.96 ? 158 HOH A O   1 
HETATM 959 O  O   . HOH B 2 .   ? -0.162  -10.789 -7.357  1.00 44.73 ? 159 HOH A O   1 
HETATM 960 O  O   . HOH B 2 .   ? -2.222  -12.433 -7.750  1.00 50.77 ? 160 HOH A O   1 
HETATM 961 O  O   A HOH B 2 .   ? 12.236  -10.309 3.636   0.70 43.83 ? 161 HOH A O   1 
HETATM 962 O  O   . HOH B 2 .   ? -0.202  -15.157 -13.896 1.00 57.14 ? 162 HOH A O   1 
HETATM 963 O  O   . HOH B 2 .   ? -12.867 8.883   -6.594  1.00 53.34 ? 163 HOH A O   1 
HETATM 964 O  O   . HOH B 2 .   ? 2.124   9.000   -9.837  0.50 35.19 ? 164 HOH A O   1 
HETATM 965 O  O   . HOH B 2 .   ? 7.390   -6.556  -10.599 1.00 47.27 ? 165 HOH A O   1 
HETATM 966 O  O   . HOH B 2 .   ? -16.006 -0.161  -2.677  1.00 58.22 ? 166 HOH A O   1 
HETATM 967 O  O   . HOH B 2 .   ? -3.562  -16.602 -11.416 1.00 62.05 ? 167 HOH A O   1 
HETATM 968 O  O   . HOH B 2 .   ? 11.524  8.768   11.657  1.00 54.68 ? 168 HOH A O   1 
HETATM 969 O  O   . HOH B 2 .   ? 7.248   -10.566 -10.879 1.00 50.53 ? 169 HOH A O   1 
HETATM 970 O  O   . HOH B 2 .   ? -15.836 10.175  10.212  1.00 58.37 ? 170 HOH A O   1 
HETATM 971 O  O   . HOH B 2 .   ? 8.536   -7.374  -13.201 1.00 57.82 ? 171 HOH A O   1 
HETATM 972 O  O   . HOH B 2 .   ? 10.323  -2.385  8.187   1.00 60.73 ? 172 HOH A O   1 
HETATM 973 O  O   . HOH B 2 .   ? 8.262   -4.826  -14.327 1.00 59.24 ? 173 HOH A O   1 
HETATM 974 O  O   . HOH B 2 .   ? -0.986  7.715   -7.168  1.00 35.93 ? 174 HOH A O   1 
HETATM 975 O  O   . HOH B 2 .   ? 0.299   5.939   -7.973  1.00 43.98 ? 175 HOH A O   1 
HETATM 976 O  O   . HOH B 2 .   ? 2.804   -13.713 -13.320 1.00 36.94 ? 176 HOH A O   1 
HETATM 977 O  O   . HOH B 2 .   ? 8.570   -4.947  9.218   1.00 54.57 ? 177 HOH A O   1 
HETATM 978 O  O   . HOH B 2 .   ? 7.808   0.432   12.803  1.00 53.60 ? 178 HOH A O   1 
HETATM 979 O  O   . HOH B 2 .   ? 12.085  -7.791  -1.804  1.00 56.92 ? 179 HOH A O   1 
HETATM 980 O  O   . HOH B 2 .   ? -16.975 12.517  9.865   1.00 60.54 ? 180 HOH A O   1 
HETATM 981 O  O   . HOH B 2 .   ? 7.532   1.375   15.412  1.00 62.61 ? 181 HOH A O   1 
# 
